data_1TKN
#
_entry.id   1TKN
#
_entity_poly.entity_id   1
_entity_poly.type   'polypeptide(L)'
_entity_poly.pdbx_seq_one_letter_code
;RVEAMLNDRRRLALENYITALQAVPPRPRHVFNMLKKYVRAEQKDRQHTLKHFEHVRMVDPKKAAQIRSQVMTHLRVIYE
RMNQSLSLLYNVPAVAEEIQDEVDELLQKE
;
_entity_poly.pdbx_strand_id   A
#
# COMPACT_ATOMS: atom_id res chain seq x y z
N ARG A 1 6.81 -13.91 -10.28
CA ARG A 1 6.28 -12.56 -10.63
C ARG A 1 5.04 -12.23 -9.81
N VAL A 2 4.92 -12.85 -8.64
CA VAL A 2 3.78 -12.62 -7.76
C VAL A 2 3.87 -11.24 -7.11
N GLU A 3 5.05 -10.91 -6.59
CA GLU A 3 5.26 -9.63 -5.93
C GLU A 3 4.79 -8.49 -6.83
N ALA A 4 5.13 -8.58 -8.12
CA ALA A 4 4.74 -7.57 -9.09
C ALA A 4 3.23 -7.57 -9.27
N MET A 5 2.62 -8.75 -9.15
CA MET A 5 1.18 -8.88 -9.30
C MET A 5 0.44 -8.17 -8.17
N LEU A 6 0.97 -8.30 -6.95
CA LEU A 6 0.36 -7.66 -5.79
C LEU A 6 0.48 -6.14 -5.90
N ASN A 7 1.56 -5.67 -6.49
CA ASN A 7 1.79 -4.24 -6.66
C ASN A 7 0.76 -3.63 -7.59
N ASP A 8 0.38 -4.39 -8.61
CA ASP A 8 -0.62 -3.93 -9.58
C ASP A 8 -1.95 -3.65 -8.90
N ARG A 9 -2.45 -4.64 -8.16
CA ARG A 9 -3.72 -4.50 -7.46
C ARG A 9 -3.69 -3.28 -6.54
N ARG A 10 -2.53 -3.00 -5.97
CA ARG A 10 -2.37 -1.86 -5.09
C ARG A 10 -2.19 -0.57 -5.89
N ARG A 11 -1.45 -0.67 -6.99
CA ARG A 11 -1.21 0.47 -7.84
C ARG A 11 -2.53 1.00 -8.39
N LEU A 12 -3.20 0.16 -9.15
CA LEU A 12 -4.48 0.52 -9.75
C LEU A 12 -5.45 1.02 -8.67
N ALA A 13 -5.40 0.40 -7.50
CA ALA A 13 -6.27 0.81 -6.40
C ALA A 13 -5.97 2.23 -5.97
N LEU A 14 -4.68 2.56 -5.97
CA LEU A 14 -4.24 3.90 -5.60
C LEU A 14 -4.59 4.88 -6.71
N GLU A 15 -4.22 4.53 -7.93
CA GLU A 15 -4.52 5.36 -9.09
C GLU A 15 -6.03 5.51 -9.27
N ASN A 16 -6.77 4.51 -8.81
CA ASN A 16 -8.23 4.53 -8.92
C ASN A 16 -8.84 5.58 -8.01
N TYR A 17 -8.43 5.58 -6.75
CA TYR A 17 -8.96 6.55 -5.79
C TYR A 17 -8.52 7.96 -6.18
N ILE A 18 -7.31 8.07 -6.72
CA ILE A 18 -6.77 9.35 -7.14
C ILE A 18 -7.66 9.97 -8.22
N THR A 19 -8.25 9.12 -9.05
CA THR A 19 -9.13 9.59 -10.11
C THR A 19 -10.30 10.37 -9.51
N ALA A 20 -10.90 9.79 -8.47
CA ALA A 20 -12.01 10.45 -7.79
C ALA A 20 -11.56 11.75 -7.14
N LEU A 21 -10.29 11.77 -6.74
CA LEU A 21 -9.72 12.97 -6.12
C LEU A 21 -9.78 14.16 -7.08
N GLN A 22 -9.46 13.89 -8.34
CA GLN A 22 -9.47 14.94 -9.36
C GLN A 22 -10.87 15.13 -9.94
N ALA A 23 -11.77 14.19 -9.66
CA ALA A 23 -13.15 14.25 -10.14
C ALA A 23 -13.69 15.68 -10.19
N VAL A 24 -13.59 16.38 -9.06
CA VAL A 24 -14.05 17.76 -8.97
C VAL A 24 -15.49 17.90 -9.47
N PRO A 25 -16.48 17.84 -8.55
CA PRO A 25 -16.25 17.67 -7.11
C PRO A 25 -15.87 16.22 -6.77
N PRO A 26 -14.83 16.04 -5.94
CA PRO A 26 -14.39 14.70 -5.54
C PRO A 26 -15.25 14.10 -4.44
N ARG A 27 -15.36 12.78 -4.42
CA ARG A 27 -16.16 12.09 -3.42
C ARG A 27 -15.28 11.54 -2.30
N PRO A 28 -15.00 12.37 -1.27
CA PRO A 28 -14.17 11.97 -0.14
C PRO A 28 -14.65 10.67 0.48
N ARG A 29 -15.92 10.33 0.27
CA ARG A 29 -16.49 9.12 0.82
C ARG A 29 -16.27 7.93 -0.12
N HIS A 30 -16.14 8.20 -1.41
CA HIS A 30 -15.89 7.14 -2.37
C HIS A 30 -14.40 6.91 -2.47
N VAL A 31 -13.65 7.99 -2.37
CA VAL A 31 -12.20 7.94 -2.43
C VAL A 31 -11.64 7.17 -1.23
N PHE A 32 -12.28 7.33 -0.07
CA PHE A 32 -11.84 6.64 1.13
C PHE A 32 -12.04 5.13 0.98
N ASN A 33 -12.99 4.75 0.13
CA ASN A 33 -13.29 3.34 -0.10
C ASN A 33 -12.11 2.66 -0.80
N MET A 34 -11.74 3.16 -1.98
CA MET A 34 -10.63 2.59 -2.72
C MET A 34 -9.39 2.47 -1.83
N LEU A 35 -9.27 3.40 -0.88
CA LEU A 35 -8.14 3.40 0.03
C LEU A 35 -8.09 2.12 0.85
N LYS A 36 -9.21 1.77 1.47
CA LYS A 36 -9.26 0.56 2.29
C LYS A 36 -8.94 -0.67 1.45
N LYS A 37 -9.24 -0.59 0.15
CA LYS A 37 -8.94 -1.70 -0.76
C LYS A 37 -7.47 -1.71 -1.11
N TYR A 38 -6.94 -0.54 -1.45
CA TYR A 38 -5.54 -0.39 -1.78
C TYR A 38 -4.68 -0.77 -0.59
N VAL A 39 -5.16 -0.42 0.60
CA VAL A 39 -4.46 -0.71 1.84
C VAL A 39 -4.36 -2.22 2.05
N ARG A 40 -5.50 -2.90 1.95
CA ARG A 40 -5.54 -4.36 2.12
C ARG A 40 -4.57 -5.04 1.16
N ALA A 41 -4.29 -4.37 0.04
CA ALA A 41 -3.38 -4.90 -0.96
C ALA A 41 -1.94 -4.82 -0.49
N GLU A 42 -1.55 -3.65 0.03
CA GLU A 42 -0.19 -3.45 0.53
C GLU A 42 0.11 -4.42 1.66
N GLN A 43 -0.95 -4.80 2.39
CA GLN A 43 -0.80 -5.73 3.50
C GLN A 43 -0.34 -7.10 3.01
N LYS A 44 -1.02 -7.60 1.98
CA LYS A 44 -0.69 -8.89 1.41
C LYS A 44 0.75 -8.90 0.90
N ASP A 45 1.20 -7.75 0.40
CA ASP A 45 2.55 -7.61 -0.11
C ASP A 45 3.57 -7.81 1.01
N ARG A 46 3.33 -7.15 2.14
CA ARG A 46 4.22 -7.25 3.29
C ARG A 46 4.36 -8.71 3.72
N GLN A 47 3.23 -9.38 3.89
CA GLN A 47 3.22 -10.78 4.29
C GLN A 47 3.90 -11.64 3.24
N HIS A 48 3.82 -11.21 1.99
CA HIS A 48 4.44 -11.94 0.88
C HIS A 48 5.95 -11.88 0.99
N THR A 49 6.46 -10.76 1.50
CA THR A 49 7.90 -10.58 1.66
C THR A 49 8.45 -11.59 2.65
N LEU A 50 7.74 -11.77 3.77
CA LEU A 50 8.16 -12.71 4.80
C LEU A 50 8.36 -14.10 4.20
N LYS A 51 7.40 -14.53 3.37
CA LYS A 51 7.48 -15.83 2.73
C LYS A 51 8.73 -15.93 1.85
N HIS A 52 9.07 -14.83 1.20
CA HIS A 52 10.25 -14.79 0.34
C HIS A 52 11.53 -14.92 1.16
N PHE A 53 11.52 -14.33 2.36
CA PHE A 53 12.66 -14.38 3.24
C PHE A 53 13.07 -15.83 3.53
N GLU A 54 12.10 -16.62 3.96
CA GLU A 54 12.34 -18.02 4.28
C GLU A 54 12.46 -18.87 3.02
N HIS A 55 11.73 -18.50 1.98
CA HIS A 55 11.77 -19.24 0.72
C HIS A 55 13.16 -19.21 0.12
N VAL A 56 13.70 -18.01 -0.08
CA VAL A 56 15.03 -17.86 -0.63
C VAL A 56 16.07 -18.47 0.30
N ARG A 57 15.76 -18.47 1.59
CA ARG A 57 16.66 -19.03 2.60
C ARG A 57 16.74 -20.55 2.48
N MET A 58 15.71 -21.15 1.90
CA MET A 58 15.68 -22.59 1.72
C MET A 58 16.34 -23.00 0.41
N VAL A 59 15.97 -22.31 -0.66
CA VAL A 59 16.51 -22.58 -1.99
C VAL A 59 17.89 -21.96 -2.17
N ASP A 60 18.03 -20.69 -1.78
CA ASP A 60 19.29 -19.98 -1.92
C ASP A 60 19.73 -19.36 -0.59
N PRO A 61 20.21 -20.19 0.35
CA PRO A 61 20.65 -19.70 1.66
C PRO A 61 21.84 -18.74 1.57
N LYS A 62 22.69 -18.97 0.57
CA LYS A 62 23.87 -18.13 0.37
C LYS A 62 23.48 -16.70 0.05
N LYS A 63 22.69 -16.53 -1.01
CA LYS A 63 22.25 -15.20 -1.42
C LYS A 63 21.12 -14.70 -0.52
N ALA A 64 20.36 -15.64 0.04
CA ALA A 64 19.26 -15.30 0.93
C ALA A 64 19.72 -14.34 2.01
N ALA A 65 20.90 -14.59 2.55
CA ALA A 65 21.47 -13.74 3.60
C ALA A 65 21.94 -12.42 3.02
N GLN A 66 22.36 -12.44 1.76
CA GLN A 66 22.84 -11.23 1.10
C GLN A 66 21.67 -10.37 0.64
N ILE A 67 20.56 -11.01 0.28
CA ILE A 67 19.38 -10.29 -0.18
C ILE A 67 18.52 -9.81 0.99
N ARG A 68 18.82 -10.32 2.19
CA ARG A 68 18.08 -9.95 3.39
C ARG A 68 17.81 -8.44 3.44
N SER A 69 18.85 -7.66 3.20
CA SER A 69 18.74 -6.21 3.21
C SER A 69 17.72 -5.73 2.19
N GLN A 70 17.62 -6.46 1.08
CA GLN A 70 16.68 -6.12 0.02
C GLN A 70 15.26 -6.49 0.44
N VAL A 71 15.09 -7.70 0.95
CA VAL A 71 13.79 -8.17 1.40
C VAL A 71 13.28 -7.27 2.53
N MET A 72 14.22 -6.77 3.33
CA MET A 72 13.87 -5.89 4.45
C MET A 72 13.22 -4.61 3.93
N THR A 73 13.90 -3.93 3.01
CA THR A 73 13.38 -2.69 2.44
C THR A 73 12.00 -2.92 1.86
N HIS A 74 11.73 -4.17 1.44
CA HIS A 74 10.45 -4.52 0.87
C HIS A 74 9.34 -4.27 1.88
N LEU A 75 9.53 -4.76 3.10
CA LEU A 75 8.54 -4.57 4.16
C LEU A 75 8.38 -3.08 4.46
N ARG A 76 9.50 -2.38 4.57
CA ARG A 76 9.48 -0.95 4.83
C ARG A 76 8.79 -0.22 3.69
N VAL A 77 9.05 -0.66 2.47
CA VAL A 77 8.44 -0.05 1.29
C VAL A 77 6.93 -0.12 1.38
N ILE A 78 6.41 -1.21 1.94
CA ILE A 78 4.97 -1.38 2.09
C ILE A 78 4.37 -0.24 2.90
N TYR A 79 4.92 -0.03 4.10
CA TYR A 79 4.45 1.03 4.98
C TYR A 79 4.96 2.39 4.52
N GLU A 80 6.21 2.43 4.08
CA GLU A 80 6.81 3.68 3.60
C GLU A 80 6.02 4.23 2.41
N ARG A 81 5.78 3.36 1.43
CA ARG A 81 5.04 3.77 0.25
C ARG A 81 3.66 4.28 0.64
N MET A 82 3.07 3.67 1.66
CA MET A 82 1.75 4.07 2.14
C MET A 82 1.75 5.54 2.51
N ASN A 83 2.89 6.00 3.04
CA ASN A 83 3.02 7.40 3.43
C ASN A 83 3.09 8.30 2.20
N GLN A 84 3.66 7.77 1.12
CA GLN A 84 3.79 8.52 -0.13
C GLN A 84 2.41 8.77 -0.73
N SER A 85 1.57 7.75 -0.70
CA SER A 85 0.21 7.86 -1.24
C SER A 85 -0.57 8.95 -0.53
N LEU A 86 -0.39 9.04 0.78
CA LEU A 86 -1.08 10.03 1.59
C LEU A 86 -0.70 11.45 1.14
N SER A 87 0.56 11.62 0.74
CA SER A 87 1.03 12.92 0.27
C SER A 87 0.33 13.33 -1.01
N LEU A 88 0.07 12.35 -1.88
CA LEU A 88 -0.60 12.61 -3.14
C LEU A 88 -2.00 13.17 -2.90
N LEU A 89 -2.71 12.56 -1.97
CA LEU A 89 -4.06 13.00 -1.65
C LEU A 89 -3.99 14.21 -0.72
N TYR A 90 -2.96 14.25 0.12
CA TYR A 90 -2.78 15.38 1.03
C TYR A 90 -2.78 16.69 0.25
N ASN A 91 -2.44 16.61 -1.03
CA ASN A 91 -2.42 17.79 -1.89
C ASN A 91 -3.71 18.59 -1.71
N VAL A 92 -4.78 17.88 -1.36
CA VAL A 92 -6.08 18.49 -1.13
C VAL A 92 -6.36 18.55 0.37
N PRO A 93 -5.75 19.50 1.09
CA PRO A 93 -5.92 19.65 2.53
C PRO A 93 -7.39 19.56 2.95
N ALA A 94 -8.28 19.97 2.06
CA ALA A 94 -9.71 19.93 2.33
C ALA A 94 -10.23 18.50 2.37
N VAL A 95 -9.96 17.76 1.30
CA VAL A 95 -10.40 16.36 1.19
C VAL A 95 -9.53 15.47 2.07
N ALA A 96 -8.23 15.71 2.05
CA ALA A 96 -7.27 14.93 2.83
C ALA A 96 -7.66 14.84 4.30
N GLU A 97 -8.24 15.92 4.82
CA GLU A 97 -8.64 15.96 6.22
C GLU A 97 -9.97 15.24 6.46
N GLU A 98 -10.86 15.30 5.48
CA GLU A 98 -12.15 14.64 5.61
C GLU A 98 -12.00 13.13 5.45
N ILE A 99 -11.19 12.74 4.47
CA ILE A 99 -10.95 11.32 4.21
C ILE A 99 -10.08 10.69 5.30
N GLN A 100 -9.12 11.45 5.80
CA GLN A 100 -8.22 10.94 6.83
C GLN A 100 -8.99 10.57 8.11
N ASP A 101 -9.96 11.40 8.47
CA ASP A 101 -10.76 11.16 9.66
C ASP A 101 -11.55 9.86 9.53
N GLU A 102 -12.22 9.69 8.40
CA GLU A 102 -13.02 8.48 8.17
C GLU A 102 -12.14 7.29 7.80
N VAL A 103 -11.05 7.54 7.09
CA VAL A 103 -10.14 6.48 6.69
C VAL A 103 -9.52 5.80 7.90
N ASP A 104 -8.89 6.59 8.75
CA ASP A 104 -8.26 6.06 9.95
C ASP A 104 -9.28 5.35 10.83
N GLU A 105 -10.50 5.88 10.85
CA GLU A 105 -11.58 5.30 11.64
C GLU A 105 -12.08 4.00 11.03
N LEU A 106 -11.90 3.85 9.73
CA LEU A 106 -12.35 2.66 9.02
C LEU A 106 -11.38 1.49 9.23
N LEU A 107 -10.10 1.79 9.37
CA LEU A 107 -9.09 0.77 9.54
C LEU A 107 -8.90 0.36 11.00
N GLN A 108 -9.40 1.16 11.93
CA GLN A 108 -9.28 0.83 13.35
C GLN A 108 -9.80 -0.57 13.62
N LYS A 109 -10.96 -0.88 13.04
CA LYS A 109 -11.58 -2.19 13.22
C LYS A 109 -10.67 -3.30 12.70
N GLU A 110 -9.86 -2.98 11.68
CA GLU A 110 -8.95 -3.95 11.09
C GLU A 110 -7.97 -4.47 12.13
N ARG A 1 6.48 -12.80 -11.81
CA ARG A 1 5.21 -12.32 -12.41
C ARG A 1 4.21 -11.93 -11.33
N VAL A 2 4.11 -12.77 -10.30
CA VAL A 2 3.18 -12.51 -9.20
C VAL A 2 3.48 -11.17 -8.53
N GLU A 3 4.77 -10.88 -8.34
CA GLU A 3 5.18 -9.64 -7.71
C GLU A 3 4.55 -8.44 -8.41
N ALA A 4 4.65 -8.43 -9.73
CA ALA A 4 4.08 -7.35 -10.53
C ALA A 4 2.57 -7.27 -10.33
N MET A 5 1.94 -8.41 -10.07
CA MET A 5 0.50 -8.46 -9.86
C MET A 5 0.12 -7.72 -8.58
N LEU A 6 0.90 -7.93 -7.52
CA LEU A 6 0.64 -7.28 -6.24
C LEU A 6 0.71 -5.77 -6.39
N ASN A 7 1.60 -5.31 -7.26
CA ASN A 7 1.78 -3.88 -7.49
C ASN A 7 0.63 -3.33 -8.33
N ASP A 8 0.19 -4.13 -9.30
CA ASP A 8 -0.92 -3.73 -10.17
C ASP A 8 -2.19 -3.51 -9.37
N ARG A 9 -2.56 -4.51 -8.58
CA ARG A 9 -3.78 -4.43 -7.77
C ARG A 9 -3.71 -3.22 -6.83
N ARG A 10 -2.50 -2.89 -6.38
CA ARG A 10 -2.31 -1.75 -5.49
C ARG A 10 -2.28 -0.45 -6.28
N ARG A 11 -1.60 -0.47 -7.43
CA ARG A 11 -1.50 0.69 -8.28
C ARG A 11 -2.88 1.16 -8.71
N LEU A 12 -3.58 0.27 -9.40
CA LEU A 12 -4.92 0.57 -9.88
C LEU A 12 -5.83 1.02 -8.73
N ALA A 13 -5.64 0.43 -7.55
CA ALA A 13 -6.43 0.78 -6.39
C ALA A 13 -6.12 2.21 -5.95
N LEU A 14 -4.85 2.57 -6.04
CA LEU A 14 -4.40 3.92 -5.67
C LEU A 14 -4.80 4.90 -6.76
N GLU A 15 -4.57 4.52 -8.01
CA GLU A 15 -4.92 5.36 -9.14
C GLU A 15 -6.44 5.50 -9.24
N ASN A 16 -7.17 4.54 -8.70
CA ASN A 16 -8.63 4.57 -8.74
C ASN A 16 -9.17 5.64 -7.80
N TYR A 17 -8.66 5.68 -6.57
CA TYR A 17 -9.11 6.67 -5.60
C TYR A 17 -8.70 8.07 -6.06
N ILE A 18 -7.51 8.16 -6.63
CA ILE A 18 -7.00 9.44 -7.14
C ILE A 18 -7.96 10.02 -8.17
N THR A 19 -8.60 9.14 -8.92
CA THR A 19 -9.56 9.57 -9.93
C THR A 19 -10.70 10.34 -9.28
N ALA A 20 -11.22 9.80 -8.18
CA ALA A 20 -12.30 10.44 -7.44
C ALA A 20 -11.82 11.78 -6.88
N LEU A 21 -10.53 11.85 -6.58
CA LEU A 21 -9.93 13.07 -6.04
C LEU A 21 -10.12 14.23 -7.01
N GLN A 22 -9.91 13.94 -8.30
CA GLN A 22 -10.05 14.95 -9.35
C GLN A 22 -11.47 14.98 -9.91
N ALA A 23 -12.26 13.95 -9.59
CA ALA A 23 -13.64 13.84 -10.06
C ALA A 23 -14.32 15.20 -10.18
N VAL A 24 -14.35 15.94 -9.08
CA VAL A 24 -14.96 17.26 -9.06
C VAL A 24 -16.37 17.23 -9.65
N PRO A 25 -17.41 17.13 -8.80
CA PRO A 25 -17.27 17.04 -7.35
C PRO A 25 -16.68 15.70 -6.91
N PRO A 26 -15.70 15.72 -5.99
CA PRO A 26 -15.06 14.51 -5.49
C PRO A 26 -15.84 13.87 -4.34
N ARG A 27 -15.76 12.55 -4.24
CA ARG A 27 -16.45 11.83 -3.19
C ARG A 27 -15.48 11.40 -2.10
N PRO A 28 -15.15 12.32 -1.16
CA PRO A 28 -14.24 12.02 -0.06
C PRO A 28 -14.60 10.75 0.68
N ARG A 29 -15.87 10.35 0.59
CA ARG A 29 -16.34 9.14 1.26
C ARG A 29 -16.14 7.92 0.36
N HIS A 30 -16.14 8.14 -0.94
CA HIS A 30 -15.94 7.05 -1.88
C HIS A 30 -14.45 6.84 -2.09
N VAL A 31 -13.73 7.95 -2.10
CA VAL A 31 -12.29 7.94 -2.27
C VAL A 31 -11.62 7.20 -1.10
N PHE A 32 -12.15 7.42 0.11
CA PHE A 32 -11.60 6.76 1.29
C PHE A 32 -11.77 5.24 1.17
N ASN A 33 -12.75 4.81 0.39
CA ASN A 33 -13.01 3.39 0.18
C ASN A 33 -11.86 2.74 -0.57
N MET A 34 -11.57 3.26 -1.76
CA MET A 34 -10.49 2.71 -2.58
C MET A 34 -9.20 2.61 -1.77
N LEU A 35 -9.03 3.52 -0.81
CA LEU A 35 -7.86 3.54 0.04
C LEU A 35 -7.75 2.25 0.85
N LYS A 36 -8.83 1.89 1.55
CA LYS A 36 -8.84 0.69 2.36
C LYS A 36 -8.55 -0.55 1.53
N LYS A 37 -8.93 -0.50 0.24
CA LYS A 37 -8.69 -1.61 -0.66
C LYS A 37 -7.23 -1.63 -1.11
N TYR A 38 -6.70 -0.46 -1.42
CA TYR A 38 -5.31 -0.33 -1.84
C TYR A 38 -4.39 -0.67 -0.67
N VAL A 39 -4.83 -0.31 0.53
CA VAL A 39 -4.07 -0.58 1.74
C VAL A 39 -3.96 -2.08 1.98
N ARG A 40 -5.10 -2.77 1.93
CA ARG A 40 -5.14 -4.21 2.14
C ARG A 40 -4.19 -4.91 1.16
N ALA A 41 -3.97 -4.27 0.01
CA ALA A 41 -3.09 -4.83 -1.01
C ALA A 41 -1.64 -4.80 -0.53
N GLU A 42 -1.27 -3.71 0.14
CA GLU A 42 0.08 -3.57 0.66
C GLU A 42 0.37 -4.64 1.70
N GLN A 43 -0.58 -4.83 2.61
CA GLN A 43 -0.45 -5.84 3.66
C GLN A 43 -0.12 -7.21 3.07
N LYS A 44 -0.72 -7.50 1.92
CA LYS A 44 -0.48 -8.77 1.24
C LYS A 44 0.94 -8.83 0.71
N ASP A 45 1.48 -7.68 0.33
CA ASP A 45 2.83 -7.59 -0.19
C ASP A 45 3.85 -7.91 0.90
N ARG A 46 3.61 -7.38 2.09
CA ARG A 46 4.50 -7.60 3.23
C ARG A 46 4.57 -9.09 3.54
N GLN A 47 3.42 -9.75 3.52
CA GLN A 47 3.34 -11.18 3.80
C GLN A 47 4.11 -11.97 2.74
N HIS A 48 4.17 -11.41 1.53
CA HIS A 48 4.88 -12.06 0.44
C HIS A 48 6.39 -11.97 0.64
N THR A 49 6.82 -10.88 1.26
CA THR A 49 8.23 -10.65 1.53
C THR A 49 8.75 -11.68 2.53
N LEU A 50 7.89 -12.09 3.45
CA LEU A 50 8.25 -13.07 4.47
C LEU A 50 8.45 -14.44 3.82
N LYS A 51 7.58 -14.78 2.88
CA LYS A 51 7.64 -16.07 2.19
C LYS A 51 8.96 -16.19 1.42
N HIS A 52 9.39 -15.09 0.81
CA HIS A 52 10.64 -15.08 0.05
C HIS A 52 11.83 -15.42 0.94
N PHE A 53 11.91 -14.73 2.08
CA PHE A 53 13.00 -14.95 3.03
C PHE A 53 13.12 -16.43 3.39
N GLU A 54 11.98 -17.07 3.60
CA GLU A 54 11.95 -18.49 3.96
C GLU A 54 12.24 -19.37 2.74
N HIS A 55 11.63 -19.03 1.62
CA HIS A 55 11.83 -19.78 0.37
C HIS A 55 13.29 -19.72 -0.05
N VAL A 56 13.81 -18.50 -0.20
CA VAL A 56 15.20 -18.32 -0.60
C VAL A 56 16.17 -18.91 0.41
N ARG A 57 15.69 -19.08 1.65
CA ARG A 57 16.52 -19.64 2.71
C ARG A 57 16.61 -21.16 2.59
N MET A 58 15.64 -21.76 1.93
CA MET A 58 15.61 -23.21 1.75
C MET A 58 16.36 -23.62 0.49
N VAL A 59 16.55 -22.68 -0.43
CA VAL A 59 17.26 -22.96 -1.67
C VAL A 59 18.59 -22.20 -1.74
N ASP A 60 18.55 -20.92 -1.38
CA ASP A 60 19.75 -20.08 -1.40
C ASP A 60 20.03 -19.49 -0.02
N PRO A 61 20.62 -20.29 0.88
CA PRO A 61 20.95 -19.85 2.24
C PRO A 61 21.88 -18.64 2.24
N LYS A 62 22.99 -18.76 1.51
CA LYS A 62 23.97 -17.67 1.43
C LYS A 62 23.33 -16.40 0.88
N LYS A 63 22.66 -16.54 -0.26
CA LYS A 63 21.99 -15.41 -0.90
C LYS A 63 20.93 -14.82 0.03
N ALA A 64 20.24 -15.70 0.74
CA ALA A 64 19.18 -15.27 1.67
C ALA A 64 19.73 -14.27 2.68
N ALA A 65 21.00 -14.42 3.02
CA ALA A 65 21.65 -13.51 3.97
C ALA A 65 21.96 -12.17 3.32
N GLN A 66 22.18 -12.21 2.00
CA GLN A 66 22.47 -11.00 1.24
C GLN A 66 21.20 -10.18 1.08
N ILE A 67 20.09 -10.87 0.86
CA ILE A 67 18.80 -10.21 0.67
C ILE A 67 18.24 -9.67 1.99
N ARG A 68 18.86 -10.04 3.10
CA ARG A 68 18.41 -9.61 4.42
C ARG A 68 18.00 -8.13 4.42
N SER A 69 18.82 -7.30 3.79
CA SER A 69 18.55 -5.87 3.71
C SER A 69 17.49 -5.56 2.67
N GLN A 70 17.45 -6.38 1.62
CA GLN A 70 16.49 -6.18 0.55
C GLN A 70 15.09 -6.61 1.00
N VAL A 71 15.02 -7.78 1.62
CA VAL A 71 13.75 -8.30 2.12
C VAL A 71 13.22 -7.41 3.23
N MET A 72 14.15 -6.86 4.01
CA MET A 72 13.79 -5.98 5.11
C MET A 72 13.18 -4.68 4.58
N THR A 73 13.88 -4.04 3.64
CA THR A 73 13.39 -2.81 3.05
C THR A 73 12.02 -3.04 2.41
N HIS A 74 11.79 -4.28 1.99
CA HIS A 74 10.53 -4.65 1.35
C HIS A 74 9.37 -4.38 2.30
N LEU A 75 9.48 -4.87 3.53
CA LEU A 75 8.43 -4.66 4.53
C LEU A 75 8.25 -3.16 4.79
N ARG A 76 9.35 -2.46 4.95
CA ARG A 76 9.31 -1.02 5.20
C ARG A 76 8.66 -0.31 4.01
N VAL A 77 8.99 -0.77 2.81
CA VAL A 77 8.43 -0.19 1.60
C VAL A 77 6.90 -0.23 1.64
N ILE A 78 6.35 -1.33 2.14
CA ILE A 78 4.91 -1.49 2.25
C ILE A 78 4.30 -0.33 3.03
N TYR A 79 4.81 -0.12 4.25
CA TYR A 79 4.32 0.96 5.10
C TYR A 79 4.83 2.32 4.64
N GLU A 80 6.09 2.37 4.25
CA GLU A 80 6.70 3.61 3.78
C GLU A 80 5.97 4.14 2.55
N ARG A 81 5.85 3.30 1.53
CA ARG A 81 5.17 3.69 0.30
C ARG A 81 3.75 4.17 0.61
N MET A 82 3.11 3.54 1.59
CA MET A 82 1.76 3.91 1.98
C MET A 82 1.71 5.39 2.35
N ASN A 83 2.79 5.86 2.97
CA ASN A 83 2.88 7.25 3.38
C ASN A 83 2.99 8.16 2.15
N GLN A 84 3.63 7.65 1.11
CA GLN A 84 3.81 8.41 -0.13
C GLN A 84 2.45 8.71 -0.75
N SER A 85 1.54 7.75 -0.69
CA SER A 85 0.21 7.91 -1.24
C SER A 85 -0.55 9.02 -0.52
N LEU A 86 -0.43 9.05 0.80
CA LEU A 86 -1.10 10.07 1.60
C LEU A 86 -0.69 11.47 1.16
N SER A 87 0.56 11.61 0.73
CA SER A 87 1.06 12.90 0.27
C SER A 87 0.38 13.32 -1.03
N LEU A 88 0.11 12.33 -1.89
CA LEU A 88 -0.54 12.58 -3.17
C LEU A 88 -1.93 13.17 -2.96
N LEU A 89 -2.64 12.64 -1.97
CA LEU A 89 -3.97 13.12 -1.66
C LEU A 89 -3.90 14.32 -0.73
N TYR A 90 -2.86 14.36 0.11
CA TYR A 90 -2.67 15.48 1.02
C TYR A 90 -2.63 16.78 0.24
N ASN A 91 -2.28 16.70 -1.04
CA ASN A 91 -2.22 17.89 -1.90
C ASN A 91 -3.50 18.71 -1.72
N VAL A 92 -4.58 18.02 -1.39
CA VAL A 92 -5.87 18.67 -1.16
C VAL A 92 -6.18 18.72 0.33
N PRO A 93 -5.54 19.67 1.06
CA PRO A 93 -5.73 19.81 2.50
C PRO A 93 -7.21 19.76 2.90
N ALA A 94 -8.08 20.19 2.01
CA ALA A 94 -9.51 20.19 2.28
C ALA A 94 -10.06 18.76 2.31
N VAL A 95 -9.81 18.02 1.24
CA VAL A 95 -10.28 16.64 1.13
C VAL A 95 -9.44 15.72 2.02
N ALA A 96 -8.13 15.91 1.99
CA ALA A 96 -7.20 15.10 2.77
C ALA A 96 -7.62 15.04 4.24
N GLU A 97 -8.17 16.15 4.75
CA GLU A 97 -8.60 16.21 6.13
C GLU A 97 -9.88 15.41 6.35
N GLU A 98 -10.88 15.67 5.53
CA GLU A 98 -12.15 14.96 5.64
C GLU A 98 -11.96 13.46 5.48
N ILE A 99 -11.20 13.07 4.48
CA ILE A 99 -10.92 11.66 4.21
C ILE A 99 -10.05 11.05 5.30
N GLN A 100 -9.09 11.81 5.80
CA GLN A 100 -8.19 11.32 6.84
C GLN A 100 -8.96 10.92 8.09
N ASP A 101 -10.02 11.65 8.38
CA ASP A 101 -10.84 11.38 9.56
C ASP A 101 -11.55 10.03 9.42
N GLU A 102 -12.25 9.85 8.30
CA GLU A 102 -12.98 8.61 8.05
C GLU A 102 -12.04 7.47 7.67
N VAL A 103 -10.92 7.80 7.03
CA VAL A 103 -9.95 6.79 6.62
C VAL A 103 -9.35 6.11 7.84
N ASP A 104 -8.74 6.90 8.72
CA ASP A 104 -8.12 6.38 9.93
C ASP A 104 -9.13 5.59 10.76
N GLU A 105 -10.38 6.03 10.73
CA GLU A 105 -11.45 5.36 11.49
C GLU A 105 -11.81 4.02 10.86
N LEU A 106 -11.54 3.88 9.56
CA LEU A 106 -11.85 2.66 8.84
C LEU A 106 -10.79 1.58 9.09
N LEU A 107 -9.55 2.00 9.29
CA LEU A 107 -8.45 1.07 9.49
C LEU A 107 -8.29 0.67 10.96
N GLN A 108 -8.91 1.42 11.87
CA GLN A 108 -8.82 1.10 13.30
C GLN A 108 -9.17 -0.36 13.55
N LYS A 109 -10.25 -0.81 12.91
CA LYS A 109 -10.71 -2.19 13.04
C LYS A 109 -9.71 -3.15 12.41
N GLU A 110 -9.04 -2.70 11.35
CA GLU A 110 -8.06 -3.52 10.66
C GLU A 110 -6.85 -3.79 11.55
N ARG A 1 6.53 -13.75 -12.40
CA ARG A 1 6.41 -12.27 -12.33
C ARG A 1 5.30 -11.84 -11.40
N VAL A 2 5.03 -12.65 -10.38
CA VAL A 2 3.98 -12.35 -9.41
C VAL A 2 4.22 -11.02 -8.74
N GLU A 3 5.48 -10.75 -8.36
CA GLU A 3 5.83 -9.50 -7.71
C GLU A 3 5.32 -8.31 -8.51
N ALA A 4 5.52 -8.38 -9.83
CA ALA A 4 5.07 -7.32 -10.72
C ALA A 4 3.56 -7.16 -10.66
N MET A 5 2.87 -8.27 -10.41
CA MET A 5 1.41 -8.28 -10.31
C MET A 5 0.96 -7.44 -9.13
N LEU A 6 1.56 -7.68 -7.97
CA LEU A 6 1.21 -6.94 -6.76
C LEU A 6 1.42 -5.44 -6.97
N ASN A 7 2.43 -5.11 -7.77
CA ASN A 7 2.73 -3.70 -8.06
C ASN A 7 1.58 -3.05 -8.83
N ASP A 8 1.17 -3.69 -9.91
CA ASP A 8 0.08 -3.17 -10.73
C ASP A 8 -1.17 -2.94 -9.89
N ARG A 9 -1.46 -3.90 -9.00
CA ARG A 9 -2.62 -3.82 -8.14
C ARG A 9 -2.56 -2.56 -7.27
N ARG A 10 -1.34 -2.13 -6.95
CA ARG A 10 -1.14 -0.95 -6.12
C ARG A 10 -1.22 0.32 -6.96
N ARG A 11 -0.61 0.29 -8.14
CA ARG A 11 -0.63 1.44 -9.03
C ARG A 11 -2.06 1.76 -9.43
N LEU A 12 -2.70 0.80 -10.08
CA LEU A 12 -4.08 0.96 -10.51
C LEU A 12 -4.98 1.31 -9.34
N ALA A 13 -4.69 0.74 -8.17
CA ALA A 13 -5.46 1.00 -6.97
C ALA A 13 -5.27 2.45 -6.52
N LEU A 14 -4.03 2.91 -6.58
CA LEU A 14 -3.72 4.28 -6.20
C LEU A 14 -4.29 5.25 -7.22
N GLU A 15 -4.07 4.96 -8.49
CA GLU A 15 -4.57 5.79 -9.57
C GLU A 15 -6.09 5.79 -9.58
N ASN A 16 -6.68 4.70 -9.08
CA ASN A 16 -8.13 4.56 -9.02
C ASN A 16 -8.72 5.51 -7.99
N TYR A 17 -8.16 5.51 -6.78
CA TYR A 17 -8.65 6.38 -5.72
C TYR A 17 -8.45 7.85 -6.10
N ILE A 18 -7.34 8.12 -6.79
CA ILE A 18 -7.04 9.47 -7.22
C ILE A 18 -8.14 9.99 -8.15
N THR A 19 -8.72 9.09 -8.93
CA THR A 19 -9.78 9.45 -9.85
C THR A 19 -10.95 10.07 -9.08
N ALA A 20 -11.33 9.43 -7.98
CA ALA A 20 -12.42 9.93 -7.15
C ALA A 20 -12.03 11.28 -6.55
N LEU A 21 -10.74 11.46 -6.29
CA LEU A 21 -10.24 12.71 -5.73
C LEU A 21 -10.57 13.87 -6.67
N GLN A 22 -10.38 13.64 -7.96
CA GLN A 22 -10.66 14.65 -8.97
C GLN A 22 -12.11 14.61 -9.42
N ALA A 23 -12.82 13.54 -9.04
CA ALA A 23 -14.23 13.35 -9.40
C ALA A 23 -14.96 14.67 -9.57
N VAL A 24 -14.89 15.53 -8.55
CA VAL A 24 -15.54 16.84 -8.59
C VAL A 24 -16.99 16.74 -9.09
N PRO A 25 -17.97 16.67 -8.18
CA PRO A 25 -17.73 16.69 -6.73
C PRO A 25 -17.14 15.37 -6.23
N PRO A 26 -16.11 15.43 -5.36
CA PRO A 26 -15.47 14.24 -4.82
C PRO A 26 -16.26 13.65 -3.65
N ARG A 27 -16.10 12.34 -3.45
CA ARG A 27 -16.80 11.65 -2.36
C ARG A 27 -15.81 11.16 -1.30
N PRO A 28 -15.37 12.06 -0.40
CA PRO A 28 -14.43 11.72 0.66
C PRO A 28 -14.79 10.41 1.38
N ARG A 29 -16.08 10.07 1.37
CA ARG A 29 -16.54 8.86 2.03
C ARG A 29 -16.45 7.65 1.09
N HIS A 30 -16.51 7.91 -0.20
CA HIS A 30 -16.42 6.84 -1.18
C HIS A 30 -14.96 6.60 -1.50
N VAL A 31 -14.20 7.68 -1.51
CA VAL A 31 -12.77 7.62 -1.78
C VAL A 31 -12.06 6.82 -0.69
N PHE A 32 -12.45 7.02 0.56
CA PHE A 32 -11.84 6.30 1.67
C PHE A 32 -11.88 4.80 1.41
N ASN A 33 -12.89 4.36 0.68
CA ASN A 33 -13.06 2.95 0.34
C ASN A 33 -12.00 2.53 -0.67
N MET A 34 -11.81 3.34 -1.71
CA MET A 34 -10.81 3.03 -2.73
C MET A 34 -9.43 2.89 -2.10
N LEU A 35 -9.16 3.69 -1.07
CA LEU A 35 -7.88 3.63 -0.38
C LEU A 35 -7.67 2.25 0.22
N LYS A 36 -8.72 1.74 0.87
CA LYS A 36 -8.67 0.42 1.49
C LYS A 36 -8.14 -0.62 0.52
N LYS A 37 -8.61 -0.56 -0.71
CA LYS A 37 -8.18 -1.51 -1.74
C LYS A 37 -6.69 -1.38 -2.00
N TYR A 38 -6.23 -0.16 -2.24
CA TYR A 38 -4.81 0.08 -2.48
C TYR A 38 -4.01 -0.26 -1.23
N VAL A 39 -4.60 -0.01 -0.06
CA VAL A 39 -3.96 -0.30 1.20
C VAL A 39 -3.85 -1.80 1.43
N ARG A 40 -4.97 -2.50 1.23
CA ARG A 40 -5.01 -3.94 1.40
C ARG A 40 -4.00 -4.62 0.48
N ALA A 41 -3.66 -3.94 -0.62
CA ALA A 41 -2.69 -4.47 -1.57
C ALA A 41 -1.29 -4.43 -0.99
N GLU A 42 -0.96 -3.33 -0.31
CA GLU A 42 0.34 -3.18 0.31
C GLU A 42 0.52 -4.20 1.42
N GLN A 43 -0.49 -4.31 2.28
CA GLN A 43 -0.46 -5.26 3.40
C GLN A 43 -0.17 -6.67 2.88
N LYS A 44 -0.81 -7.02 1.77
CA LYS A 44 -0.62 -8.35 1.18
C LYS A 44 0.82 -8.52 0.72
N ASP A 45 1.44 -7.42 0.29
CA ASP A 45 2.82 -7.45 -0.17
C ASP A 45 3.76 -7.68 1.00
N ARG A 46 3.49 -7.02 2.12
CA ARG A 46 4.31 -7.15 3.31
C ARG A 46 4.36 -8.61 3.77
N GLN A 47 3.19 -9.26 3.74
CA GLN A 47 3.09 -10.66 4.13
C GLN A 47 3.77 -11.56 3.10
N HIS A 48 3.80 -11.09 1.84
CA HIS A 48 4.43 -11.85 0.77
C HIS A 48 5.94 -11.82 0.92
N THR A 49 6.45 -10.68 1.38
CA THR A 49 7.88 -10.50 1.60
C THR A 49 8.39 -11.49 2.64
N LEU A 50 7.57 -11.71 3.68
CA LEU A 50 7.92 -12.63 4.75
C LEU A 50 8.15 -14.03 4.19
N LYS A 51 7.19 -14.53 3.43
CA LYS A 51 7.28 -15.85 2.84
C LYS A 51 8.58 -16.03 2.07
N HIS A 52 9.01 -14.97 1.38
CA HIS A 52 10.24 -15.01 0.61
C HIS A 52 11.45 -15.25 1.51
N PHE A 53 11.42 -14.64 2.70
CA PHE A 53 12.51 -14.78 3.66
C PHE A 53 12.67 -16.24 4.09
N GLU A 54 11.58 -16.82 4.59
CA GLU A 54 11.59 -18.20 5.05
C GLU A 54 11.71 -19.18 3.88
N HIS A 55 11.04 -18.85 2.78
CA HIS A 55 11.07 -19.70 1.59
C HIS A 55 12.48 -19.81 1.03
N VAL A 56 13.09 -18.67 0.74
CA VAL A 56 14.44 -18.65 0.20
C VAL A 56 15.43 -19.28 1.17
N ARG A 57 15.07 -19.30 2.45
CA ARG A 57 15.94 -19.87 3.48
C ARG A 57 15.93 -21.40 3.40
N MET A 58 14.83 -21.96 2.89
CA MET A 58 14.70 -23.40 2.78
C MET A 58 15.23 -23.91 1.43
N VAL A 59 15.43 -23.00 0.49
CA VAL A 59 15.94 -23.37 -0.83
C VAL A 59 17.30 -22.75 -1.11
N ASP A 60 17.44 -21.45 -0.83
CA ASP A 60 18.70 -20.75 -1.07
C ASP A 60 19.15 -20.00 0.19
N PRO A 61 19.65 -20.72 1.20
CA PRO A 61 20.12 -20.13 2.45
C PRO A 61 21.26 -19.15 2.22
N LYS A 62 22.11 -19.45 1.24
CA LYS A 62 23.25 -18.61 0.91
C LYS A 62 22.78 -17.23 0.46
N LYS A 63 21.94 -17.20 -0.58
CA LYS A 63 21.43 -15.95 -1.10
C LYS A 63 20.43 -15.32 -0.13
N ALA A 64 19.76 -16.17 0.66
CA ALA A 64 18.79 -15.70 1.63
C ALA A 64 19.41 -14.67 2.57
N ALA A 65 20.68 -14.88 2.89
CA ALA A 65 21.40 -13.97 3.77
C ALA A 65 21.73 -12.67 3.05
N GLN A 66 21.88 -12.75 1.73
CA GLN A 66 22.19 -11.58 0.91
C GLN A 66 20.95 -10.71 0.72
N ILE A 67 19.79 -11.35 0.64
CA ILE A 67 18.53 -10.64 0.45
C ILE A 67 18.03 -10.01 1.76
N ARG A 68 18.60 -10.45 2.88
CA ARG A 68 18.21 -9.95 4.20
C ARG A 68 17.99 -8.43 4.18
N SER A 69 18.94 -7.71 3.60
CA SER A 69 18.85 -6.25 3.52
C SER A 69 17.83 -5.81 2.49
N GLN A 70 17.73 -6.58 1.40
CA GLN A 70 16.79 -6.25 0.33
C GLN A 70 15.36 -6.52 0.77
N VAL A 71 15.12 -7.70 1.33
CA VAL A 71 13.79 -8.07 1.80
C VAL A 71 13.33 -7.11 2.89
N MET A 72 14.28 -6.61 3.66
CA MET A 72 13.97 -5.68 4.74
C MET A 72 13.34 -4.40 4.19
N THR A 73 13.91 -3.88 3.11
CA THR A 73 13.39 -2.66 2.50
C THR A 73 12.00 -2.90 1.93
N HIS A 74 11.72 -4.15 1.57
CA HIS A 74 10.42 -4.50 1.02
C HIS A 74 9.32 -4.28 2.05
N LEU A 75 9.60 -4.62 3.30
CA LEU A 75 8.63 -4.45 4.37
C LEU A 75 8.43 -2.96 4.65
N ARG A 76 9.53 -2.25 4.87
CA ARG A 76 9.46 -0.83 5.13
C ARG A 76 8.92 -0.07 3.92
N VAL A 77 9.20 -0.60 2.73
CA VAL A 77 8.71 0.02 1.50
C VAL A 77 7.19 -0.03 1.46
N ILE A 78 6.63 -1.12 1.98
CA ILE A 78 5.17 -1.28 2.02
C ILE A 78 4.54 -0.13 2.81
N TYR A 79 5.01 0.06 4.03
CA TYR A 79 4.49 1.11 4.89
C TYR A 79 4.96 2.49 4.41
N GLU A 80 6.24 2.59 4.06
CA GLU A 80 6.81 3.84 3.58
C GLU A 80 6.03 4.36 2.38
N ARG A 81 5.87 3.51 1.37
CA ARG A 81 5.12 3.88 0.18
C ARG A 81 3.72 4.34 0.54
N MET A 82 3.16 3.75 1.60
CA MET A 82 1.83 4.11 2.05
C MET A 82 1.77 5.58 2.40
N ASN A 83 2.88 6.11 2.93
CA ASN A 83 2.96 7.51 3.30
C ASN A 83 3.00 8.39 2.05
N GLN A 84 3.59 7.85 0.99
CA GLN A 84 3.68 8.59 -0.27
C GLN A 84 2.29 8.85 -0.85
N SER A 85 1.38 7.90 -0.64
CA SER A 85 0.02 8.03 -1.15
C SER A 85 -0.73 9.13 -0.40
N LEU A 86 -0.56 9.18 0.91
CA LEU A 86 -1.21 10.17 1.74
C LEU A 86 -0.85 11.59 1.29
N SER A 87 0.39 11.77 0.87
CA SER A 87 0.84 13.08 0.40
C SER A 87 0.16 13.46 -0.90
N LEU A 88 -0.04 12.47 -1.76
CA LEU A 88 -0.68 12.70 -3.04
C LEU A 88 -2.11 13.19 -2.86
N LEU A 89 -2.78 12.65 -1.85
CA LEU A 89 -4.15 13.03 -1.55
C LEU A 89 -4.16 14.24 -0.62
N TYR A 90 -3.15 14.34 0.24
CA TYR A 90 -3.05 15.47 1.16
C TYR A 90 -3.05 16.78 0.39
N ASN A 91 -2.68 16.71 -0.90
CA ASN A 91 -2.65 17.89 -1.75
C ASN A 91 -3.96 18.68 -1.60
N VAL A 92 -5.03 17.95 -1.28
CA VAL A 92 -6.33 18.56 -1.09
C VAL A 92 -6.67 18.62 0.40
N PRO A 93 -6.10 19.58 1.13
CA PRO A 93 -6.32 19.74 2.56
C PRO A 93 -7.80 19.63 2.94
N ALA A 94 -8.67 20.06 2.02
CA ALA A 94 -10.11 20.00 2.25
C ALA A 94 -10.61 18.56 2.29
N VAL A 95 -10.31 17.81 1.23
CA VAL A 95 -10.72 16.41 1.15
C VAL A 95 -9.86 15.53 2.06
N ALA A 96 -8.56 15.75 2.00
CA ALA A 96 -7.61 14.99 2.81
C ALA A 96 -8.04 14.96 4.29
N GLU A 97 -8.69 16.04 4.72
CA GLU A 97 -9.15 16.13 6.10
C GLU A 97 -10.37 15.25 6.35
N GLU A 98 -11.38 15.39 5.52
CA GLU A 98 -12.60 14.59 5.66
C GLU A 98 -12.28 13.11 5.52
N ILE A 99 -11.50 12.77 4.50
CA ILE A 99 -11.12 11.40 4.26
C ILE A 99 -10.23 10.86 5.37
N GLN A 100 -9.32 11.69 5.88
CA GLN A 100 -8.42 11.27 6.94
C GLN A 100 -9.21 10.82 8.17
N ASP A 101 -10.34 11.46 8.43
CA ASP A 101 -11.17 11.11 9.56
C ASP A 101 -11.72 9.70 9.42
N GLU A 102 -12.39 9.43 8.32
CA GLU A 102 -12.97 8.11 8.07
C GLU A 102 -11.90 7.10 7.70
N VAL A 103 -10.84 7.56 7.03
CA VAL A 103 -9.76 6.67 6.63
C VAL A 103 -9.04 6.14 7.88
N ASP A 104 -8.49 7.05 8.67
CA ASP A 104 -7.78 6.66 9.88
C ASP A 104 -8.64 5.71 10.71
N GLU A 105 -9.96 5.92 10.67
CA GLU A 105 -10.90 5.09 11.42
C GLU A 105 -11.01 3.70 10.79
N LEU A 106 -10.74 3.62 9.50
CA LEU A 106 -10.83 2.34 8.78
C LEU A 106 -9.63 1.44 9.07
N LEU A 107 -8.48 2.05 9.29
CA LEU A 107 -7.25 1.31 9.54
C LEU A 107 -7.07 0.95 11.02
N GLN A 108 -7.82 1.61 11.90
CA GLN A 108 -7.71 1.32 13.33
C GLN A 108 -7.94 -0.16 13.60
N LYS A 109 -9.00 -0.69 13.02
CA LYS A 109 -9.35 -2.10 13.19
C LYS A 109 -8.41 -2.99 12.38
N GLU A 110 -7.91 -2.46 11.27
CA GLU A 110 -7.00 -3.21 10.40
C GLU A 110 -5.76 -3.64 11.17
N ARG A 1 6.42 -13.41 -11.02
CA ARG A 1 5.42 -12.57 -11.75
C ARG A 1 4.37 -12.02 -10.79
N VAL A 2 4.11 -12.75 -9.72
CA VAL A 2 3.13 -12.33 -8.73
C VAL A 2 3.47 -10.96 -8.15
N GLU A 3 4.75 -10.76 -7.84
CA GLU A 3 5.20 -9.48 -7.28
C GLU A 3 4.75 -8.32 -8.15
N ALA A 4 4.89 -8.48 -9.46
CA ALA A 4 4.49 -7.45 -10.40
C ALA A 4 2.99 -7.22 -10.34
N MET A 5 2.25 -8.29 -10.04
CA MET A 5 0.80 -8.20 -9.94
C MET A 5 0.39 -7.32 -8.75
N LEU A 6 1.00 -7.56 -7.61
CA LEU A 6 0.72 -6.79 -6.41
C LEU A 6 1.02 -5.32 -6.64
N ASN A 7 2.00 -5.04 -7.48
CA ASN A 7 2.39 -3.68 -7.80
C ASN A 7 1.30 -2.97 -8.59
N ASP A 8 0.85 -3.61 -9.66
CA ASP A 8 -0.21 -3.04 -10.50
C ASP A 8 -1.47 -2.80 -9.67
N ARG A 9 -1.85 -3.80 -8.89
CA ARG A 9 -3.03 -3.70 -8.05
C ARG A 9 -2.92 -2.52 -7.09
N ARG A 10 -1.70 -2.17 -6.71
CA ARG A 10 -1.47 -1.05 -5.81
C ARG A 10 -1.42 0.26 -6.57
N ARG A 11 -0.71 0.28 -7.70
CA ARG A 11 -0.60 1.47 -8.52
C ARG A 11 -1.98 1.86 -9.06
N LEU A 12 -2.67 0.91 -9.66
CA LEU A 12 -4.00 1.16 -10.20
C LEU A 12 -4.96 1.54 -9.08
N ALA A 13 -4.83 0.88 -7.93
CA ALA A 13 -5.68 1.17 -6.78
C ALA A 13 -5.42 2.58 -6.30
N LEU A 14 -4.14 2.95 -6.24
CA LEU A 14 -3.75 4.28 -5.82
C LEU A 14 -4.22 5.31 -6.84
N GLU A 15 -3.87 5.08 -8.10
CA GLU A 15 -4.27 5.97 -9.18
C GLU A 15 -5.79 6.05 -9.27
N ASN A 16 -6.46 4.99 -8.82
CA ASN A 16 -7.92 4.94 -8.86
C ASN A 16 -8.54 5.89 -7.84
N TYR A 17 -8.08 5.83 -6.59
CA TYR A 17 -8.61 6.70 -5.57
C TYR A 17 -8.22 8.15 -5.84
N ILE A 18 -7.05 8.32 -6.47
CA ILE A 18 -6.57 9.65 -6.81
C ILE A 18 -7.51 10.31 -7.82
N THR A 19 -8.08 9.51 -8.70
CA THR A 19 -9.01 10.02 -9.70
C THR A 19 -10.23 10.62 -9.02
N ALA A 20 -10.77 9.89 -8.05
CA ALA A 20 -11.93 10.36 -7.31
C ALA A 20 -11.58 11.64 -6.53
N LEU A 21 -10.31 11.77 -6.19
CA LEU A 21 -9.83 12.95 -5.47
C LEU A 21 -10.09 14.22 -6.28
N GLN A 22 -9.78 14.14 -7.57
CA GLN A 22 -9.98 15.27 -8.47
C GLN A 22 -11.36 15.25 -9.12
N ALA A 23 -12.07 14.13 -8.95
CA ALA A 23 -13.41 13.96 -9.51
C ALA A 23 -14.15 15.28 -9.64
N VAL A 24 -14.24 16.01 -8.53
CA VAL A 24 -14.92 17.31 -8.51
C VAL A 24 -16.27 17.25 -9.23
N PRO A 25 -17.38 17.08 -8.49
CA PRO A 25 -17.36 16.95 -7.03
C PRO A 25 -16.78 15.60 -6.59
N PRO A 26 -15.85 15.61 -5.62
CA PRO A 26 -15.21 14.38 -5.13
C PRO A 26 -16.10 13.65 -4.13
N ARG A 27 -15.85 12.36 -3.96
CA ARG A 27 -16.63 11.53 -3.04
C ARG A 27 -15.76 11.02 -1.90
N PRO A 28 -15.44 11.88 -0.91
CA PRO A 28 -14.60 11.50 0.24
C PRO A 28 -15.05 10.19 0.88
N ARG A 29 -16.33 9.87 0.71
CA ARG A 29 -16.89 8.64 1.28
C ARG A 29 -16.69 7.46 0.33
N HIS A 30 -16.60 7.75 -0.95
CA HIS A 30 -16.40 6.71 -1.94
C HIS A 30 -14.91 6.45 -2.09
N VAL A 31 -14.15 7.53 -1.99
CA VAL A 31 -12.70 7.46 -2.10
C VAL A 31 -12.12 6.63 -0.95
N PHE A 32 -12.69 6.80 0.24
CA PHE A 32 -12.22 6.06 1.40
C PHE A 32 -12.26 4.56 1.12
N ASN A 33 -13.21 4.16 0.28
CA ASN A 33 -13.37 2.76 -0.09
C ASN A 33 -12.18 2.30 -0.94
N MET A 34 -11.84 3.10 -1.94
CA MET A 34 -10.72 2.77 -2.82
C MET A 34 -9.44 2.56 -2.02
N LEU A 35 -9.25 3.39 -0.99
CA LEU A 35 -8.07 3.29 -0.15
C LEU A 35 -7.97 1.88 0.45
N LYS A 36 -9.09 1.41 0.99
CA LYS A 36 -9.14 0.08 1.59
C LYS A 36 -8.55 -0.96 0.66
N LYS A 37 -8.94 -0.89 -0.60
CA LYS A 37 -8.45 -1.82 -1.61
C LYS A 37 -6.94 -1.66 -1.79
N TYR A 38 -6.50 -0.43 -2.04
CA TYR A 38 -5.09 -0.16 -2.22
C TYR A 38 -4.31 -0.54 -0.96
N VAL A 39 -4.95 -0.39 0.19
CA VAL A 39 -4.32 -0.73 1.46
C VAL A 39 -4.25 -2.24 1.65
N ARG A 40 -5.38 -2.91 1.47
CA ARG A 40 -5.44 -4.36 1.61
C ARG A 40 -4.46 -5.02 0.64
N ALA A 41 -4.13 -4.32 -0.45
CA ALA A 41 -3.20 -4.83 -1.44
C ALA A 41 -1.77 -4.81 -0.92
N GLU A 42 -1.43 -3.73 -0.21
CA GLU A 42 -0.10 -3.58 0.36
C GLU A 42 0.16 -4.68 1.38
N GLN A 43 -0.84 -4.94 2.21
CA GLN A 43 -0.73 -5.98 3.23
C GLN A 43 -0.36 -7.32 2.60
N LYS A 44 -1.00 -7.62 1.48
CA LYS A 44 -0.74 -8.87 0.76
C LYS A 44 0.72 -8.93 0.32
N ASP A 45 1.23 -7.82 -0.19
CA ASP A 45 2.61 -7.74 -0.63
C ASP A 45 3.56 -7.84 0.55
N ARG A 46 3.21 -7.17 1.64
CA ARG A 46 4.02 -7.19 2.86
C ARG A 46 4.17 -8.62 3.36
N GLN A 47 3.07 -9.35 3.36
CA GLN A 47 3.07 -10.74 3.82
C GLN A 47 4.01 -11.59 2.97
N HIS A 48 4.19 -11.18 1.72
CA HIS A 48 5.07 -11.90 0.81
C HIS A 48 6.53 -11.67 1.16
N THR A 49 6.83 -10.48 1.67
CA THR A 49 8.19 -10.14 2.07
C THR A 49 8.69 -11.10 3.14
N LEU A 50 7.89 -11.22 4.21
CA LEU A 50 8.24 -12.11 5.31
C LEU A 50 8.46 -13.53 4.79
N LYS A 51 7.50 -14.02 4.01
CA LYS A 51 7.58 -15.35 3.45
C LYS A 51 8.79 -15.49 2.54
N HIS A 52 9.02 -14.49 1.69
CA HIS A 52 10.17 -14.51 0.78
C HIS A 52 11.47 -14.75 1.54
N PHE A 53 11.53 -14.22 2.76
CA PHE A 53 12.71 -14.36 3.61
C PHE A 53 12.84 -15.80 4.11
N GLU A 54 11.80 -16.28 4.78
CA GLU A 54 11.79 -17.63 5.34
C GLU A 54 11.87 -18.70 4.24
N HIS A 55 11.21 -18.43 3.12
CA HIS A 55 11.20 -19.39 2.01
C HIS A 55 12.61 -19.57 1.45
N VAL A 56 13.21 -18.47 1.01
CA VAL A 56 14.55 -18.51 0.45
C VAL A 56 15.58 -18.92 1.52
N ARG A 57 15.23 -18.69 2.78
CA ARG A 57 16.10 -19.04 3.89
C ARG A 57 16.06 -20.54 4.17
N MET A 58 14.95 -21.18 3.79
CA MET A 58 14.77 -22.60 4.00
C MET A 58 15.33 -23.42 2.83
N VAL A 59 15.55 -22.74 1.70
CA VAL A 59 16.07 -23.41 0.51
C VAL A 59 17.46 -22.88 0.14
N ASP A 60 17.60 -21.56 0.15
CA ASP A 60 18.87 -20.93 -0.19
C ASP A 60 19.33 -19.99 0.93
N PRO A 61 19.80 -20.54 2.06
CA PRO A 61 20.26 -19.75 3.21
C PRO A 61 21.47 -18.89 2.84
N LYS A 62 22.30 -19.39 1.93
CA LYS A 62 23.49 -18.68 1.50
C LYS A 62 23.13 -17.37 0.81
N LYS A 63 22.29 -17.47 -0.23
CA LYS A 63 21.87 -16.28 -0.97
C LYS A 63 20.79 -15.52 -0.21
N ALA A 64 20.03 -16.24 0.60
CA ALA A 64 18.96 -15.63 1.39
C ALA A 64 19.49 -14.46 2.22
N ALA A 65 20.70 -14.63 2.75
CA ALA A 65 21.33 -13.60 3.55
C ALA A 65 21.78 -12.43 2.69
N GLN A 66 22.10 -12.73 1.43
CA GLN A 66 22.55 -11.71 0.49
C GLN A 66 21.38 -10.87 -0.01
N ILE A 67 20.21 -11.50 -0.11
CA ILE A 67 19.02 -10.81 -0.58
C ILE A 67 18.35 -10.01 0.55
N ARG A 68 18.80 -10.22 1.78
CA ARG A 68 18.27 -9.53 2.94
C ARG A 68 17.99 -8.05 2.65
N SER A 69 19.00 -7.37 2.12
CA SER A 69 18.87 -5.96 1.78
C SER A 69 17.75 -5.74 0.77
N GLN A 70 17.61 -6.68 -0.15
CA GLN A 70 16.56 -6.58 -1.18
C GLN A 70 15.20 -6.89 -0.57
N VAL A 71 15.11 -8.02 0.12
CA VAL A 71 13.85 -8.42 0.75
C VAL A 71 13.47 -7.40 1.82
N MET A 72 14.48 -6.81 2.45
CA MET A 72 14.26 -5.81 3.49
C MET A 72 13.65 -4.55 2.89
N THR A 73 14.28 -4.05 1.82
CA THR A 73 13.79 -2.84 1.16
C THR A 73 12.34 -3.00 0.71
N HIS A 74 11.96 -4.23 0.35
CA HIS A 74 10.61 -4.51 -0.09
C HIS A 74 9.63 -4.28 1.05
N LEU A 75 10.02 -4.67 2.25
CA LEU A 75 9.18 -4.51 3.43
C LEU A 75 9.00 -3.03 3.76
N ARG A 76 10.10 -2.29 3.78
CA ARG A 76 10.05 -0.86 4.07
C ARG A 76 9.27 -0.14 2.98
N VAL A 77 9.41 -0.61 1.75
CA VAL A 77 8.69 -0.02 0.63
C VAL A 77 7.18 -0.10 0.85
N ILE A 78 6.73 -1.19 1.47
CA ILE A 78 5.32 -1.38 1.75
C ILE A 78 4.79 -0.24 2.63
N TYR A 79 5.44 -0.05 3.77
CA TYR A 79 5.05 0.99 4.71
C TYR A 79 5.49 2.37 4.22
N GLU A 80 6.69 2.44 3.65
CA GLU A 80 7.22 3.69 3.14
C GLU A 80 6.34 4.26 2.05
N ARG A 81 6.07 3.45 1.03
CA ARG A 81 5.23 3.88 -0.09
C ARG A 81 3.87 4.33 0.42
N MET A 82 3.37 3.66 1.46
CA MET A 82 2.08 4.00 2.04
C MET A 82 2.07 5.46 2.51
N ASN A 83 3.22 5.92 2.98
CA ASN A 83 3.36 7.29 3.44
C ASN A 83 3.35 8.26 2.27
N GLN A 84 3.84 7.80 1.12
CA GLN A 84 3.90 8.62 -0.07
C GLN A 84 2.49 8.89 -0.60
N SER A 85 1.61 7.91 -0.44
CA SER A 85 0.23 8.03 -0.89
C SER A 85 -0.52 9.09 -0.08
N LEU A 86 -0.30 9.07 1.23
CA LEU A 86 -0.95 10.02 2.12
C LEU A 86 -0.65 11.46 1.70
N SER A 87 0.60 11.72 1.34
CA SER A 87 1.01 13.04 0.91
C SER A 87 0.36 13.41 -0.41
N LEU A 88 0.18 12.41 -1.26
CA LEU A 88 -0.44 12.61 -2.57
C LEU A 88 -1.88 13.08 -2.41
N LEU A 89 -2.57 12.52 -1.42
CA LEU A 89 -3.95 12.89 -1.17
C LEU A 89 -4.01 14.09 -0.24
N TYR A 90 -3.03 14.18 0.67
CA TYR A 90 -2.98 15.29 1.60
C TYR A 90 -2.95 16.62 0.84
N ASN A 91 -2.52 16.57 -0.42
CA ASN A 91 -2.47 17.76 -1.26
C ASN A 91 -3.78 18.54 -1.15
N VAL A 92 -4.86 17.82 -0.88
CA VAL A 92 -6.18 18.42 -0.74
C VAL A 92 -6.59 18.44 0.74
N PRO A 93 -6.04 19.40 1.51
CA PRO A 93 -6.33 19.51 2.94
C PRO A 93 -7.83 19.45 3.24
N ALA A 94 -8.64 19.84 2.27
CA ALA A 94 -10.09 19.82 2.42
C ALA A 94 -10.62 18.40 2.41
N VAL A 95 -10.21 17.62 1.41
CA VAL A 95 -10.64 16.24 1.27
C VAL A 95 -9.82 15.32 2.18
N ALA A 96 -8.52 15.55 2.20
CA ALA A 96 -7.60 14.74 3.01
C ALA A 96 -8.06 14.66 4.46
N GLU A 97 -8.56 15.77 4.98
CA GLU A 97 -9.03 15.81 6.37
C GLU A 97 -10.33 15.04 6.54
N GLU A 98 -11.26 15.21 5.61
CA GLU A 98 -12.53 14.52 5.67
C GLU A 98 -12.34 13.02 5.48
N ILE A 99 -11.58 12.66 4.45
CA ILE A 99 -11.30 11.27 4.15
C ILE A 99 -10.45 10.63 5.24
N GLN A 100 -9.52 11.40 5.81
CA GLN A 100 -8.66 10.88 6.86
C GLN A 100 -9.48 10.45 8.07
N ASP A 101 -10.53 11.20 8.37
CA ASP A 101 -11.39 10.90 9.50
C ASP A 101 -12.03 9.53 9.34
N GLU A 102 -12.68 9.31 8.20
CA GLU A 102 -13.34 8.03 7.93
C GLU A 102 -12.31 6.95 7.59
N VAL A 103 -11.27 7.33 6.86
CA VAL A 103 -10.23 6.38 6.49
C VAL A 103 -9.49 5.88 7.73
N ASP A 104 -8.93 6.80 8.49
CA ASP A 104 -8.22 6.44 9.72
C ASP A 104 -9.11 5.62 10.63
N GLU A 105 -10.42 5.83 10.51
CA GLU A 105 -11.39 5.11 11.32
C GLU A 105 -11.62 3.70 10.78
N LEU A 106 -11.33 3.52 9.49
CA LEU A 106 -11.51 2.22 8.85
C LEU A 106 -10.36 1.27 9.18
N LEU A 107 -9.16 1.82 9.30
CA LEU A 107 -7.97 1.02 9.56
C LEU A 107 -7.73 0.78 11.06
N GLN A 108 -8.34 1.59 11.91
CA GLN A 108 -8.16 1.43 13.35
C GLN A 108 -8.61 0.04 13.80
N LYS A 109 -9.83 -0.32 13.44
CA LYS A 109 -10.37 -1.62 13.80
C LYS A 109 -10.05 -2.67 12.74
N GLU A 110 -9.84 -2.21 11.51
CA GLU A 110 -9.52 -3.10 10.40
C GLU A 110 -10.40 -4.35 10.40
N ARG A 1 8.67 -12.68 -9.89
CA ARG A 1 7.55 -12.12 -10.69
C ARG A 1 6.38 -11.74 -9.81
N VAL A 2 6.15 -12.51 -8.75
CA VAL A 2 5.06 -12.24 -7.82
C VAL A 2 5.20 -10.86 -7.19
N GLU A 3 6.42 -10.52 -6.78
CA GLU A 3 6.68 -9.23 -6.16
C GLU A 3 6.14 -8.09 -7.03
N ALA A 4 6.39 -8.19 -8.33
CA ALA A 4 5.93 -7.18 -9.27
C ALA A 4 4.40 -7.15 -9.32
N MET A 5 3.78 -8.31 -9.09
CA MET A 5 2.33 -8.41 -9.12
C MET A 5 1.72 -7.61 -7.97
N LEU A 6 2.38 -7.63 -6.81
CA LEU A 6 1.92 -6.91 -5.64
C LEU A 6 1.93 -5.41 -5.89
N ASN A 7 2.96 -4.94 -6.58
CA ASN A 7 3.10 -3.52 -6.89
C ASN A 7 1.94 -3.05 -7.77
N ASP A 8 1.54 -3.89 -8.72
CA ASP A 8 0.44 -3.56 -9.62
C ASP A 8 -0.85 -3.39 -8.85
N ARG A 9 -1.17 -4.37 -8.01
CA ARG A 9 -2.39 -4.33 -7.21
C ARG A 9 -2.42 -3.08 -6.33
N ARG A 10 -1.23 -2.60 -5.96
CA ARG A 10 -1.11 -1.41 -5.13
C ARG A 10 -1.11 -0.14 -5.98
N ARG A 11 -0.45 -0.22 -7.14
CA ARG A 11 -0.36 0.92 -8.04
C ARG A 11 -1.74 1.23 -8.60
N LEU A 12 -2.44 0.20 -9.09
CA LEU A 12 -3.77 0.37 -9.65
C LEU A 12 -4.74 0.83 -8.57
N ALA A 13 -4.62 0.24 -7.37
CA ALA A 13 -5.49 0.61 -6.27
C ALA A 13 -5.25 2.06 -5.88
N LEU A 14 -3.99 2.46 -5.94
CA LEU A 14 -3.61 3.84 -5.63
C LEU A 14 -4.08 4.76 -6.74
N GLU A 15 -3.70 4.41 -7.96
CA GLU A 15 -4.08 5.19 -9.13
C GLU A 15 -5.60 5.21 -9.28
N ASN A 16 -6.27 4.19 -8.72
CA ASN A 16 -7.72 4.10 -8.81
C ASN A 16 -8.40 5.13 -7.89
N TYR A 17 -7.95 5.19 -6.64
CA TYR A 17 -8.55 6.15 -5.70
C TYR A 17 -8.18 7.57 -6.09
N ILE A 18 -7.01 7.73 -6.71
CA ILE A 18 -6.54 9.03 -7.15
C ILE A 18 -7.47 9.58 -8.23
N THR A 19 -8.00 8.68 -9.05
CA THR A 19 -8.92 9.08 -10.11
C THR A 19 -10.11 9.82 -9.52
N ALA A 20 -10.69 9.26 -8.47
CA ALA A 20 -11.82 9.87 -7.80
C ALA A 20 -11.41 11.20 -7.18
N LEU A 21 -10.15 11.28 -6.75
CA LEU A 21 -9.61 12.49 -6.14
C LEU A 21 -9.71 13.66 -7.13
N GLN A 22 -9.37 13.37 -8.39
CA GLN A 22 -9.42 14.39 -9.44
C GLN A 22 -10.82 14.57 -10.00
N ALA A 23 -11.71 13.62 -9.69
CA ALA A 23 -13.10 13.66 -10.15
C ALA A 23 -13.63 15.10 -10.25
N VAL A 24 -13.54 15.82 -9.14
CA VAL A 24 -14.01 17.21 -9.09
C VAL A 24 -15.38 17.38 -9.74
N PRO A 25 -16.46 17.38 -8.95
CA PRO A 25 -16.40 17.22 -7.49
C PRO A 25 -16.01 15.80 -7.08
N PRO A 26 -15.08 15.66 -6.11
CA PRO A 26 -14.64 14.35 -5.64
C PRO A 26 -15.58 13.76 -4.60
N ARG A 27 -15.58 12.43 -4.50
CA ARG A 27 -16.43 11.74 -3.54
C ARG A 27 -15.62 11.25 -2.35
N PRO A 28 -15.30 12.15 -1.40
CA PRO A 28 -14.52 11.80 -0.20
C PRO A 28 -15.05 10.57 0.51
N ARG A 29 -16.33 10.26 0.29
CA ARG A 29 -16.95 9.10 0.92
C ARG A 29 -16.78 7.86 0.07
N HIS A 30 -16.64 8.03 -1.23
CA HIS A 30 -16.45 6.92 -2.14
C HIS A 30 -14.97 6.59 -2.21
N VAL A 31 -14.16 7.64 -2.16
CA VAL A 31 -12.71 7.49 -2.19
C VAL A 31 -12.22 6.75 -0.97
N PHE A 32 -12.79 7.07 0.20
CA PHE A 32 -12.41 6.42 1.44
C PHE A 32 -12.53 4.91 1.29
N ASN A 33 -13.41 4.47 0.39
CA ASN A 33 -13.60 3.06 0.14
C ASN A 33 -12.44 2.49 -0.66
N MET A 34 -11.99 3.24 -1.66
CA MET A 34 -10.88 2.80 -2.49
C MET A 34 -9.58 2.71 -1.67
N LEU A 35 -9.50 3.52 -0.63
CA LEU A 35 -8.32 3.51 0.23
C LEU A 35 -8.30 2.24 1.08
N LYS A 36 -9.45 1.91 1.65
CA LYS A 36 -9.57 0.71 2.49
C LYS A 36 -9.13 -0.53 1.74
N LYS A 37 -9.34 -0.54 0.42
CA LYS A 37 -8.93 -1.69 -0.40
C LYS A 37 -7.47 -1.57 -0.79
N TYR A 38 -7.09 -0.41 -1.32
CA TYR A 38 -5.71 -0.17 -1.71
C TYR A 38 -4.78 -0.51 -0.55
N VAL A 39 -5.15 -0.05 0.63
CA VAL A 39 -4.38 -0.30 1.84
C VAL A 39 -4.31 -1.80 2.13
N ARG A 40 -5.44 -2.48 1.97
CA ARG A 40 -5.51 -3.91 2.20
C ARG A 40 -4.49 -4.65 1.33
N ALA A 41 -4.17 -4.05 0.18
CA ALA A 41 -3.20 -4.63 -0.73
C ALA A 41 -1.78 -4.50 -0.18
N GLU A 42 -1.51 -3.36 0.45
CA GLU A 42 -0.20 -3.12 1.04
C GLU A 42 0.06 -4.08 2.19
N GLN A 43 -0.98 -4.31 3.00
CA GLN A 43 -0.87 -5.22 4.13
C GLN A 43 -0.45 -6.61 3.67
N LYS A 44 -1.00 -7.04 2.54
CA LYS A 44 -0.67 -8.34 1.97
C LYS A 44 0.78 -8.39 1.53
N ASP A 45 1.26 -7.28 0.97
CA ASP A 45 2.64 -7.18 0.52
C ASP A 45 3.60 -7.31 1.69
N ARG A 46 3.22 -6.73 2.83
CA ARG A 46 4.04 -6.78 4.03
C ARG A 46 4.27 -8.23 4.44
N GLN A 47 3.19 -9.01 4.46
CA GLN A 47 3.27 -10.42 4.83
C GLN A 47 4.13 -11.18 3.84
N HIS A 48 4.10 -10.74 2.58
CA HIS A 48 4.88 -11.38 1.53
C HIS A 48 6.38 -11.18 1.78
N THR A 49 6.73 -10.01 2.30
CA THR A 49 8.13 -9.72 2.59
C THR A 49 8.69 -10.74 3.57
N LEU A 50 7.99 -10.92 4.69
CA LEU A 50 8.41 -11.88 5.70
C LEU A 50 8.52 -13.27 5.09
N LYS A 51 7.45 -13.69 4.42
CA LYS A 51 7.41 -14.99 3.77
C LYS A 51 8.54 -15.13 2.75
N HIS A 52 8.78 -14.05 2.00
CA HIS A 52 9.84 -14.06 0.99
C HIS A 52 11.17 -14.48 1.61
N PHE A 53 11.41 -14.01 2.82
CA PHE A 53 12.64 -14.35 3.54
C PHE A 53 12.77 -15.85 3.74
N GLU A 54 11.71 -16.46 4.27
CA GLU A 54 11.69 -17.90 4.53
C GLU A 54 11.51 -18.70 3.25
N HIS A 55 10.79 -18.14 2.29
CA HIS A 55 10.55 -18.81 1.01
C HIS A 55 11.85 -18.98 0.24
N VAL A 56 12.48 -17.85 -0.08
CA VAL A 56 13.74 -17.88 -0.81
C VAL A 56 14.82 -18.61 -0.03
N ARG A 57 14.65 -18.66 1.28
CA ARG A 57 15.61 -19.33 2.15
C ARG A 57 15.44 -20.85 2.09
N MET A 58 14.25 -21.29 1.71
CA MET A 58 13.96 -22.73 1.61
C MET A 58 14.31 -23.26 0.23
N VAL A 59 14.46 -22.37 -0.75
CA VAL A 59 14.80 -22.78 -2.11
C VAL A 59 16.16 -22.24 -2.52
N ASP A 60 16.43 -20.98 -2.21
CA ASP A 60 17.69 -20.36 -2.55
C ASP A 60 18.35 -19.72 -1.33
N PRO A 61 18.90 -20.55 -0.42
CA PRO A 61 19.55 -20.06 0.80
C PRO A 61 20.77 -19.20 0.50
N LYS A 62 21.42 -19.48 -0.62
CA LYS A 62 22.61 -18.72 -1.03
C LYS A 62 22.26 -17.27 -1.32
N LYS A 63 21.32 -17.06 -2.24
CA LYS A 63 20.90 -15.71 -2.60
C LYS A 63 19.99 -15.13 -1.54
N ALA A 64 19.27 -16.01 -0.83
CA ALA A 64 18.36 -15.58 0.22
C ALA A 64 19.06 -14.66 1.22
N ALA A 65 20.29 -15.02 1.57
CA ALA A 65 21.08 -14.22 2.51
C ALA A 65 21.55 -12.93 1.86
N GLN A 66 21.75 -12.98 0.54
CA GLN A 66 22.20 -11.81 -0.21
C GLN A 66 21.06 -10.82 -0.39
N ILE A 67 19.84 -11.33 -0.49
CA ILE A 67 18.67 -10.48 -0.68
C ILE A 67 18.18 -9.90 0.64
N ARG A 68 18.74 -10.37 1.76
CA ARG A 68 18.37 -9.89 3.08
C ARG A 68 18.18 -8.38 3.10
N SER A 69 19.15 -7.65 2.56
CA SER A 69 19.10 -6.20 2.51
C SER A 69 17.93 -5.73 1.65
N GLN A 70 17.64 -6.50 0.61
CA GLN A 70 16.55 -6.17 -0.30
C GLN A 70 15.20 -6.50 0.34
N VAL A 71 15.11 -7.66 0.95
CA VAL A 71 13.88 -8.08 1.61
C VAL A 71 13.53 -7.13 2.75
N MET A 72 14.57 -6.57 3.38
CA MET A 72 14.37 -5.63 4.48
C MET A 72 13.76 -4.33 3.97
N THR A 73 14.38 -3.74 2.95
CA THR A 73 13.88 -2.50 2.38
C THR A 73 12.46 -2.69 1.86
N HIS A 74 12.16 -3.91 1.42
CA HIS A 74 10.84 -4.23 0.90
C HIS A 74 9.77 -3.98 1.97
N LEU A 75 10.08 -4.40 3.19
CA LEU A 75 9.16 -4.20 4.31
C LEU A 75 8.97 -2.72 4.58
N ARG A 76 10.07 -1.98 4.55
CA ARG A 76 10.03 -0.54 4.77
C ARG A 76 9.21 0.13 3.68
N VAL A 77 9.42 -0.29 2.44
CA VAL A 77 8.69 0.26 1.31
C VAL A 77 7.18 0.14 1.53
N ILE A 78 6.76 -0.96 2.13
CA ILE A 78 5.36 -1.20 2.41
C ILE A 78 4.78 -0.05 3.24
N TYR A 79 5.42 0.22 4.38
CA TYR A 79 4.98 1.28 5.27
C TYR A 79 5.35 2.65 4.71
N GLU A 80 6.56 2.76 4.17
CA GLU A 80 7.05 4.02 3.60
C GLU A 80 6.14 4.47 2.46
N ARG A 81 5.87 3.56 1.53
CA ARG A 81 5.02 3.88 0.39
C ARG A 81 3.65 4.35 0.86
N MET A 82 3.14 3.74 1.93
CA MET A 82 1.85 4.12 2.49
C MET A 82 1.83 5.61 2.82
N ASN A 83 2.98 6.11 3.27
CA ASN A 83 3.11 7.52 3.62
C ASN A 83 3.11 8.39 2.37
N GLN A 84 3.62 7.84 1.27
CA GLN A 84 3.67 8.56 0.00
C GLN A 84 2.28 8.76 -0.57
N SER A 85 1.42 7.75 -0.37
CA SER A 85 0.05 7.81 -0.86
C SER A 85 -0.72 8.92 -0.15
N LEU A 86 -0.51 9.05 1.15
CA LEU A 86 -1.19 10.06 1.94
C LEU A 86 -0.80 11.46 1.47
N SER A 87 0.45 11.62 1.05
CA SER A 87 0.94 12.90 0.57
C SER A 87 0.29 13.25 -0.77
N LEU A 88 0.14 12.25 -1.63
CA LEU A 88 -0.46 12.44 -2.94
C LEU A 88 -1.90 12.91 -2.80
N LEU A 89 -2.60 12.38 -1.81
CA LEU A 89 -3.99 12.75 -1.57
C LEU A 89 -4.05 13.97 -0.66
N TYR A 90 -3.07 14.09 0.24
CA TYR A 90 -3.01 15.22 1.15
C TYR A 90 -3.01 16.53 0.36
N ASN A 91 -2.59 16.45 -0.90
CA ASN A 91 -2.55 17.64 -1.77
C ASN A 91 -3.87 18.39 -1.66
N VAL A 92 -4.95 17.66 -1.38
CA VAL A 92 -6.27 18.24 -1.22
C VAL A 92 -6.65 18.27 0.25
N PRO A 93 -6.12 19.23 1.01
CA PRO A 93 -6.40 19.37 2.44
C PRO A 93 -7.89 19.24 2.75
N ALA A 94 -8.73 19.66 1.81
CA ALA A 94 -10.17 19.59 1.99
C ALA A 94 -10.66 18.14 1.99
N VAL A 95 -10.30 17.39 0.95
CA VAL A 95 -10.69 15.99 0.84
C VAL A 95 -9.86 15.13 1.78
N ALA A 96 -8.56 15.37 1.78
CA ALA A 96 -7.63 14.61 2.61
C ALA A 96 -8.10 14.56 4.07
N GLU A 97 -8.79 15.61 4.50
CA GLU A 97 -9.29 15.68 5.86
C GLU A 97 -10.52 14.81 6.06
N GLU A 98 -11.53 14.99 5.21
CA GLU A 98 -12.75 14.21 5.31
C GLU A 98 -12.46 12.73 5.13
N ILE A 99 -11.60 12.41 4.18
CA ILE A 99 -11.24 11.04 3.89
C ILE A 99 -10.37 10.43 5.00
N GLN A 100 -9.42 11.21 5.51
CA GLN A 100 -8.53 10.73 6.56
C GLN A 100 -9.31 10.41 7.83
N ASP A 101 -10.32 11.22 8.13
CA ASP A 101 -11.14 11.01 9.32
C ASP A 101 -11.81 9.64 9.29
N GLU A 102 -12.49 9.35 8.19
CA GLU A 102 -13.20 8.08 8.04
C GLU A 102 -12.24 6.95 7.65
N VAL A 103 -11.23 7.28 6.85
CA VAL A 103 -10.27 6.28 6.41
C VAL A 103 -9.54 5.68 7.61
N ASP A 104 -8.97 6.54 8.44
CA ASP A 104 -8.24 6.08 9.62
C ASP A 104 -9.17 5.30 10.55
N GLU A 105 -10.40 5.78 10.69
CA GLU A 105 -11.38 5.14 11.55
C GLU A 105 -11.81 3.78 10.97
N LEU A 106 -11.70 3.65 9.65
CA LEU A 106 -12.11 2.42 8.97
C LEU A 106 -11.07 1.31 9.18
N LEU A 107 -9.79 1.68 9.23
CA LEU A 107 -8.72 0.71 9.38
C LEU A 107 -8.48 0.33 10.84
N GLN A 108 -8.99 1.12 11.77
CA GLN A 108 -8.81 0.83 13.19
C GLN A 108 -9.33 -0.57 13.53
N LYS A 109 -10.54 -0.85 13.08
CA LYS A 109 -11.16 -2.15 13.33
C LYS A 109 -10.33 -3.28 12.73
N GLU A 110 -9.62 -2.98 11.63
CA GLU A 110 -8.79 -3.98 10.96
C GLU A 110 -7.74 -4.53 11.91
N ARG A 1 7.17 -13.15 -10.30
CA ARG A 1 6.04 -12.60 -11.11
C ARG A 1 4.92 -12.09 -10.22
N VAL A 2 4.66 -12.82 -9.14
CA VAL A 2 3.60 -12.45 -8.20
C VAL A 2 3.80 -11.02 -7.69
N GLU A 3 5.05 -10.67 -7.39
CA GLU A 3 5.37 -9.33 -6.90
C GLU A 3 4.78 -8.27 -7.81
N ALA A 4 4.92 -8.48 -9.12
CA ALA A 4 4.40 -7.56 -10.11
C ALA A 4 2.88 -7.50 -10.05
N MET A 5 2.27 -8.63 -9.68
CA MET A 5 0.82 -8.71 -9.59
C MET A 5 0.30 -7.84 -8.45
N LEU A 6 0.98 -7.91 -7.31
CA LEU A 6 0.60 -7.14 -6.14
C LEU A 6 0.78 -5.65 -6.40
N ASN A 7 1.69 -5.30 -7.30
CA ASN A 7 1.95 -3.91 -7.63
C ASN A 7 0.87 -3.34 -8.53
N ASP A 8 0.46 -4.12 -9.52
CA ASP A 8 -0.58 -3.69 -10.45
C ASP A 8 -1.89 -3.41 -9.72
N ARG A 9 -2.36 -4.41 -8.98
CA ARG A 9 -3.59 -4.28 -8.22
C ARG A 9 -3.51 -3.10 -7.25
N ARG A 10 -2.30 -2.84 -6.76
CA ARG A 10 -2.09 -1.74 -5.82
C ARG A 10 -1.98 -0.42 -6.58
N ARG A 11 -1.29 -0.44 -7.71
CA ARG A 11 -1.12 0.75 -8.52
C ARG A 11 -2.47 1.26 -9.00
N LEU A 12 -3.14 0.42 -9.77
CA LEU A 12 -4.46 0.77 -10.30
C LEU A 12 -5.40 1.18 -9.17
N ALA A 13 -5.24 0.55 -8.00
CA ALA A 13 -6.07 0.87 -6.85
C ALA A 13 -5.83 2.30 -6.39
N LEU A 14 -4.58 2.70 -6.39
CA LEU A 14 -4.20 4.05 -5.99
C LEU A 14 -4.61 5.05 -7.07
N GLU A 15 -4.35 4.69 -8.32
CA GLU A 15 -4.70 5.55 -9.44
C GLU A 15 -6.21 5.67 -9.58
N ASN A 16 -6.92 4.64 -9.12
CA ASN A 16 -8.38 4.63 -9.19
C ASN A 16 -8.99 5.65 -8.22
N TYR A 17 -8.50 5.64 -6.98
CA TYR A 17 -9.00 6.57 -5.97
C TYR A 17 -8.65 8.00 -6.37
N ILE A 18 -7.46 8.19 -6.92
CA ILE A 18 -7.01 9.51 -7.36
C ILE A 18 -8.01 10.10 -8.35
N THR A 19 -8.60 9.24 -9.18
CA THR A 19 -9.58 9.69 -10.15
C THR A 19 -10.72 10.41 -9.45
N ALA A 20 -11.20 9.79 -8.37
CA ALA A 20 -12.28 10.37 -7.59
C ALA A 20 -11.82 11.66 -6.92
N LEU A 21 -10.53 11.75 -6.64
CA LEU A 21 -9.95 12.93 -6.01
C LEU A 21 -10.12 14.14 -6.93
N GLN A 22 -9.88 13.93 -8.22
CA GLN A 22 -9.99 14.99 -9.21
C GLN A 22 -11.43 15.17 -9.67
N ALA A 23 -12.29 14.21 -9.34
CA ALA A 23 -13.70 14.25 -9.73
C ALA A 23 -14.26 15.67 -9.66
N VAL A 24 -14.14 16.29 -8.49
CA VAL A 24 -14.62 17.66 -8.29
C VAL A 24 -16.02 17.87 -8.89
N PRO A 25 -17.07 17.77 -8.08
CA PRO A 25 -16.97 17.47 -6.64
C PRO A 25 -16.47 16.04 -6.39
N PRO A 26 -15.52 15.86 -5.46
CA PRO A 26 -14.97 14.55 -5.14
C PRO A 26 -15.82 13.80 -4.14
N ARG A 27 -15.59 12.49 -4.03
CA ARG A 27 -16.34 11.65 -3.10
C ARG A 27 -15.43 11.14 -1.98
N PRO A 28 -15.13 11.98 -0.99
CA PRO A 28 -14.27 11.59 0.14
C PRO A 28 -14.65 10.23 0.73
N ARG A 29 -15.93 9.88 0.59
CA ARG A 29 -16.41 8.60 1.11
C ARG A 29 -16.19 7.47 0.13
N HIS A 30 -16.11 7.81 -1.16
CA HIS A 30 -15.87 6.81 -2.19
C HIS A 30 -14.38 6.62 -2.36
N VAL A 31 -13.65 7.72 -2.25
CA VAL A 31 -12.21 7.72 -2.38
C VAL A 31 -11.58 6.93 -1.24
N PHE A 32 -12.20 6.99 -0.06
CA PHE A 32 -11.70 6.27 1.10
C PHE A 32 -11.80 4.76 0.88
N ASN A 33 -12.76 4.36 0.04
CA ASN A 33 -12.95 2.95 -0.28
C ASN A 33 -11.78 2.39 -1.07
N MET A 34 -11.49 3.02 -2.21
CA MET A 34 -10.37 2.58 -3.04
C MET A 34 -9.09 2.51 -2.22
N LEU A 35 -8.99 3.38 -1.21
CA LEU A 35 -7.82 3.41 -0.35
C LEU A 35 -7.64 2.11 0.40
N LYS A 36 -8.70 1.68 1.09
CA LYS A 36 -8.65 0.43 1.85
C LYS A 36 -8.24 -0.74 0.96
N LYS A 37 -8.53 -0.62 -0.34
CA LYS A 37 -8.18 -1.67 -1.29
C LYS A 37 -6.68 -1.63 -1.57
N TYR A 38 -6.18 -0.45 -1.94
CA TYR A 38 -4.77 -0.27 -2.21
C TYR A 38 -3.96 -0.50 -0.94
N VAL A 39 -4.55 -0.13 0.20
CA VAL A 39 -3.90 -0.31 1.49
C VAL A 39 -3.77 -1.80 1.80
N ARG A 40 -4.88 -2.53 1.61
CA ARG A 40 -4.89 -3.97 1.86
C ARG A 40 -3.81 -4.67 1.03
N ALA A 41 -3.48 -4.07 -0.11
CA ALA A 41 -2.46 -4.62 -0.99
C ALA A 41 -1.08 -4.50 -0.37
N GLU A 42 -0.85 -3.38 0.31
CA GLU A 42 0.43 -3.15 0.97
C GLU A 42 0.67 -4.19 2.05
N GLN A 43 -0.35 -4.39 2.89
CA GLN A 43 -0.26 -5.37 3.97
C GLN A 43 0.06 -6.75 3.42
N LYS A 44 -0.57 -7.08 2.29
CA LYS A 44 -0.35 -8.38 1.65
C LYS A 44 1.08 -8.48 1.15
N ASP A 45 1.66 -7.34 0.76
CA ASP A 45 3.03 -7.31 0.27
C ASP A 45 4.01 -7.46 1.43
N ARG A 46 3.72 -6.79 2.54
CA ARG A 46 4.57 -6.85 3.71
C ARG A 46 4.68 -8.28 4.22
N GLN A 47 3.53 -8.90 4.45
CA GLN A 47 3.49 -10.29 4.92
C GLN A 47 4.11 -11.21 3.88
N HIS A 48 4.05 -10.80 2.60
CA HIS A 48 4.61 -11.59 1.52
C HIS A 48 6.13 -11.58 1.59
N THR A 49 6.69 -10.41 1.90
CA THR A 49 8.14 -10.27 2.01
C THR A 49 8.69 -11.18 3.10
N LEU A 50 7.89 -11.41 4.14
CA LEU A 50 8.28 -12.26 5.24
C LEU A 50 8.39 -13.71 4.78
N LYS A 51 7.45 -14.12 3.92
CA LYS A 51 7.44 -15.47 3.40
C LYS A 51 8.72 -15.77 2.64
N HIS A 52 9.12 -14.83 1.78
CA HIS A 52 10.34 -14.99 0.99
C HIS A 52 11.54 -15.26 1.89
N PHE A 53 11.61 -14.55 3.01
CA PHE A 53 12.69 -14.72 3.97
C PHE A 53 12.88 -16.18 4.32
N GLU A 54 11.79 -16.81 4.76
CA GLU A 54 11.82 -18.20 5.16
C GLU A 54 11.85 -19.12 3.95
N HIS A 55 11.08 -18.77 2.92
CA HIS A 55 11.04 -19.58 1.70
C HIS A 55 12.40 -19.65 1.03
N VAL A 56 12.98 -18.48 0.75
CA VAL A 56 14.29 -18.42 0.11
C VAL A 56 15.35 -19.09 0.96
N ARG A 57 15.13 -19.12 2.28
CA ARG A 57 16.08 -19.74 3.19
C ARG A 57 16.07 -21.25 3.04
N MET A 58 14.95 -21.79 2.59
CA MET A 58 14.81 -23.24 2.42
C MET A 58 15.23 -23.68 1.02
N VAL A 59 15.33 -22.73 0.10
CA VAL A 59 15.72 -23.05 -1.28
C VAL A 59 17.04 -22.39 -1.67
N ASP A 60 17.17 -21.10 -1.37
CA ASP A 60 18.39 -20.36 -1.70
C ASP A 60 18.97 -19.64 -0.48
N PRO A 61 19.59 -20.40 0.44
CA PRO A 61 20.19 -19.82 1.66
C PRO A 61 21.34 -18.87 1.34
N LYS A 62 22.05 -19.14 0.24
CA LYS A 62 23.18 -18.32 -0.17
C LYS A 62 22.72 -16.91 -0.51
N LYS A 63 21.80 -16.81 -1.47
CA LYS A 63 21.28 -15.51 -1.89
C LYS A 63 20.34 -14.95 -0.83
N ALA A 64 19.70 -15.84 -0.08
CA ALA A 64 18.77 -15.44 0.98
C ALA A 64 19.42 -14.43 1.90
N ALA A 65 20.69 -14.66 2.23
CA ALA A 65 21.43 -13.76 3.10
C ALA A 65 21.73 -12.45 2.40
N GLN A 66 21.88 -12.52 1.08
CA GLN A 66 22.17 -11.35 0.27
C GLN A 66 20.91 -10.50 0.12
N ILE A 67 19.79 -11.17 -0.11
CA ILE A 67 18.52 -10.48 -0.29
C ILE A 67 18.00 -9.89 1.02
N ARG A 68 18.52 -10.38 2.14
CA ARG A 68 18.11 -9.90 3.46
C ARG A 68 17.95 -8.39 3.49
N SER A 69 18.98 -7.68 3.04
CA SER A 69 18.96 -6.22 3.01
C SER A 69 17.81 -5.73 2.13
N GLN A 70 17.52 -6.47 1.08
CA GLN A 70 16.44 -6.12 0.15
C GLN A 70 15.08 -6.46 0.77
N VAL A 71 15.02 -7.61 1.43
CA VAL A 71 13.79 -8.04 2.07
C VAL A 71 13.39 -7.07 3.18
N MET A 72 14.39 -6.48 3.82
CA MET A 72 14.15 -5.53 4.90
C MET A 72 13.54 -4.25 4.34
N THR A 73 14.21 -3.65 3.36
CA THR A 73 13.71 -2.43 2.73
C THR A 73 12.32 -2.67 2.15
N HIS A 74 12.03 -3.92 1.82
CA HIS A 74 10.74 -4.29 1.27
C HIS A 74 9.63 -3.97 2.26
N LEU A 75 9.81 -4.37 3.51
CA LEU A 75 8.81 -4.10 4.54
C LEU A 75 8.65 -2.59 4.73
N ARG A 76 9.77 -1.89 4.78
CA ARG A 76 9.76 -0.44 4.96
C ARG A 76 9.06 0.21 3.79
N VAL A 77 9.34 -0.27 2.58
CA VAL A 77 8.72 0.27 1.37
C VAL A 77 7.21 0.22 1.48
N ILE A 78 6.69 -0.84 2.08
CA ILE A 78 5.26 -1.01 2.26
C ILE A 78 4.67 0.18 3.02
N TYR A 79 5.21 0.44 4.21
CA TYR A 79 4.73 1.53 5.05
C TYR A 79 5.23 2.89 4.52
N GLU A 80 6.46 2.91 4.03
CA GLU A 80 7.05 4.14 3.50
C GLU A 80 6.25 4.64 2.30
N ARG A 81 6.15 3.81 1.27
CA ARG A 81 5.41 4.17 0.06
C ARG A 81 4.00 4.60 0.41
N MET A 82 3.43 3.95 1.42
CA MET A 82 2.08 4.28 1.86
C MET A 82 1.98 5.74 2.25
N ASN A 83 3.06 6.27 2.81
CA ASN A 83 3.11 7.67 3.23
C ASN A 83 3.17 8.58 2.01
N GLN A 84 3.78 8.08 0.94
CA GLN A 84 3.90 8.86 -0.30
C GLN A 84 2.53 9.07 -0.94
N SER A 85 1.73 8.00 -0.94
CA SER A 85 0.38 8.06 -1.51
C SER A 85 -0.48 9.08 -0.78
N LEU A 86 -0.34 9.14 0.54
CA LEU A 86 -1.11 10.07 1.35
C LEU A 86 -0.76 11.51 1.00
N SER A 87 0.48 11.74 0.60
CA SER A 87 0.94 13.07 0.22
C SER A 87 0.24 13.54 -1.04
N LEU A 88 -0.02 12.60 -1.95
CA LEU A 88 -0.67 12.92 -3.21
C LEU A 88 -2.08 13.42 -2.97
N LEU A 89 -2.75 12.80 -2.00
CA LEU A 89 -4.12 13.20 -1.66
C LEU A 89 -4.08 14.34 -0.65
N TYR A 90 -3.05 14.35 0.19
CA TYR A 90 -2.91 15.42 1.18
C TYR A 90 -2.92 16.78 0.49
N ASN A 91 -2.57 16.78 -0.80
CA ASN A 91 -2.56 18.03 -1.58
C ASN A 91 -3.87 18.78 -1.37
N VAL A 92 -4.93 18.03 -1.09
CA VAL A 92 -6.25 18.59 -0.85
C VAL A 92 -6.57 18.53 0.65
N PRO A 93 -5.98 19.44 1.45
CA PRO A 93 -6.20 19.48 2.89
C PRO A 93 -7.67 19.38 3.26
N ALA A 94 -8.54 19.83 2.35
CA ALA A 94 -9.98 19.80 2.57
C ALA A 94 -10.49 18.36 2.52
N VAL A 95 -10.10 17.63 1.50
CA VAL A 95 -10.52 16.25 1.33
C VAL A 95 -9.66 15.30 2.16
N ALA A 96 -8.35 15.57 2.15
CA ALA A 96 -7.40 14.74 2.88
C ALA A 96 -7.79 14.57 4.35
N GLU A 97 -8.36 15.62 4.94
CA GLU A 97 -8.77 15.58 6.33
C GLU A 97 -10.02 14.73 6.53
N GLU A 98 -11.01 14.96 5.69
CA GLU A 98 -12.27 14.21 5.77
C GLU A 98 -12.03 12.73 5.51
N ILE A 99 -11.22 12.44 4.51
CA ILE A 99 -10.91 11.06 4.13
C ILE A 99 -9.99 10.40 5.15
N GLN A 100 -9.02 11.15 5.67
CA GLN A 100 -8.07 10.61 6.64
C GLN A 100 -8.79 10.16 7.92
N ASP A 101 -9.75 10.97 8.36
CA ASP A 101 -10.50 10.65 9.57
C ASP A 101 -11.26 9.35 9.43
N GLU A 102 -11.97 9.18 8.31
CA GLU A 102 -12.73 7.97 8.06
C GLU A 102 -11.85 6.82 7.60
N VAL A 103 -10.79 7.13 6.86
CA VAL A 103 -9.89 6.10 6.35
C VAL A 103 -9.19 5.40 7.50
N ASP A 104 -8.52 6.17 8.36
CA ASP A 104 -7.82 5.60 9.50
C ASP A 104 -8.79 4.85 10.40
N GLU A 105 -10.00 5.38 10.52
CA GLU A 105 -11.03 4.78 11.35
C GLU A 105 -11.53 3.46 10.75
N LEU A 106 -11.38 3.32 9.44
CA LEU A 106 -11.82 2.11 8.73
C LEU A 106 -10.87 0.94 8.97
N LEU A 107 -9.59 1.24 9.14
CA LEU A 107 -8.58 0.20 9.33
C LEU A 107 -8.43 -0.20 10.80
N GLN A 108 -8.88 0.65 11.71
CA GLN A 108 -8.79 0.34 13.13
C GLN A 108 -9.54 -0.95 13.46
N LYS A 109 -10.72 -1.10 12.89
CA LYS A 109 -11.54 -2.28 13.12
C LYS A 109 -10.85 -3.53 12.58
N GLU A 110 -10.04 -3.36 11.54
CA GLU A 110 -9.33 -4.49 10.95
C GLU A 110 -8.43 -5.18 11.98
N ARG A 1 7.77 -12.49 -13.05
CA ARG A 1 7.31 -11.07 -13.04
C ARG A 1 6.22 -10.85 -11.99
N VAL A 2 6.21 -11.70 -10.96
CA VAL A 2 5.22 -11.59 -9.90
C VAL A 2 5.28 -10.21 -9.23
N GLU A 3 6.49 -9.73 -8.98
CA GLU A 3 6.66 -8.43 -8.34
C GLU A 3 5.87 -7.36 -9.07
N ALA A 4 5.94 -7.40 -10.41
CA ALA A 4 5.22 -6.45 -11.23
C ALA A 4 3.71 -6.58 -11.02
N MET A 5 3.27 -7.80 -10.73
CA MET A 5 1.86 -8.07 -10.51
C MET A 5 1.36 -7.35 -9.25
N LEU A 6 2.12 -7.49 -8.16
CA LEU A 6 1.77 -6.86 -6.90
C LEU A 6 1.65 -5.34 -7.08
N ASN A 7 2.56 -4.77 -7.86
CA ASN A 7 2.56 -3.35 -8.13
C ASN A 7 1.29 -2.93 -8.89
N ASP A 8 1.01 -3.64 -9.99
CA ASP A 8 -0.16 -3.35 -10.80
C ASP A 8 -1.41 -3.21 -9.92
N ARG A 9 -1.57 -4.14 -8.99
CA ARG A 9 -2.71 -4.11 -8.09
C ARG A 9 -2.71 -2.83 -7.25
N ARG A 10 -1.51 -2.33 -6.96
CA ARG A 10 -1.37 -1.12 -6.16
C ARG A 10 -1.54 0.12 -7.04
N ARG A 11 -0.97 0.10 -8.24
CA ARG A 11 -1.09 1.21 -9.16
C ARG A 11 -2.55 1.45 -9.50
N LEU A 12 -3.16 0.44 -10.09
CA LEU A 12 -4.56 0.51 -10.47
C LEU A 12 -5.43 0.94 -9.27
N ALA A 13 -5.07 0.43 -8.09
CA ALA A 13 -5.79 0.78 -6.88
C ALA A 13 -5.56 2.24 -6.53
N LEU A 14 -4.31 2.67 -6.67
CA LEU A 14 -3.95 4.05 -6.40
C LEU A 14 -4.62 4.97 -7.41
N GLU A 15 -4.49 4.63 -8.68
CA GLU A 15 -5.10 5.41 -9.75
C GLU A 15 -6.62 5.39 -9.62
N ASN A 16 -7.14 4.32 -9.00
CA ASN A 16 -8.58 4.17 -8.81
C ASN A 16 -9.10 5.17 -7.78
N TYR A 17 -8.45 5.25 -6.63
CA TYR A 17 -8.88 6.16 -5.58
C TYR A 17 -8.59 7.61 -6.00
N ILE A 18 -7.56 7.78 -6.82
CA ILE A 18 -7.19 9.10 -7.33
C ILE A 18 -8.27 9.63 -8.27
N THR A 19 -8.91 8.72 -8.99
CA THR A 19 -9.97 9.11 -9.91
C THR A 19 -11.11 9.76 -9.14
N ALA A 20 -11.52 9.12 -8.05
CA ALA A 20 -12.60 9.66 -7.22
C ALA A 20 -12.21 11.02 -6.66
N LEU A 21 -10.91 11.22 -6.46
CA LEU A 21 -10.40 12.48 -5.95
C LEU A 21 -10.78 13.63 -6.89
N GLN A 22 -10.56 13.42 -8.18
CA GLN A 22 -10.87 14.43 -9.19
C GLN A 22 -12.32 14.31 -9.68
N ALA A 23 -12.97 13.21 -9.30
CA ALA A 23 -14.36 12.94 -9.70
C ALA A 23 -15.16 14.23 -9.93
N VAL A 24 -15.11 15.14 -8.95
CA VAL A 24 -15.81 16.41 -9.05
C VAL A 24 -17.26 16.23 -9.55
N PRO A 25 -18.25 16.18 -8.62
CA PRO A 25 -18.01 16.31 -7.17
C PRO A 25 -17.39 15.03 -6.58
N PRO A 26 -16.36 15.18 -5.74
CA PRO A 26 -15.69 14.04 -5.12
C PRO A 26 -16.43 13.53 -3.88
N ARG A 27 -16.49 12.22 -3.73
CA ARG A 27 -17.18 11.61 -2.59
C ARG A 27 -16.16 11.15 -1.55
N PRO A 28 -15.71 12.07 -0.67
CA PRO A 28 -14.74 11.74 0.38
C PRO A 28 -15.10 10.48 1.15
N ARG A 29 -16.39 10.16 1.18
CA ARG A 29 -16.86 8.98 1.88
C ARG A 29 -16.78 7.74 1.00
N HIS A 30 -16.89 7.93 -0.31
CA HIS A 30 -16.79 6.81 -1.24
C HIS A 30 -15.33 6.58 -1.58
N VAL A 31 -14.60 7.69 -1.69
CA VAL A 31 -13.19 7.63 -2.00
C VAL A 31 -12.43 6.90 -0.89
N PHE A 32 -12.87 7.09 0.35
CA PHE A 32 -12.24 6.42 1.48
C PHE A 32 -12.28 4.91 1.28
N ASN A 33 -13.34 4.44 0.63
CA ASN A 33 -13.50 3.01 0.37
C ASN A 33 -12.43 2.52 -0.60
N MET A 34 -12.20 3.29 -1.66
CA MET A 34 -11.20 2.93 -2.66
C MET A 34 -9.83 2.75 -2.00
N LEU A 35 -9.56 3.57 -0.98
CA LEU A 35 -8.29 3.50 -0.26
C LEU A 35 -8.12 2.11 0.35
N LYS A 36 -9.15 1.64 1.05
CA LYS A 36 -9.14 0.33 1.66
C LYS A 36 -8.65 -0.73 0.68
N LYS A 37 -9.13 -0.64 -0.55
CA LYS A 37 -8.74 -1.58 -1.59
C LYS A 37 -7.24 -1.47 -1.86
N TYR A 38 -6.80 -0.25 -2.17
CA TYR A 38 -5.39 -0.01 -2.45
C TYR A 38 -4.54 -0.40 -1.23
N VAL A 39 -5.11 -0.17 -0.04
CA VAL A 39 -4.41 -0.51 1.20
C VAL A 39 -4.34 -2.02 1.36
N ARG A 40 -5.48 -2.69 1.23
CA ARG A 40 -5.53 -4.13 1.36
C ARG A 40 -4.54 -4.80 0.41
N ALA A 41 -4.22 -4.10 -0.68
CA ALA A 41 -3.27 -4.62 -1.66
C ALA A 41 -1.86 -4.60 -1.10
N GLU A 42 -1.51 -3.51 -0.41
CA GLU A 42 -0.19 -3.37 0.18
C GLU A 42 0.02 -4.44 1.24
N GLN A 43 -1.01 -4.66 2.07
CA GLN A 43 -0.95 -5.66 3.11
C GLN A 43 -0.58 -7.03 2.53
N LYS A 44 -1.10 -7.31 1.35
CA LYS A 44 -0.83 -8.57 0.68
C LYS A 44 0.64 -8.63 0.27
N ASP A 45 1.20 -7.48 -0.09
CA ASP A 45 2.60 -7.40 -0.50
C ASP A 45 3.51 -7.77 0.68
N ARG A 46 3.16 -7.29 1.86
CA ARG A 46 3.94 -7.57 3.05
C ARG A 46 3.98 -9.07 3.32
N GLN A 47 2.83 -9.72 3.12
CA GLN A 47 2.73 -11.16 3.32
C GLN A 47 3.68 -11.89 2.38
N HIS A 48 3.92 -11.32 1.22
CA HIS A 48 4.82 -11.90 0.23
C HIS A 48 6.25 -11.82 0.72
N THR A 49 6.56 -10.77 1.48
CA THR A 49 7.90 -10.57 2.00
C THR A 49 8.29 -11.73 2.90
N LEU A 50 7.41 -12.08 3.83
CA LEU A 50 7.66 -13.18 4.75
C LEU A 50 7.91 -14.48 3.98
N LYS A 51 7.10 -14.72 2.96
CA LYS A 51 7.24 -15.92 2.14
C LYS A 51 8.61 -15.96 1.48
N HIS A 52 9.07 -14.79 1.04
CA HIS A 52 10.38 -14.68 0.38
C HIS A 52 11.49 -15.14 1.32
N PHE A 53 11.32 -14.85 2.60
CA PHE A 53 12.30 -15.23 3.62
C PHE A 53 12.50 -16.74 3.61
N GLU A 54 11.40 -17.47 3.76
CA GLU A 54 11.43 -18.93 3.78
C GLU A 54 11.64 -19.49 2.38
N HIS A 55 11.12 -18.79 1.38
CA HIS A 55 11.25 -19.23 0.00
C HIS A 55 12.71 -19.22 -0.45
N VAL A 56 13.32 -18.03 -0.40
CA VAL A 56 14.72 -17.89 -0.78
C VAL A 56 15.62 -18.74 0.10
N ARG A 57 15.14 -19.05 1.30
CA ARG A 57 15.91 -19.86 2.24
C ARG A 57 15.89 -21.34 1.83
N MET A 58 14.87 -21.72 1.05
CA MET A 58 14.75 -23.10 0.59
C MET A 58 15.52 -23.33 -0.70
N VAL A 59 15.77 -22.26 -1.44
CA VAL A 59 16.50 -22.36 -2.71
C VAL A 59 17.87 -21.72 -2.62
N ASP A 60 17.95 -20.56 -1.96
CA ASP A 60 19.20 -19.84 -1.81
C ASP A 60 19.45 -19.48 -0.35
N PRO A 61 19.82 -20.47 0.49
CA PRO A 61 20.08 -20.24 1.92
C PRO A 61 21.25 -19.30 2.14
N LYS A 62 22.22 -19.32 1.23
CA LYS A 62 23.39 -18.47 1.34
C LYS A 62 23.02 -17.00 1.24
N LYS A 63 22.35 -16.63 0.16
CA LYS A 63 21.93 -15.25 -0.05
C LYS A 63 20.69 -14.94 0.79
N ALA A 64 19.90 -15.96 1.08
CA ALA A 64 18.69 -15.78 1.88
C ALA A 64 18.99 -15.07 3.19
N ALA A 65 20.12 -15.45 3.80
CA ALA A 65 20.53 -14.84 5.06
C ALA A 65 21.05 -13.43 4.83
N GLN A 66 21.62 -13.20 3.65
CA GLN A 66 22.16 -11.90 3.30
C GLN A 66 21.03 -10.91 3.01
N ILE A 67 19.92 -11.43 2.51
CA ILE A 67 18.77 -10.58 2.18
C ILE A 67 17.92 -10.28 3.40
N ARG A 68 18.23 -10.92 4.53
CA ARG A 68 17.50 -10.72 5.77
C ARG A 68 17.21 -9.23 6.01
N SER A 69 18.22 -8.40 5.80
CA SER A 69 18.07 -6.95 5.98
C SER A 69 17.21 -6.36 4.87
N GLN A 70 17.25 -6.98 3.69
CA GLN A 70 16.48 -6.53 2.55
C GLN A 70 15.00 -6.87 2.74
N VAL A 71 14.74 -8.10 3.18
CA VAL A 71 13.38 -8.55 3.41
C VAL A 71 12.68 -7.65 4.42
N MET A 72 13.46 -7.12 5.37
CA MET A 72 12.93 -6.23 6.38
C MET A 72 12.43 -4.94 5.75
N THR A 73 13.33 -4.26 5.04
CA THR A 73 12.97 -3.01 4.38
C THR A 73 11.76 -3.20 3.47
N HIS A 74 11.61 -4.42 2.95
CA HIS A 74 10.49 -4.74 2.08
C HIS A 74 9.17 -4.49 2.80
N LEU A 75 9.06 -4.99 4.03
CA LEU A 75 7.85 -4.79 4.82
C LEU A 75 7.64 -3.29 5.07
N ARG A 76 8.73 -2.62 5.43
CA ARG A 76 8.68 -1.18 5.68
C ARG A 76 8.18 -0.44 4.45
N VAL A 77 8.68 -0.87 3.28
CA VAL A 77 8.29 -0.26 2.02
C VAL A 77 6.77 -0.26 1.86
N ILE A 78 6.14 -1.35 2.27
CA ILE A 78 4.69 -1.46 2.18
C ILE A 78 4.02 -0.31 2.92
N TYR A 79 4.38 -0.13 4.18
CA TYR A 79 3.81 0.93 5.00
C TYR A 79 4.38 2.29 4.61
N GLU A 80 5.68 2.34 4.35
CA GLU A 80 6.33 3.59 3.97
C GLU A 80 5.72 4.14 2.68
N ARG A 81 5.73 3.32 1.64
CA ARG A 81 5.17 3.72 0.36
C ARG A 81 3.72 4.15 0.51
N MET A 82 3.03 3.56 1.49
CA MET A 82 1.64 3.90 1.75
C MET A 82 1.54 5.39 2.08
N ASN A 83 2.54 5.89 2.79
CA ASN A 83 2.57 7.30 3.17
C ASN A 83 2.74 8.16 1.92
N GLN A 84 3.51 7.66 0.96
CA GLN A 84 3.73 8.38 -0.29
C GLN A 84 2.39 8.66 -0.98
N SER A 85 1.52 7.67 -0.99
CA SER A 85 0.20 7.82 -1.59
C SER A 85 -0.56 8.95 -0.92
N LEU A 86 -0.43 9.05 0.40
CA LEU A 86 -1.09 10.10 1.16
C LEU A 86 -0.71 11.47 0.63
N SER A 87 0.52 11.59 0.14
CA SER A 87 1.00 12.85 -0.41
C SER A 87 0.27 13.18 -1.70
N LEU A 88 0.01 12.16 -2.51
CA LEU A 88 -0.69 12.34 -3.76
C LEU A 88 -2.09 12.88 -3.53
N LEU A 89 -2.75 12.35 -2.52
CA LEU A 89 -4.10 12.79 -2.18
C LEU A 89 -4.02 14.06 -1.34
N TYR A 90 -2.95 14.19 -0.55
CA TYR A 90 -2.77 15.38 0.26
C TYR A 90 -2.82 16.63 -0.60
N ASN A 91 -2.53 16.46 -1.90
CA ASN A 91 -2.57 17.58 -2.83
C ASN A 91 -3.86 18.38 -2.66
N VAL A 92 -4.91 17.68 -2.21
CA VAL A 92 -6.21 18.29 -1.96
C VAL A 92 -6.42 18.45 -0.45
N PRO A 93 -5.79 19.47 0.16
CA PRO A 93 -5.90 19.72 1.60
C PRO A 93 -7.34 19.64 2.10
N ALA A 94 -8.29 20.01 1.25
CA ALA A 94 -9.69 19.98 1.61
C ALA A 94 -10.19 18.55 1.80
N VAL A 95 -9.98 17.72 0.78
CA VAL A 95 -10.40 16.33 0.82
C VAL A 95 -9.46 15.50 1.67
N ALA A 96 -8.15 15.74 1.50
CA ALA A 96 -7.13 15.01 2.24
C ALA A 96 -7.41 15.02 3.74
N GLU A 97 -7.99 16.10 4.22
CA GLU A 97 -8.29 16.23 5.65
C GLU A 97 -9.55 15.46 6.02
N GLU A 98 -10.63 15.69 5.29
CA GLU A 98 -11.90 15.01 5.55
C GLU A 98 -11.76 13.50 5.39
N ILE A 99 -11.06 13.09 4.33
CA ILE A 99 -10.85 11.68 4.06
C ILE A 99 -9.87 11.04 5.06
N GLN A 100 -8.85 11.80 5.46
CA GLN A 100 -7.85 11.30 6.39
C GLN A 100 -8.51 10.93 7.72
N ASP A 101 -9.42 11.77 8.19
CA ASP A 101 -10.12 11.53 9.45
C ASP A 101 -10.88 10.21 9.39
N GLU A 102 -11.66 10.03 8.34
CA GLU A 102 -12.44 8.80 8.17
C GLU A 102 -11.55 7.63 7.80
N VAL A 103 -10.57 7.88 6.93
CA VAL A 103 -9.65 6.84 6.50
C VAL A 103 -8.83 6.32 7.68
N ASP A 104 -8.18 7.24 8.39
CA ASP A 104 -7.37 6.86 9.54
C ASP A 104 -8.21 6.10 10.56
N GLU A 105 -9.51 6.37 10.57
CA GLU A 105 -10.42 5.72 11.50
C GLU A 105 -10.74 4.29 11.02
N LEU A 106 -10.61 4.07 9.72
CA LEU A 106 -10.88 2.76 9.14
C LEU A 106 -9.75 1.78 9.39
N LEU A 107 -8.51 2.27 9.33
CA LEU A 107 -7.35 1.41 9.51
C LEU A 107 -6.94 1.26 10.97
N GLN A 108 -7.32 2.21 11.82
CA GLN A 108 -6.96 2.12 13.24
C GLN A 108 -7.62 0.93 13.90
N LYS A 109 -8.94 0.89 13.84
CA LYS A 109 -9.71 -0.21 14.43
C LYS A 109 -9.21 -1.56 13.94
N GLU A 110 -8.85 -1.62 12.65
CA GLU A 110 -8.35 -2.85 12.07
C GLU A 110 -6.82 -2.89 12.07
N ARG A 1 6.29 -12.72 -11.00
CA ARG A 1 5.04 -12.28 -11.70
C ARG A 1 4.04 -11.69 -10.73
N VAL A 2 3.77 -12.42 -9.65
CA VAL A 2 2.82 -11.97 -8.63
C VAL A 2 3.27 -10.64 -8.02
N GLU A 3 4.56 -10.53 -7.73
CA GLU A 3 5.11 -9.32 -7.14
C GLU A 3 4.71 -8.10 -7.96
N ALA A 4 4.92 -8.20 -9.27
CA ALA A 4 4.58 -7.12 -10.19
C ALA A 4 3.07 -6.86 -10.18
N MET A 5 2.30 -7.92 -9.94
CA MET A 5 0.85 -7.81 -9.90
C MET A 5 0.40 -7.02 -8.69
N LEU A 6 1.02 -7.28 -7.55
CA LEU A 6 0.68 -6.57 -6.31
C LEU A 6 0.82 -5.08 -6.49
N ASN A 7 1.85 -4.67 -7.22
CA ASN A 7 2.10 -3.25 -7.47
C ASN A 7 0.95 -2.64 -8.26
N ASP A 8 0.64 -3.24 -9.41
CA ASP A 8 -0.44 -2.75 -10.26
C ASP A 8 -1.71 -2.51 -9.44
N ARG A 9 -2.03 -3.45 -8.56
CA ARG A 9 -3.20 -3.34 -7.71
C ARG A 9 -3.14 -2.07 -6.86
N ARG A 10 -1.92 -1.69 -6.48
CA ARG A 10 -1.72 -0.50 -5.67
C ARG A 10 -1.75 0.76 -6.53
N ARG A 11 -1.12 0.70 -7.70
CA ARG A 11 -1.09 1.83 -8.62
C ARG A 11 -2.50 2.19 -9.04
N LEU A 12 -3.17 1.23 -9.65
CA LEU A 12 -4.53 1.44 -10.11
C LEU A 12 -5.44 1.87 -8.96
N ALA A 13 -5.22 1.29 -7.78
CA ALA A 13 -6.01 1.66 -6.61
C ALA A 13 -5.73 3.10 -6.22
N LEU A 14 -4.45 3.46 -6.29
CA LEU A 14 -4.04 4.82 -5.96
C LEU A 14 -4.56 5.79 -7.01
N GLU A 15 -4.28 5.49 -8.27
CA GLU A 15 -4.73 6.32 -9.37
C GLU A 15 -6.25 6.39 -9.40
N ASN A 16 -6.89 5.36 -8.84
CA ASN A 16 -8.34 5.29 -8.81
C ASN A 16 -8.93 6.32 -7.86
N TYR A 17 -8.44 6.38 -6.63
CA TYR A 17 -8.98 7.35 -5.67
C TYR A 17 -8.56 8.76 -6.09
N ILE A 18 -7.40 8.86 -6.73
CA ILE A 18 -6.91 10.15 -7.20
C ILE A 18 -7.90 10.76 -8.18
N THR A 19 -8.56 9.90 -8.96
CA THR A 19 -9.54 10.36 -9.92
C THR A 19 -10.74 10.95 -9.20
N ALA A 20 -11.21 10.23 -8.19
CA ALA A 20 -12.34 10.70 -7.40
C ALA A 20 -11.98 11.99 -6.67
N LEU A 21 -10.68 12.16 -6.40
CA LEU A 21 -10.18 13.35 -5.72
C LEU A 21 -10.49 14.58 -6.55
N GLN A 22 -10.15 14.53 -7.83
CA GLN A 22 -10.37 15.64 -8.75
C GLN A 22 -11.79 15.64 -9.30
N ALA A 23 -12.51 14.54 -9.09
CA ALA A 23 -13.89 14.39 -9.56
C ALA A 23 -14.63 15.73 -9.61
N VAL A 24 -14.58 16.48 -8.52
CA VAL A 24 -15.23 17.78 -8.44
C VAL A 24 -16.66 17.73 -8.99
N PRO A 25 -17.68 17.54 -8.13
CA PRO A 25 -17.49 17.39 -6.68
C PRO A 25 -16.97 16.00 -6.32
N PRO A 26 -15.93 15.92 -5.46
CA PRO A 26 -15.35 14.65 -5.03
C PRO A 26 -16.25 13.91 -4.04
N ARG A 27 -16.05 12.60 -3.95
CA ARG A 27 -16.84 11.77 -3.04
C ARG A 27 -15.96 11.21 -1.92
N PRO A 28 -15.70 12.02 -0.87
CA PRO A 28 -14.88 11.59 0.27
C PRO A 28 -15.31 10.24 0.82
N ARG A 29 -16.56 9.87 0.58
CA ARG A 29 -17.09 8.60 1.06
C ARG A 29 -16.81 7.48 0.06
N HIS A 30 -16.69 7.84 -1.21
CA HIS A 30 -16.41 6.87 -2.24
C HIS A 30 -14.91 6.68 -2.36
N VAL A 31 -14.19 7.79 -2.16
CA VAL A 31 -12.74 7.78 -2.22
C VAL A 31 -12.16 6.95 -1.08
N PHE A 32 -12.81 7.02 0.09
CA PHE A 32 -12.35 6.26 1.24
C PHE A 32 -12.42 4.77 0.95
N ASN A 33 -13.33 4.38 0.05
CA ASN A 33 -13.47 2.98 -0.31
C ASN A 33 -12.26 2.49 -1.09
N MET A 34 -11.93 3.17 -2.18
CA MET A 34 -10.78 2.78 -2.98
C MET A 34 -9.51 2.74 -2.13
N LEU A 35 -9.50 3.54 -1.07
CA LEU A 35 -8.36 3.60 -0.17
C LEU A 35 -8.16 2.26 0.54
N LYS A 36 -9.23 1.76 1.16
CA LYS A 36 -9.16 0.49 1.88
C LYS A 36 -8.68 -0.63 0.95
N LYS A 37 -8.94 -0.48 -0.34
CA LYS A 37 -8.51 -1.47 -1.32
C LYS A 37 -7.01 -1.37 -1.56
N TYR A 38 -6.54 -0.14 -1.80
CA TYR A 38 -5.12 0.10 -2.03
C TYR A 38 -4.32 -0.33 -0.79
N VAL A 39 -4.83 0.01 0.38
CA VAL A 39 -4.17 -0.34 1.63
C VAL A 39 -4.04 -1.85 1.75
N ARG A 40 -5.11 -2.57 1.41
CA ARG A 40 -5.10 -4.02 1.47
C ARG A 40 -4.00 -4.59 0.59
N ALA A 41 -3.61 -3.84 -0.43
CA ALA A 41 -2.56 -4.26 -1.35
C ALA A 41 -1.18 -4.11 -0.72
N GLU A 42 -0.91 -2.91 -0.19
CA GLU A 42 0.37 -2.63 0.43
C GLU A 42 0.64 -3.62 1.58
N GLN A 43 -0.43 -4.09 2.21
CA GLN A 43 -0.32 -5.03 3.31
C GLN A 43 0.05 -6.41 2.79
N LYS A 44 -0.50 -6.77 1.65
CA LYS A 44 -0.23 -8.07 1.04
C LYS A 44 1.24 -8.16 0.63
N ASP A 45 1.80 -7.03 0.24
CA ASP A 45 3.20 -6.98 -0.16
C ASP A 45 4.12 -7.26 1.02
N ARG A 46 3.88 -6.56 2.13
CA ARG A 46 4.69 -6.75 3.33
C ARG A 46 4.60 -8.20 3.80
N GLN A 47 3.38 -8.74 3.82
CA GLN A 47 3.17 -10.12 4.24
C GLN A 47 3.85 -11.07 3.27
N HIS A 48 3.96 -10.65 2.01
CA HIS A 48 4.60 -11.47 0.98
C HIS A 48 6.11 -11.50 1.19
N THR A 49 6.65 -10.38 1.65
CA THR A 49 8.08 -10.26 1.91
C THR A 49 8.52 -11.28 2.95
N LEU A 50 7.74 -11.40 4.02
CA LEU A 50 8.03 -12.34 5.09
C LEU A 50 8.13 -13.76 4.53
N LYS A 51 7.11 -14.16 3.78
CA LYS A 51 7.07 -15.49 3.18
C LYS A 51 8.34 -15.77 2.40
N HIS A 52 8.84 -14.75 1.70
CA HIS A 52 10.06 -14.90 0.91
C HIS A 52 11.23 -15.27 1.81
N PHE A 53 11.34 -14.60 2.95
CA PHE A 53 12.41 -14.86 3.91
C PHE A 53 12.46 -16.34 4.28
N GLU A 54 11.31 -16.90 4.61
CA GLU A 54 11.22 -18.30 5.00
C GLU A 54 11.38 -19.22 3.81
N HIS A 55 10.85 -18.82 2.67
CA HIS A 55 10.94 -19.63 1.46
C HIS A 55 12.40 -19.76 1.01
N VAL A 56 13.03 -18.62 0.75
CA VAL A 56 14.43 -18.62 0.32
C VAL A 56 15.34 -19.21 1.38
N ARG A 57 14.89 -19.17 2.64
CA ARG A 57 15.68 -19.73 3.75
C ARG A 57 15.57 -21.24 3.80
N MET A 58 14.48 -21.77 3.24
CA MET A 58 14.26 -23.22 3.24
C MET A 58 15.02 -23.89 2.10
N VAL A 59 15.35 -23.11 1.07
CA VAL A 59 16.08 -23.65 -0.08
C VAL A 59 17.44 -23.00 -0.23
N ASP A 60 17.49 -21.68 -0.08
CA ASP A 60 18.75 -20.94 -0.21
C ASP A 60 19.07 -20.15 1.06
N PRO A 61 19.60 -20.83 2.09
CA PRO A 61 19.96 -20.18 3.35
C PRO A 61 20.96 -19.05 3.16
N LYS A 62 22.09 -19.37 2.53
CA LYS A 62 23.13 -18.39 2.28
C LYS A 62 22.58 -17.23 1.46
N LYS A 63 21.89 -17.56 0.38
CA LYS A 63 21.29 -16.55 -0.48
C LYS A 63 20.32 -15.67 0.31
N ALA A 64 19.55 -16.30 1.19
CA ALA A 64 18.60 -15.58 2.02
C ALA A 64 19.27 -14.43 2.76
N ALA A 65 20.54 -14.63 3.13
CA ALA A 65 21.30 -13.61 3.82
C ALA A 65 21.73 -12.50 2.87
N GLN A 66 21.98 -12.88 1.62
CA GLN A 66 22.40 -11.92 0.60
C GLN A 66 21.20 -11.11 0.11
N ILE A 67 20.03 -11.74 0.12
CA ILE A 67 18.81 -11.08 -0.33
C ILE A 67 18.07 -10.45 0.85
N ARG A 68 18.43 -10.84 2.06
CA ARG A 68 17.81 -10.30 3.27
C ARG A 68 17.79 -8.78 3.24
N SER A 69 18.96 -8.17 3.05
CA SER A 69 19.06 -6.72 2.99
C SER A 69 18.05 -6.17 1.99
N GLN A 70 17.70 -6.98 1.01
CA GLN A 70 16.73 -6.59 -0.01
C GLN A 70 15.32 -6.84 0.52
N VAL A 71 15.16 -7.93 1.26
CA VAL A 71 13.87 -8.27 1.85
C VAL A 71 13.52 -7.28 2.94
N MET A 72 14.54 -6.78 3.63
CA MET A 72 14.35 -5.82 4.70
C MET A 72 13.79 -4.50 4.15
N THR A 73 14.41 -4.00 3.09
CA THR A 73 13.97 -2.77 2.46
C THR A 73 12.57 -2.94 1.90
N HIS A 74 12.21 -4.18 1.58
CA HIS A 74 10.89 -4.46 1.03
C HIS A 74 9.81 -4.13 2.05
N LEU A 75 10.07 -4.46 3.32
CA LEU A 75 9.12 -4.17 4.38
C LEU A 75 9.00 -2.67 4.59
N ARG A 76 10.14 -2.01 4.79
CA ARG A 76 10.16 -0.57 4.99
C ARG A 76 9.66 0.15 3.75
N VAL A 77 9.89 -0.46 2.58
CA VAL A 77 9.44 0.14 1.33
C VAL A 77 7.91 0.16 1.28
N ILE A 78 7.30 -0.88 1.83
CA ILE A 78 5.85 -0.98 1.87
C ILE A 78 5.25 0.22 2.61
N TYR A 79 5.80 0.52 3.78
CA TYR A 79 5.33 1.62 4.60
C TYR A 79 5.88 2.95 4.06
N GLU A 80 7.10 2.91 3.52
CA GLU A 80 7.72 4.10 2.98
C GLU A 80 6.93 4.61 1.77
N ARG A 81 6.73 3.73 0.80
CA ARG A 81 5.98 4.09 -0.40
C ARG A 81 4.58 4.56 -0.02
N MET A 82 4.04 3.99 1.05
CA MET A 82 2.71 4.37 1.52
C MET A 82 2.68 5.86 1.84
N ASN A 83 3.79 6.37 2.37
CA ASN A 83 3.89 7.78 2.70
C ASN A 83 3.83 8.61 1.43
N GLN A 84 4.43 8.10 0.36
CA GLN A 84 4.42 8.80 -0.92
C GLN A 84 2.99 8.84 -1.48
N SER A 85 2.29 7.73 -1.33
CA SER A 85 0.91 7.63 -1.82
C SER A 85 0.02 8.60 -1.06
N LEU A 86 0.19 8.67 0.26
CA LEU A 86 -0.59 9.56 1.09
C LEU A 86 -0.42 11.00 0.64
N SER A 87 0.82 11.38 0.35
CA SER A 87 1.12 12.73 -0.10
C SER A 87 0.28 13.09 -1.33
N LEU A 88 0.07 12.10 -2.20
CA LEU A 88 -0.72 12.30 -3.40
C LEU A 88 -2.13 12.78 -3.06
N LEU A 89 -2.83 12.03 -2.21
CA LEU A 89 -4.18 12.40 -1.82
C LEU A 89 -4.15 13.54 -0.81
N TYR A 90 -3.08 13.62 -0.02
CA TYR A 90 -2.94 14.68 0.96
C TYR A 90 -2.95 16.05 0.28
N ASN A 91 -2.67 16.06 -1.03
CA ASN A 91 -2.65 17.30 -1.80
C ASN A 91 -3.91 18.11 -1.51
N VAL A 92 -4.98 17.40 -1.17
CA VAL A 92 -6.26 18.02 -0.84
C VAL A 92 -6.48 17.95 0.67
N PRO A 93 -5.81 18.82 1.44
CA PRO A 93 -5.93 18.85 2.90
C PRO A 93 -7.38 18.79 3.37
N ALA A 94 -8.28 19.32 2.56
CA ALA A 94 -9.71 19.31 2.89
C ALA A 94 -10.27 17.90 2.83
N VAL A 95 -10.09 17.24 1.70
CA VAL A 95 -10.57 15.88 1.52
C VAL A 95 -9.71 14.88 2.28
N ALA A 96 -8.40 15.04 2.16
CA ALA A 96 -7.45 14.16 2.84
C ALA A 96 -7.77 14.00 4.32
N GLU A 97 -8.30 15.06 4.93
CA GLU A 97 -8.65 15.03 6.34
C GLU A 97 -9.94 14.27 6.58
N GLU A 98 -10.99 14.63 5.85
CA GLU A 98 -12.28 13.97 5.99
C GLU A 98 -12.17 12.48 5.70
N ILE A 99 -11.42 12.16 4.64
CA ILE A 99 -11.24 10.76 4.24
C ILE A 99 -10.34 10.01 5.21
N GLN A 100 -9.28 10.67 5.68
CA GLN A 100 -8.35 10.04 6.60
C GLN A 100 -9.04 9.65 7.91
N ASP A 101 -9.84 10.55 8.44
CA ASP A 101 -10.55 10.30 9.69
C ASP A 101 -11.42 9.04 9.59
N GLU A 102 -12.20 8.96 8.51
CA GLU A 102 -13.08 7.82 8.30
C GLU A 102 -12.31 6.60 7.81
N VAL A 103 -11.33 6.82 6.94
CA VAL A 103 -10.52 5.74 6.40
C VAL A 103 -9.79 4.99 7.51
N ASP A 104 -9.10 5.73 8.37
CA ASP A 104 -8.37 5.14 9.48
C ASP A 104 -9.32 4.36 10.38
N GLU A 105 -10.51 4.91 10.61
CA GLU A 105 -11.51 4.28 11.45
C GLU A 105 -12.04 2.98 10.82
N LEU A 106 -11.95 2.90 9.49
CA LEU A 106 -12.43 1.73 8.76
C LEU A 106 -11.46 0.55 8.91
N LEU A 107 -10.17 0.85 9.03
CA LEU A 107 -9.16 -0.19 9.13
C LEU A 107 -9.00 -0.68 10.57
N GLN A 108 -9.46 0.11 11.54
CA GLN A 108 -9.36 -0.28 12.95
C GLN A 108 -10.07 -1.61 13.19
N LYS A 109 -11.33 -1.69 12.76
CA LYS A 109 -12.12 -2.90 12.93
C LYS A 109 -11.99 -3.81 11.72
N GLU A 110 -11.65 -3.23 10.57
CA GLU A 110 -11.48 -4.00 9.34
C GLU A 110 -12.61 -5.00 9.14
N ARG A 1 7.37 -13.20 -11.16
CA ARG A 1 6.51 -12.14 -11.77
C ARG A 1 5.35 -11.77 -10.85
N VAL A 2 5.01 -12.67 -9.94
CA VAL A 2 3.91 -12.44 -9.00
C VAL A 2 4.13 -11.14 -8.22
N GLU A 3 5.36 -10.92 -7.77
CA GLU A 3 5.69 -9.72 -7.01
C GLU A 3 5.23 -8.47 -7.75
N ALA A 4 5.46 -8.46 -9.06
CA ALA A 4 5.07 -7.33 -9.90
C ALA A 4 3.56 -7.16 -9.92
N MET A 5 2.84 -8.28 -9.82
CA MET A 5 1.38 -8.26 -9.81
C MET A 5 0.86 -7.52 -8.60
N LEU A 6 1.52 -7.70 -7.47
CA LEU A 6 1.13 -7.05 -6.23
C LEU A 6 1.24 -5.53 -6.36
N ASN A 7 2.34 -5.07 -6.96
CA ASN A 7 2.57 -3.64 -7.16
C ASN A 7 1.49 -3.04 -8.06
N ASP A 8 1.10 -3.80 -9.08
CA ASP A 8 0.08 -3.34 -10.02
C ASP A 8 -1.25 -3.11 -9.30
N ARG A 9 -1.59 -4.03 -8.40
CA ARG A 9 -2.83 -3.93 -7.64
C ARG A 9 -2.86 -2.63 -6.83
N ARG A 10 -1.68 -2.20 -6.39
CA ARG A 10 -1.56 -0.98 -5.61
C ARG A 10 -1.53 0.25 -6.53
N ARG A 11 -0.81 0.12 -7.64
CA ARG A 11 -0.72 1.20 -8.60
C ARG A 11 -2.09 1.58 -9.12
N LEU A 12 -2.73 0.62 -9.78
CA LEU A 12 -4.07 0.83 -10.32
C LEU A 12 -5.04 1.24 -9.22
N ALA A 13 -4.86 0.66 -8.03
CA ALA A 13 -5.72 0.99 -6.89
C ALA A 13 -5.48 2.42 -6.46
N LEU A 14 -4.23 2.86 -6.53
CA LEU A 14 -3.87 4.21 -6.17
C LEU A 14 -4.34 5.19 -7.24
N GLU A 15 -4.07 4.85 -8.49
CA GLU A 15 -4.47 5.68 -9.61
C GLU A 15 -6.00 5.74 -9.70
N ASN A 16 -6.65 4.69 -9.21
CA ASN A 16 -8.11 4.62 -9.23
C ASN A 16 -8.71 5.60 -8.24
N TYR A 17 -8.19 5.61 -7.01
CA TYR A 17 -8.70 6.52 -5.99
C TYR A 17 -8.43 7.97 -6.39
N ILE A 18 -7.27 8.19 -7.01
CA ILE A 18 -6.89 9.53 -7.45
C ILE A 18 -7.95 10.08 -8.41
N THR A 19 -8.53 9.19 -9.21
CA THR A 19 -9.56 9.60 -10.16
C THR A 19 -10.74 10.19 -9.41
N ALA A 20 -11.16 9.51 -8.34
CA ALA A 20 -12.26 9.98 -7.53
C ALA A 20 -11.90 11.30 -6.86
N LEU A 21 -10.63 11.48 -6.58
CA LEU A 21 -10.14 12.72 -5.96
C LEU A 21 -10.48 13.92 -6.83
N GLN A 22 -10.28 13.73 -8.14
CA GLN A 22 -10.54 14.80 -9.11
C GLN A 22 -12.03 14.89 -9.44
N ALA A 23 -12.80 13.88 -9.05
CA ALA A 23 -14.24 13.85 -9.31
C ALA A 23 -14.86 15.24 -9.32
N VAL A 24 -14.60 16.01 -8.26
CA VAL A 24 -15.11 17.36 -8.14
C VAL A 24 -16.57 17.47 -8.58
N PRO A 25 -17.52 17.42 -7.62
CA PRO A 25 -17.23 17.26 -6.19
C PRO A 25 -16.82 15.84 -5.84
N PRO A 26 -15.74 15.67 -5.05
CA PRO A 26 -15.26 14.35 -4.65
C PRO A 26 -16.12 13.72 -3.57
N ARG A 27 -16.06 12.39 -3.46
CA ARG A 27 -16.83 11.66 -2.47
C ARG A 27 -15.92 11.07 -1.40
N PRO A 28 -15.49 11.88 -0.42
CA PRO A 28 -14.61 11.43 0.65
C PRO A 28 -15.03 10.08 1.25
N ARG A 29 -16.31 9.78 1.16
CA ARG A 29 -16.84 8.53 1.69
C ARG A 29 -16.71 7.40 0.69
N HIS A 30 -16.69 7.74 -0.59
CA HIS A 30 -16.56 6.75 -1.64
C HIS A 30 -15.08 6.48 -1.88
N VAL A 31 -14.30 7.54 -1.82
CA VAL A 31 -12.86 7.46 -2.00
C VAL A 31 -12.23 6.61 -0.90
N PHE A 32 -12.77 6.72 0.32
CA PHE A 32 -12.26 5.94 1.44
C PHE A 32 -12.23 4.46 1.09
N ASN A 33 -13.24 4.03 0.31
CA ASN A 33 -13.32 2.63 -0.12
C ASN A 33 -12.18 2.31 -1.06
N MET A 34 -11.93 3.20 -2.01
CA MET A 34 -10.84 3.02 -2.97
C MET A 34 -9.51 2.92 -2.23
N LEU A 35 -9.28 3.87 -1.32
CA LEU A 35 -8.05 3.87 -0.54
C LEU A 35 -7.94 2.57 0.24
N LYS A 36 -9.03 2.21 0.93
CA LYS A 36 -9.09 0.99 1.71
C LYS A 36 -8.69 -0.22 0.85
N LYS A 37 -9.06 -0.17 -0.42
CA LYS A 37 -8.74 -1.25 -1.35
C LYS A 37 -7.25 -1.23 -1.68
N TYR A 38 -6.73 -0.05 -1.99
CA TYR A 38 -5.32 0.11 -2.31
C TYR A 38 -4.47 -0.30 -1.10
N VAL A 39 -4.91 0.13 0.07
CA VAL A 39 -4.22 -0.18 1.31
C VAL A 39 -4.14 -1.69 1.51
N ARG A 40 -5.27 -2.37 1.36
CA ARG A 40 -5.31 -3.82 1.51
C ARG A 40 -4.31 -4.49 0.59
N ALA A 41 -3.97 -3.80 -0.50
CA ALA A 41 -3.01 -4.34 -1.47
C ALA A 41 -1.59 -4.25 -0.92
N GLU A 42 -1.22 -3.08 -0.41
CA GLU A 42 0.11 -2.87 0.14
C GLU A 42 0.37 -3.85 1.29
N GLN A 43 -0.70 -4.26 1.97
CA GLN A 43 -0.59 -5.21 3.07
C GLN A 43 -0.21 -6.59 2.55
N LYS A 44 -0.82 -6.98 1.43
CA LYS A 44 -0.53 -8.26 0.82
C LYS A 44 0.94 -8.36 0.43
N ASP A 45 1.55 -7.22 0.15
CA ASP A 45 2.96 -7.18 -0.22
C ASP A 45 3.85 -7.40 1.00
N ARG A 46 3.52 -6.74 2.10
CA ARG A 46 4.28 -6.86 3.33
C ARG A 46 4.33 -8.31 3.79
N GLN A 47 3.16 -8.93 3.86
CA GLN A 47 3.06 -10.33 4.27
C GLN A 47 3.75 -11.23 3.25
N HIS A 48 3.80 -10.78 2.00
CA HIS A 48 4.43 -11.54 0.94
C HIS A 48 5.94 -11.56 1.13
N THR A 49 6.47 -10.48 1.68
CA THR A 49 7.90 -10.36 1.93
C THR A 49 8.35 -11.41 2.94
N LEU A 50 7.62 -11.50 4.06
CA LEU A 50 7.93 -12.46 5.10
C LEU A 50 7.98 -13.88 4.54
N LYS A 51 7.09 -14.17 3.61
CA LYS A 51 7.02 -15.49 2.99
C LYS A 51 8.35 -15.83 2.31
N HIS A 52 8.89 -14.87 1.56
CA HIS A 52 10.15 -15.07 0.87
C HIS A 52 11.29 -15.26 1.85
N PHE A 53 11.23 -14.55 2.97
CA PHE A 53 12.24 -14.64 4.02
C PHE A 53 12.43 -16.08 4.45
N GLU A 54 11.33 -16.75 4.75
CA GLU A 54 11.37 -18.14 5.19
C GLU A 54 11.48 -19.09 4.00
N HIS A 55 10.80 -18.75 2.91
CA HIS A 55 10.84 -19.56 1.71
C HIS A 55 12.23 -19.61 1.12
N VAL A 56 12.79 -18.43 0.82
CA VAL A 56 14.14 -18.36 0.27
C VAL A 56 15.16 -18.93 1.24
N ARG A 57 14.88 -18.80 2.54
CA ARG A 57 15.77 -19.31 3.57
C ARG A 57 15.79 -20.83 3.56
N MET A 58 14.73 -21.44 3.06
CA MET A 58 14.64 -22.91 3.00
C MET A 58 15.24 -23.44 1.70
N VAL A 59 14.84 -22.83 0.59
CA VAL A 59 15.32 -23.23 -0.72
C VAL A 59 16.73 -22.72 -0.98
N ASP A 60 16.96 -21.45 -0.68
CA ASP A 60 18.28 -20.84 -0.89
C ASP A 60 18.75 -20.11 0.36
N PRO A 61 19.22 -20.86 1.38
CA PRO A 61 19.71 -20.28 2.64
C PRO A 61 20.90 -19.36 2.43
N LYS A 62 21.73 -19.69 1.45
CA LYS A 62 22.92 -18.90 1.14
C LYS A 62 22.53 -17.49 0.70
N LYS A 63 21.70 -17.41 -0.34
CA LYS A 63 21.27 -16.12 -0.85
C LYS A 63 20.29 -15.45 0.10
N ALA A 64 19.53 -16.26 0.83
CA ALA A 64 18.55 -15.74 1.78
C ALA A 64 19.21 -14.77 2.76
N ALA A 65 20.44 -15.08 3.14
CA ALA A 65 21.18 -14.24 4.07
C ALA A 65 21.67 -12.96 3.38
N GLN A 66 21.91 -13.05 2.08
CA GLN A 66 22.38 -11.90 1.30
C GLN A 66 21.22 -10.98 0.94
N ILE A 67 20.02 -11.56 0.80
CA ILE A 67 18.84 -10.78 0.43
C ILE A 67 18.15 -10.20 1.67
N ARG A 68 18.43 -10.77 2.83
CA ARG A 68 17.83 -10.32 4.09
C ARG A 68 17.77 -8.80 4.16
N SER A 69 18.90 -8.14 3.93
CA SER A 69 18.96 -6.69 3.97
C SER A 69 18.03 -6.08 2.93
N GLN A 70 17.91 -6.76 1.79
CA GLN A 70 17.04 -6.29 0.71
C GLN A 70 15.59 -6.53 1.08
N VAL A 71 15.32 -7.70 1.66
CA VAL A 71 13.97 -8.05 2.07
C VAL A 71 13.46 -7.08 3.11
N MET A 72 14.39 -6.57 3.93
CA MET A 72 14.05 -5.61 4.97
C MET A 72 13.49 -4.35 4.36
N THR A 73 14.24 -3.75 3.44
CA THR A 73 13.78 -2.53 2.78
C THR A 73 12.43 -2.75 2.12
N HIS A 74 12.15 -4.00 1.76
CA HIS A 74 10.88 -4.35 1.13
C HIS A 74 9.72 -4.00 2.05
N LEU A 75 9.80 -4.42 3.31
CA LEU A 75 8.75 -4.12 4.27
C LEU A 75 8.64 -2.61 4.47
N ARG A 76 9.78 -1.95 4.51
CA ARG A 76 9.80 -0.49 4.68
C ARG A 76 9.11 0.18 3.51
N VAL A 77 9.43 -0.26 2.30
CA VAL A 77 8.83 0.30 1.10
C VAL A 77 7.31 0.24 1.17
N ILE A 78 6.80 -0.81 1.80
CA ILE A 78 5.35 -0.98 1.95
C ILE A 78 4.75 0.19 2.71
N TYR A 79 5.28 0.45 3.91
CA TYR A 79 4.79 1.55 4.74
C TYR A 79 5.30 2.89 4.23
N GLU A 80 6.54 2.92 3.76
CA GLU A 80 7.14 4.15 3.26
C GLU A 80 6.36 4.66 2.05
N ARG A 81 6.20 3.80 1.05
CA ARG A 81 5.46 4.17 -0.16
C ARG A 81 4.08 4.68 0.21
N MET A 82 3.45 4.04 1.19
CA MET A 82 2.12 4.44 1.64
C MET A 82 2.12 5.92 2.01
N ASN A 83 3.24 6.37 2.58
CA ASN A 83 3.37 7.77 2.97
C ASN A 83 3.39 8.67 1.75
N GLN A 84 3.97 8.18 0.66
CA GLN A 84 4.04 8.93 -0.57
C GLN A 84 2.65 9.13 -1.17
N SER A 85 1.87 8.06 -1.18
CA SER A 85 0.51 8.11 -1.72
C SER A 85 -0.34 9.13 -0.95
N LEU A 86 -0.09 9.22 0.34
CA LEU A 86 -0.83 10.14 1.20
C LEU A 86 -0.62 11.58 0.74
N SER A 87 0.64 11.99 0.62
CA SER A 87 0.97 13.34 0.21
C SER A 87 0.22 13.71 -1.07
N LEU A 88 0.02 12.73 -1.95
CA LEU A 88 -0.68 12.94 -3.20
C LEU A 88 -2.12 13.38 -2.94
N LEU A 89 -2.76 12.75 -1.97
CA LEU A 89 -4.13 13.08 -1.63
C LEU A 89 -4.17 14.25 -0.66
N TYR A 90 -3.14 14.37 0.17
CA TYR A 90 -3.06 15.47 1.12
C TYR A 90 -3.12 16.80 0.39
N ASN A 91 -2.77 16.79 -0.91
CA ASN A 91 -2.82 18.00 -1.71
C ASN A 91 -4.16 18.72 -1.51
N VAL A 92 -5.18 17.94 -1.20
CA VAL A 92 -6.51 18.47 -0.96
C VAL A 92 -6.81 18.43 0.55
N PRO A 93 -6.24 19.37 1.31
CA PRO A 93 -6.43 19.44 2.76
C PRO A 93 -7.90 19.25 3.16
N ALA A 94 -8.81 19.69 2.30
CA ALA A 94 -10.24 19.57 2.56
C ALA A 94 -10.68 18.11 2.53
N VAL A 95 -10.37 17.43 1.43
CA VAL A 95 -10.72 16.03 1.27
C VAL A 95 -9.83 15.13 2.12
N ALA A 96 -8.53 15.43 2.11
CA ALA A 96 -7.56 14.66 2.87
C ALA A 96 -7.96 14.52 4.33
N GLU A 97 -8.64 15.53 4.86
CA GLU A 97 -9.06 15.52 6.26
C GLU A 97 -10.30 14.65 6.46
N GLU A 98 -11.31 14.87 5.63
CA GLU A 98 -12.55 14.10 5.73
C GLU A 98 -12.27 12.62 5.51
N ILE A 99 -11.56 12.33 4.44
CA ILE A 99 -11.22 10.95 4.09
C ILE A 99 -10.34 10.32 5.17
N GLN A 100 -9.41 11.09 5.72
CA GLN A 100 -8.51 10.58 6.76
C GLN A 100 -9.28 10.14 7.99
N ASP A 101 -10.32 10.90 8.34
CA ASP A 101 -11.13 10.58 9.50
C ASP A 101 -11.76 9.19 9.39
N GLU A 102 -12.40 8.94 8.24
CA GLU A 102 -13.04 7.65 8.00
C GLU A 102 -12.04 6.59 7.57
N VAL A 103 -11.07 6.99 6.75
CA VAL A 103 -10.07 6.04 6.27
C VAL A 103 -9.24 5.49 7.43
N ASP A 104 -8.65 6.38 8.20
CA ASP A 104 -7.85 5.97 9.34
C ASP A 104 -8.69 5.15 10.32
N GLU A 105 -9.96 5.54 10.45
CA GLU A 105 -10.89 4.83 11.33
C GLU A 105 -11.22 3.45 10.80
N LEU A 106 -11.08 3.28 9.48
CA LEU A 106 -11.38 2.00 8.84
C LEU A 106 -10.30 0.95 9.12
N LEU A 107 -9.05 1.38 9.18
CA LEU A 107 -7.93 0.47 9.40
C LEU A 107 -7.66 0.20 10.87
N GLN A 108 -8.18 1.04 11.76
CA GLN A 108 -7.97 0.86 13.20
C GLN A 108 -8.38 -0.55 13.63
N LYS A 109 -9.57 -0.96 13.19
CA LYS A 109 -10.09 -2.28 13.53
C LYS A 109 -9.22 -3.37 12.94
N GLU A 110 -8.85 -3.22 11.68
CA GLU A 110 -8.02 -4.19 11.00
C GLU A 110 -6.54 -3.79 11.07
N ARG A 1 9.12 -11.98 -11.29
CA ARG A 1 8.88 -10.57 -10.87
C ARG A 1 7.54 -10.42 -10.16
N VAL A 2 7.26 -11.33 -9.23
CA VAL A 2 6.02 -11.29 -8.47
C VAL A 2 5.90 -10.02 -7.65
N GLU A 3 7.00 -9.64 -7.01
CA GLU A 3 7.03 -8.43 -6.19
C GLU A 3 6.49 -7.23 -6.97
N ALA A 4 6.93 -7.12 -8.21
CA ALA A 4 6.48 -6.02 -9.08
C ALA A 4 4.99 -6.13 -9.36
N MET A 5 4.49 -7.35 -9.40
CA MET A 5 3.07 -7.60 -9.66
C MET A 5 2.22 -7.14 -8.47
N LEU A 6 2.72 -7.39 -7.27
CA LEU A 6 1.99 -7.00 -6.06
C LEU A 6 1.87 -5.49 -5.96
N ASN A 7 2.91 -4.78 -6.38
CA ASN A 7 2.92 -3.32 -6.34
C ASN A 7 1.84 -2.76 -7.26
N ASP A 8 1.64 -3.40 -8.40
CA ASP A 8 0.64 -2.96 -9.36
C ASP A 8 -0.76 -3.01 -8.75
N ARG A 9 -1.05 -4.10 -8.04
CA ARG A 9 -2.35 -4.28 -7.41
C ARG A 9 -2.63 -3.14 -6.42
N ARG A 10 -1.60 -2.77 -5.67
CA ARG A 10 -1.72 -1.70 -4.68
C ARG A 10 -1.67 -0.33 -5.36
N ARG A 11 -0.84 -0.22 -6.39
CA ARG A 11 -0.71 1.04 -7.12
C ARG A 11 -2.00 1.38 -7.85
N LEU A 12 -2.57 0.40 -8.55
CA LEU A 12 -3.81 0.60 -9.27
C LEU A 12 -4.93 0.99 -8.31
N ALA A 13 -4.93 0.39 -7.14
CA ALA A 13 -5.94 0.67 -6.12
C ALA A 13 -5.84 2.11 -5.66
N LEU A 14 -4.62 2.54 -5.32
CA LEU A 14 -4.38 3.89 -4.87
C LEU A 14 -4.63 4.87 -6.03
N GLU A 15 -4.18 4.50 -7.22
CA GLU A 15 -4.36 5.34 -8.39
C GLU A 15 -5.85 5.48 -8.70
N ASN A 16 -6.64 4.49 -8.30
CA ASN A 16 -8.07 4.53 -8.53
C ASN A 16 -8.73 5.66 -7.76
N TYR A 17 -8.46 5.75 -6.46
CA TYR A 17 -9.04 6.81 -5.65
C TYR A 17 -8.55 8.17 -6.15
N ILE A 18 -7.30 8.20 -6.62
CA ILE A 18 -6.72 9.42 -7.15
C ILE A 18 -7.60 9.99 -8.24
N THR A 19 -8.23 9.11 -9.01
CA THR A 19 -9.12 9.53 -10.08
C THR A 19 -10.37 10.20 -9.49
N ALA A 20 -10.95 9.54 -8.49
CA ALA A 20 -12.12 10.08 -7.82
C ALA A 20 -11.78 11.41 -7.15
N LEU A 21 -10.51 11.58 -6.80
CA LEU A 21 -10.05 12.80 -6.17
C LEU A 21 -10.29 13.99 -7.09
N GLN A 22 -9.88 13.85 -8.35
CA GLN A 22 -10.05 14.91 -9.34
C GLN A 22 -11.47 14.93 -9.90
N ALA A 23 -12.24 13.88 -9.61
CA ALA A 23 -13.62 13.76 -10.08
C ALA A 23 -14.29 15.12 -10.22
N VAL A 24 -14.21 15.93 -9.15
CA VAL A 24 -14.81 17.26 -9.15
C VAL A 24 -16.22 17.26 -9.75
N PRO A 25 -17.27 17.18 -8.91
CA PRO A 25 -17.13 17.10 -7.45
C PRO A 25 -16.63 15.72 -7.00
N PRO A 26 -15.65 15.68 -6.08
CA PRO A 26 -15.10 14.42 -5.58
C PRO A 26 -15.99 13.78 -4.53
N ARG A 27 -15.84 12.47 -4.34
CA ARG A 27 -16.64 11.74 -3.36
C ARG A 27 -15.76 11.22 -2.23
N PRO A 28 -15.39 12.09 -1.26
CA PRO A 28 -14.55 11.71 -0.13
C PRO A 28 -15.05 10.44 0.56
N ARG A 29 -16.33 10.15 0.42
CA ARG A 29 -16.93 8.97 1.02
C ARG A 29 -16.76 7.75 0.14
N HIS A 30 -16.65 7.97 -1.16
CA HIS A 30 -16.48 6.88 -2.11
C HIS A 30 -15.00 6.57 -2.23
N VAL A 31 -14.20 7.62 -2.20
CA VAL A 31 -12.75 7.49 -2.28
C VAL A 31 -12.22 6.73 -1.07
N PHE A 32 -12.84 6.95 0.09
CA PHE A 32 -12.42 6.27 1.30
C PHE A 32 -12.44 4.76 1.10
N ASN A 33 -13.38 4.30 0.26
CA ASN A 33 -13.51 2.88 -0.04
C ASN A 33 -12.30 2.41 -0.83
N MET A 34 -12.03 3.07 -1.96
CA MET A 34 -10.89 2.70 -2.79
C MET A 34 -9.60 2.73 -1.99
N LEU A 35 -9.59 3.53 -0.92
CA LEU A 35 -8.42 3.66 -0.07
C LEU A 35 -8.16 2.34 0.68
N LYS A 36 -9.19 1.85 1.36
CA LYS A 36 -9.07 0.60 2.12
C LYS A 36 -8.57 -0.53 1.23
N LYS A 37 -8.85 -0.43 -0.07
CA LYS A 37 -8.40 -1.43 -1.02
C LYS A 37 -6.89 -1.34 -1.21
N TYR A 38 -6.43 -0.14 -1.57
CA TYR A 38 -5.00 0.08 -1.76
C TYR A 38 -4.23 -0.35 -0.51
N VAL A 39 -4.87 -0.18 0.65
CA VAL A 39 -4.28 -0.56 1.91
C VAL A 39 -4.26 -2.08 2.04
N ARG A 40 -5.37 -2.72 1.73
CA ARG A 40 -5.48 -4.16 1.80
C ARG A 40 -4.38 -4.82 0.95
N ALA A 41 -3.92 -4.10 -0.06
CA ALA A 41 -2.87 -4.60 -0.94
C ALA A 41 -1.52 -4.56 -0.25
N GLU A 42 -1.24 -3.46 0.45
CA GLU A 42 0.04 -3.31 1.15
C GLU A 42 0.17 -4.38 2.24
N GLN A 43 -0.97 -4.83 2.76
CA GLN A 43 -0.98 -5.85 3.79
C GLN A 43 -0.46 -7.17 3.23
N LYS A 44 -1.08 -7.63 2.15
CA LYS A 44 -0.67 -8.88 1.51
C LYS A 44 0.80 -8.81 1.10
N ASP A 45 1.26 -7.60 0.81
CA ASP A 45 2.64 -7.38 0.41
C ASP A 45 3.58 -7.54 1.61
N ARG A 46 3.17 -7.00 2.75
CA ARG A 46 3.96 -7.08 3.98
C ARG A 46 4.18 -8.53 4.37
N GLN A 47 3.08 -9.27 4.51
CA GLN A 47 3.15 -10.68 4.87
C GLN A 47 3.98 -11.45 3.85
N HIS A 48 4.00 -10.94 2.61
CA HIS A 48 4.77 -11.57 1.55
C HIS A 48 6.26 -11.38 1.81
N THR A 49 6.61 -10.24 2.40
CA THR A 49 8.01 -9.94 2.71
C THR A 49 8.58 -11.01 3.62
N LEU A 50 7.89 -11.28 4.72
CA LEU A 50 8.32 -12.29 5.67
C LEU A 50 8.37 -13.65 4.99
N LYS A 51 7.36 -13.94 4.18
CA LYS A 51 7.28 -15.21 3.47
C LYS A 51 8.44 -15.35 2.49
N HIS A 52 8.78 -14.24 1.83
CA HIS A 52 9.88 -14.24 0.87
C HIS A 52 11.17 -14.71 1.53
N PHE A 53 11.34 -14.35 2.80
CA PHE A 53 12.51 -14.74 3.56
C PHE A 53 12.61 -16.25 3.66
N GLU A 54 11.54 -16.87 4.15
CA GLU A 54 11.49 -18.32 4.31
C GLU A 54 11.40 -19.01 2.96
N HIS A 55 10.79 -18.34 1.98
CA HIS A 55 10.65 -18.90 0.64
C HIS A 55 12.01 -19.05 -0.03
N VAL A 56 12.70 -17.94 -0.21
CA VAL A 56 14.02 -17.95 -0.83
C VAL A 56 15.00 -18.79 -0.01
N ARG A 57 14.69 -18.99 1.26
CA ARG A 57 15.54 -19.78 2.15
C ARG A 57 15.34 -21.27 1.89
N MET A 58 14.18 -21.63 1.35
CA MET A 58 13.86 -23.01 1.06
C MET A 58 14.42 -23.43 -0.30
N VAL A 59 14.65 -22.45 -1.17
CA VAL A 59 15.16 -22.72 -2.51
C VAL A 59 16.60 -22.20 -2.67
N ASP A 60 16.84 -21.00 -2.15
CA ASP A 60 18.17 -20.38 -2.25
C ASP A 60 18.64 -19.88 -0.90
N PRO A 61 19.05 -20.79 0.00
CA PRO A 61 19.52 -20.42 1.34
C PRO A 61 20.75 -19.52 1.30
N LYS A 62 21.64 -19.80 0.36
CA LYS A 62 22.86 -19.01 0.20
C LYS A 62 22.54 -17.57 -0.18
N LYS A 63 21.78 -17.40 -1.27
CA LYS A 63 21.41 -16.07 -1.73
C LYS A 63 20.35 -15.46 -0.80
N ALA A 64 19.58 -16.31 -0.15
CA ALA A 64 18.53 -15.86 0.76
C ALA A 64 19.11 -14.95 1.84
N ALA A 65 20.31 -15.28 2.31
CA ALA A 65 20.98 -14.49 3.34
C ALA A 65 21.53 -13.20 2.76
N GLN A 66 21.89 -13.23 1.49
CA GLN A 66 22.43 -12.05 0.83
C GLN A 66 21.32 -11.06 0.49
N ILE A 67 20.10 -11.58 0.31
CA ILE A 67 18.95 -10.74 -0.02
C ILE A 67 18.31 -10.16 1.24
N ARG A 68 18.76 -10.60 2.42
CA ARG A 68 18.22 -10.11 3.69
C ARG A 68 17.97 -8.60 3.65
N SER A 69 18.96 -7.86 3.18
CA SER A 69 18.85 -6.41 3.08
C SER A 69 17.72 -6.01 2.13
N GLN A 70 17.52 -6.83 1.10
CA GLN A 70 16.48 -6.58 0.11
C GLN A 70 15.11 -6.90 0.70
N VAL A 71 14.99 -8.05 1.33
CA VAL A 71 13.74 -8.46 1.94
C VAL A 71 13.36 -7.52 3.07
N MET A 72 14.36 -6.98 3.74
CA MET A 72 14.15 -6.05 4.83
C MET A 72 13.60 -4.73 4.31
N THR A 73 14.26 -4.18 3.30
CA THR A 73 13.82 -2.91 2.72
C THR A 73 12.41 -3.06 2.13
N HIS A 74 12.12 -4.25 1.62
CA HIS A 74 10.81 -4.53 1.05
C HIS A 74 9.73 -4.30 2.08
N LEU A 75 10.00 -4.71 3.32
CA LEU A 75 9.06 -4.54 4.41
C LEU A 75 8.86 -3.05 4.69
N ARG A 76 9.95 -2.31 4.74
CA ARG A 76 9.90 -0.88 4.98
C ARG A 76 9.17 -0.20 3.83
N VAL A 77 9.38 -0.72 2.62
CA VAL A 77 8.72 -0.18 1.44
C VAL A 77 7.21 -0.26 1.59
N ILE A 78 6.73 -1.34 2.19
CA ILE A 78 5.30 -1.54 2.40
C ILE A 78 4.73 -0.36 3.18
N TYR A 79 5.33 -0.07 4.33
CA TYR A 79 4.88 1.03 5.17
C TYR A 79 5.29 2.37 4.58
N GLU A 80 6.53 2.45 4.10
CA GLU A 80 7.04 3.68 3.52
C GLU A 80 6.21 4.11 2.31
N ARG A 81 6.02 3.18 1.38
CA ARG A 81 5.23 3.46 0.19
C ARG A 81 3.83 3.92 0.56
N MET A 82 3.28 3.36 1.63
CA MET A 82 1.96 3.74 2.09
C MET A 82 1.91 5.23 2.37
N ASN A 83 3.02 5.77 2.87
CA ASN A 83 3.12 7.20 3.17
C ASN A 83 3.09 8.01 1.88
N GLN A 84 3.66 7.44 0.82
CA GLN A 84 3.70 8.11 -0.47
C GLN A 84 2.30 8.29 -1.02
N SER A 85 1.47 7.26 -0.87
CA SER A 85 0.09 7.30 -1.35
C SER A 85 -0.67 8.43 -0.66
N LEU A 86 -0.41 8.62 0.62
CA LEU A 86 -1.07 9.68 1.39
C LEU A 86 -0.72 11.05 0.81
N SER A 87 0.49 11.18 0.29
CA SER A 87 0.93 12.43 -0.30
C SER A 87 0.16 12.73 -1.57
N LEU A 88 -0.06 11.69 -2.38
CA LEU A 88 -0.79 11.83 -3.63
C LEU A 88 -2.20 12.33 -3.39
N LEU A 89 -2.85 11.81 -2.35
CA LEU A 89 -4.20 12.21 -2.01
C LEU A 89 -4.18 13.47 -1.15
N TYR A 90 -3.12 13.63 -0.36
CA TYR A 90 -2.98 14.80 0.50
C TYR A 90 -3.00 16.07 -0.35
N ASN A 91 -2.70 15.94 -1.63
CA ASN A 91 -2.69 17.08 -2.55
C ASN A 91 -3.96 17.90 -2.37
N VAL A 92 -5.03 17.21 -1.97
CA VAL A 92 -6.31 17.86 -1.72
C VAL A 92 -6.56 17.99 -0.23
N PRO A 93 -5.93 18.98 0.43
CA PRO A 93 -6.08 19.21 1.86
C PRO A 93 -7.54 19.17 2.31
N ALA A 94 -8.44 19.57 1.42
CA ALA A 94 -9.86 19.58 1.73
C ALA A 94 -10.41 18.16 1.85
N VAL A 95 -10.18 17.35 0.82
CA VAL A 95 -10.65 15.97 0.80
C VAL A 95 -9.79 15.09 1.69
N ALA A 96 -8.47 15.25 1.57
CA ALA A 96 -7.51 14.48 2.34
C ALA A 96 -7.84 14.50 3.82
N GLU A 97 -8.36 15.62 4.30
CA GLU A 97 -8.71 15.76 5.71
C GLU A 97 -9.99 15.00 6.04
N GLU A 98 -11.04 15.25 5.27
CA GLU A 98 -12.32 14.59 5.49
C GLU A 98 -12.19 13.08 5.31
N ILE A 99 -11.46 12.68 4.27
CA ILE A 99 -11.25 11.27 3.98
C ILE A 99 -10.34 10.61 5.00
N GLN A 100 -9.33 11.34 5.48
CA GLN A 100 -8.39 10.81 6.46
C GLN A 100 -9.11 10.46 7.76
N ASP A 101 -10.07 11.30 8.14
CA ASP A 101 -10.82 11.10 9.37
C ASP A 101 -11.58 9.78 9.32
N GLU A 102 -12.35 9.58 8.26
CA GLU A 102 -13.14 8.36 8.10
C GLU A 102 -12.25 7.18 7.72
N VAL A 103 -11.23 7.43 6.92
CA VAL A 103 -10.31 6.37 6.50
C VAL A 103 -9.55 5.81 7.69
N ASP A 104 -8.84 6.69 8.40
CA ASP A 104 -8.08 6.28 9.56
C ASP A 104 -8.97 5.59 10.59
N GLU A 105 -10.26 5.96 10.58
CA GLU A 105 -11.23 5.36 11.49
C GLU A 105 -11.69 4.00 11.00
N LEU A 106 -11.55 3.76 9.71
CA LEU A 106 -11.96 2.49 9.11
C LEU A 106 -10.89 1.43 9.29
N LEU A 107 -9.63 1.84 9.22
CA LEU A 107 -8.51 0.91 9.35
C LEU A 107 -8.09 0.67 10.79
N GLN A 108 -8.51 1.54 11.72
CA GLN A 108 -8.15 1.37 13.12
C GLN A 108 -8.59 0.02 13.64
N LYS A 109 -9.87 -0.29 13.44
CA LYS A 109 -10.43 -1.56 13.88
C LYS A 109 -9.73 -2.73 13.21
N GLU A 110 -9.57 -2.65 11.90
CA GLU A 110 -8.90 -3.71 11.15
C GLU A 110 -7.39 -3.49 11.13
N ARG A 1 5.05 -13.61 -11.95
CA ARG A 1 3.78 -13.03 -12.45
C ARG A 1 2.98 -12.37 -11.33
N VAL A 2 3.10 -12.93 -10.13
CA VAL A 2 2.40 -12.40 -8.97
C VAL A 2 2.95 -11.03 -8.56
N GLU A 3 4.27 -10.90 -8.59
CA GLU A 3 4.92 -9.65 -8.22
C GLU A 3 4.33 -8.49 -9.01
N ALA A 4 4.25 -8.67 -10.32
CA ALA A 4 3.70 -7.65 -11.20
C ALA A 4 2.23 -7.41 -10.89
N MET A 5 1.54 -8.44 -10.41
CA MET A 5 0.14 -8.34 -10.06
C MET A 5 -0.05 -7.45 -8.82
N LEU A 6 0.83 -7.64 -7.84
CA LEU A 6 0.77 -6.86 -6.60
C LEU A 6 0.89 -5.37 -6.90
N ASN A 7 1.75 -5.02 -7.86
CA ASN A 7 1.96 -3.63 -8.24
C ASN A 7 0.76 -3.09 -9.00
N ASP A 8 0.19 -3.92 -9.87
CA ASP A 8 -0.98 -3.53 -10.65
C ASP A 8 -2.17 -3.28 -9.75
N ARG A 9 -2.47 -4.23 -8.89
CA ARG A 9 -3.60 -4.12 -7.96
C ARG A 9 -3.42 -2.91 -7.05
N ARG A 10 -2.16 -2.54 -6.80
CA ARG A 10 -1.86 -1.41 -5.95
C ARG A 10 -1.89 -0.10 -6.75
N ARG A 11 -1.24 -0.12 -7.90
CA ARG A 11 -1.20 1.06 -8.76
C ARG A 11 -2.60 1.42 -9.25
N LEU A 12 -3.34 0.41 -9.70
CA LEU A 12 -4.69 0.63 -10.19
C LEU A 12 -5.61 1.04 -9.05
N ALA A 13 -5.42 0.45 -7.88
CA ALA A 13 -6.24 0.77 -6.71
C ALA A 13 -5.93 2.18 -6.24
N LEU A 14 -4.66 2.56 -6.33
CA LEU A 14 -4.23 3.89 -5.93
C LEU A 14 -4.64 4.91 -6.99
N GLU A 15 -4.38 4.56 -8.24
CA GLU A 15 -4.73 5.43 -9.36
C GLU A 15 -6.24 5.57 -9.48
N ASN A 16 -6.97 4.57 -8.99
CA ASN A 16 -8.43 4.59 -9.05
C ASN A 16 -9.00 5.61 -8.07
N TYR A 17 -8.50 5.60 -6.84
CA TYR A 17 -8.97 6.54 -5.84
C TYR A 17 -8.57 7.96 -6.22
N ILE A 18 -7.35 8.10 -6.75
CA ILE A 18 -6.86 9.40 -7.18
C ILE A 18 -7.80 10.03 -8.20
N THR A 19 -8.40 9.19 -9.03
CA THR A 19 -9.35 9.68 -10.04
C THR A 19 -10.46 10.46 -9.36
N ALA A 20 -11.01 9.89 -8.30
CA ALA A 20 -12.07 10.56 -7.55
C ALA A 20 -11.55 11.84 -6.90
N LEU A 21 -10.27 11.83 -6.55
CA LEU A 21 -9.63 12.99 -5.94
C LEU A 21 -9.68 14.18 -6.89
N GLN A 22 -9.36 13.92 -8.16
CA GLN A 22 -9.37 14.97 -9.17
C GLN A 22 -10.75 15.14 -9.79
N ALA A 23 -11.64 14.17 -9.55
CA ALA A 23 -13.00 14.21 -10.08
C ALA A 23 -13.56 15.63 -10.14
N VAL A 24 -13.57 16.30 -9.00
CA VAL A 24 -14.08 17.67 -8.92
C VAL A 24 -15.46 17.80 -9.58
N PRO A 25 -16.55 17.73 -8.79
CA PRO A 25 -16.48 17.54 -7.32
C PRO A 25 -16.01 16.13 -6.95
N PRO A 26 -15.08 16.02 -5.99
CA PRO A 26 -14.55 14.73 -5.55
C PRO A 26 -15.42 14.09 -4.48
N ARG A 27 -15.41 12.76 -4.43
CA ARG A 27 -16.20 12.02 -3.45
C ARG A 27 -15.31 11.52 -2.32
N PRO A 28 -14.99 12.38 -1.33
CA PRO A 28 -14.15 12.01 -0.20
C PRO A 28 -14.62 10.70 0.47
N ARG A 29 -15.90 10.39 0.29
CA ARG A 29 -16.45 9.17 0.88
C ARG A 29 -16.24 7.97 -0.04
N HIS A 30 -16.16 8.22 -1.33
CA HIS A 30 -15.93 7.15 -2.29
C HIS A 30 -14.44 6.93 -2.44
N VAL A 31 -13.70 8.03 -2.36
CA VAL A 31 -12.25 7.98 -2.48
C VAL A 31 -11.66 7.19 -1.32
N PHE A 32 -12.26 7.34 -0.13
CA PHE A 32 -11.78 6.62 1.04
C PHE A 32 -11.98 5.11 0.85
N ASN A 33 -12.93 4.74 0.00
CA ASN A 33 -13.22 3.34 -0.28
C ASN A 33 -12.05 2.70 -1.01
N MET A 34 -11.71 3.23 -2.18
CA MET A 34 -10.61 2.70 -2.97
C MET A 34 -9.36 2.56 -2.11
N LEU A 35 -9.23 3.44 -1.12
CA LEU A 35 -8.08 3.42 -0.23
C LEU A 35 -8.01 2.10 0.53
N LYS A 36 -9.10 1.74 1.20
CA LYS A 36 -9.15 0.49 1.97
C LYS A 36 -8.82 -0.70 1.07
N LYS A 37 -9.12 -0.58 -0.21
CA LYS A 37 -8.84 -1.66 -1.17
C LYS A 37 -7.35 -1.70 -1.47
N TYR A 38 -6.79 -0.54 -1.82
CA TYR A 38 -5.37 -0.45 -2.13
C TYR A 38 -4.55 -0.85 -0.91
N VAL A 39 -5.09 -0.56 0.28
CA VAL A 39 -4.43 -0.89 1.52
C VAL A 39 -4.31 -2.41 1.69
N ARG A 40 -5.43 -3.11 1.52
CA ARG A 40 -5.44 -4.56 1.64
C ARG A 40 -4.40 -5.18 0.72
N ALA A 41 -4.11 -4.50 -0.38
CA ALA A 41 -3.13 -4.98 -1.34
C ALA A 41 -1.73 -4.90 -0.74
N GLU A 42 -1.48 -3.86 0.03
CA GLU A 42 -0.17 -3.68 0.68
C GLU A 42 0.05 -4.76 1.72
N GLN A 43 -0.95 -4.96 2.57
CA GLN A 43 -0.86 -5.98 3.62
C GLN A 43 -0.45 -7.33 3.04
N LYS A 44 -0.92 -7.59 1.82
CA LYS A 44 -0.59 -8.84 1.14
C LYS A 44 0.84 -8.81 0.62
N ASP A 45 1.35 -7.61 0.36
CA ASP A 45 2.71 -7.44 -0.14
C ASP A 45 3.72 -7.63 0.99
N ARG A 46 3.42 -7.08 2.16
CA ARG A 46 4.31 -7.19 3.32
C ARG A 46 4.46 -8.66 3.69
N GLN A 47 3.39 -9.42 3.56
CA GLN A 47 3.40 -10.84 3.89
C GLN A 47 4.39 -11.58 3.00
N HIS A 48 4.54 -11.11 1.77
CA HIS A 48 5.46 -11.73 0.82
C HIS A 48 6.90 -11.55 1.28
N THR A 49 7.20 -10.37 1.83
CA THR A 49 8.55 -10.07 2.32
C THR A 49 8.98 -11.12 3.34
N LEU A 50 8.09 -11.42 4.29
CA LEU A 50 8.37 -12.41 5.32
C LEU A 50 8.70 -13.76 4.69
N LYS A 51 7.79 -14.23 3.84
CA LYS A 51 7.95 -15.51 3.16
C LYS A 51 9.22 -15.51 2.31
N HIS A 52 9.51 -14.38 1.67
CA HIS A 52 10.70 -14.25 0.83
C HIS A 52 11.96 -14.56 1.63
N PHE A 53 11.95 -14.17 2.91
CA PHE A 53 13.09 -14.40 3.79
C PHE A 53 13.33 -15.90 3.97
N GLU A 54 12.31 -16.60 4.43
CA GLU A 54 12.41 -18.03 4.67
C GLU A 54 12.47 -18.82 3.35
N HIS A 55 11.87 -18.26 2.31
CA HIS A 55 11.86 -18.91 1.01
C HIS A 55 13.27 -18.99 0.43
N VAL A 56 13.89 -17.82 0.24
CA VAL A 56 15.25 -17.76 -0.30
C VAL A 56 16.23 -18.48 0.63
N ARG A 57 15.86 -18.62 1.89
CA ARG A 57 16.72 -19.28 2.87
C ARG A 57 16.63 -20.81 2.74
N MET A 58 15.53 -21.28 2.17
CA MET A 58 15.33 -22.72 1.99
C MET A 58 16.03 -23.21 0.73
N VAL A 59 16.21 -22.30 -0.23
CA VAL A 59 16.86 -22.65 -1.49
C VAL A 59 18.25 -22.02 -1.58
N ASP A 60 18.36 -20.77 -1.15
CA ASP A 60 19.63 -20.05 -1.20
C ASP A 60 19.99 -19.50 0.18
N PRO A 61 20.45 -20.37 1.10
CA PRO A 61 20.83 -19.97 2.45
C PRO A 61 21.88 -18.86 2.46
N LYS A 62 22.95 -19.07 1.68
CA LYS A 62 24.03 -18.09 1.60
C LYS A 62 23.51 -16.76 1.06
N LYS A 63 22.83 -16.81 -0.08
CA LYS A 63 22.28 -15.61 -0.70
C LYS A 63 21.24 -14.95 0.21
N ALA A 64 20.46 -15.78 0.90
CA ALA A 64 19.44 -15.28 1.80
C ALA A 64 20.02 -14.34 2.85
N ALA A 65 21.27 -14.58 3.24
CA ALA A 65 21.95 -13.76 4.22
C ALA A 65 22.43 -12.45 3.60
N GLN A 66 22.76 -12.50 2.31
CA GLN A 66 23.23 -11.32 1.60
C GLN A 66 22.08 -10.42 1.19
N ILE A 67 20.89 -11.00 1.06
CA ILE A 67 19.71 -10.25 0.66
C ILE A 67 18.94 -9.71 1.87
N ARG A 68 19.29 -10.19 3.06
CA ARG A 68 18.63 -9.76 4.30
C ARG A 68 18.38 -8.25 4.30
N SER A 69 19.40 -7.48 3.97
CA SER A 69 19.28 -6.03 3.93
C SER A 69 18.25 -5.60 2.88
N GLN A 70 18.17 -6.37 1.80
CA GLN A 70 17.23 -6.08 0.73
C GLN A 70 15.82 -6.48 1.15
N VAL A 71 15.68 -7.70 1.66
CA VAL A 71 14.38 -8.18 2.12
C VAL A 71 13.84 -7.29 3.23
N MET A 72 14.75 -6.72 4.02
CA MET A 72 14.36 -5.84 5.09
C MET A 72 13.77 -4.55 4.55
N THR A 73 14.53 -3.88 3.68
CA THR A 73 14.05 -2.63 3.08
C THR A 73 12.75 -2.86 2.33
N HIS A 74 12.60 -4.05 1.76
CA HIS A 74 11.39 -4.40 1.02
C HIS A 74 10.17 -4.28 1.93
N LEU A 75 10.35 -4.68 3.19
CA LEU A 75 9.29 -4.60 4.17
C LEU A 75 9.00 -3.15 4.54
N ARG A 76 10.06 -2.38 4.74
CA ARG A 76 9.92 -0.97 5.06
C ARG A 76 9.30 -0.23 3.90
N VAL A 77 9.67 -0.64 2.69
CA VAL A 77 9.14 -0.04 1.48
C VAL A 77 7.61 -0.15 1.46
N ILE A 78 7.11 -1.26 1.99
CA ILE A 78 5.67 -1.49 2.05
C ILE A 78 4.99 -0.42 2.89
N TYR A 79 5.51 -0.21 4.10
CA TYR A 79 4.95 0.79 5.00
C TYR A 79 5.34 2.20 4.58
N GLU A 80 6.59 2.36 4.15
CA GLU A 80 7.10 3.65 3.71
C GLU A 80 6.32 4.16 2.51
N ARG A 81 6.23 3.33 1.47
CA ARG A 81 5.50 3.70 0.26
C ARG A 81 4.05 4.04 0.59
N MET A 82 3.50 3.35 1.60
CA MET A 82 2.12 3.60 2.01
C MET A 82 1.96 5.06 2.44
N ASN A 83 3.01 5.60 3.05
CA ASN A 83 3.00 6.99 3.49
C ASN A 83 3.03 7.93 2.30
N GLN A 84 3.69 7.49 1.23
CA GLN A 84 3.79 8.30 0.02
C GLN A 84 2.41 8.50 -0.60
N SER A 85 1.59 7.46 -0.57
CA SER A 85 0.25 7.52 -1.12
C SER A 85 -0.59 8.55 -0.37
N LEU A 86 -0.45 8.55 0.96
CA LEU A 86 -1.18 9.49 1.80
C LEU A 86 -0.78 10.92 1.48
N SER A 87 0.45 11.10 1.04
CA SER A 87 0.97 12.41 0.69
C SER A 87 0.33 12.92 -0.59
N LEU A 88 0.05 12.00 -1.50
CA LEU A 88 -0.56 12.34 -2.78
C LEU A 88 -1.95 12.94 -2.56
N LEU A 89 -2.69 12.38 -1.61
CA LEU A 89 -4.02 12.87 -1.30
C LEU A 89 -3.93 14.01 -0.29
N TYR A 90 -2.93 13.95 0.59
CA TYR A 90 -2.74 15.01 1.58
C TYR A 90 -2.62 16.36 0.89
N ASN A 91 -2.25 16.35 -0.40
CA ASN A 91 -2.13 17.58 -1.16
C ASN A 91 -3.39 18.42 -0.97
N VAL A 92 -4.50 17.73 -0.72
CA VAL A 92 -5.78 18.38 -0.47
C VAL A 92 -6.13 18.29 1.02
N PRO A 93 -5.47 19.10 1.87
CA PRO A 93 -5.70 19.09 3.31
C PRO A 93 -7.19 19.07 3.66
N ALA A 94 -8.01 19.64 2.78
CA ALA A 94 -9.45 19.67 2.99
C ALA A 94 -10.04 18.27 2.90
N VAL A 95 -9.77 17.60 1.78
CA VAL A 95 -10.26 16.25 1.56
C VAL A 95 -9.48 15.25 2.41
N ALA A 96 -8.17 15.43 2.46
CA ALA A 96 -7.30 14.55 3.23
C ALA A 96 -7.76 14.43 4.67
N GLU A 97 -8.30 15.51 5.22
CA GLU A 97 -8.78 15.52 6.60
C GLU A 97 -10.08 14.74 6.74
N GLU A 98 -11.04 15.05 5.89
CA GLU A 98 -12.34 14.38 5.92
C GLU A 98 -12.18 12.89 5.68
N ILE A 99 -11.36 12.54 4.68
CA ILE A 99 -11.11 11.15 4.34
C ILE A 99 -10.28 10.44 5.40
N GLN A 100 -9.33 11.17 5.98
CA GLN A 100 -8.46 10.58 7.01
C GLN A 100 -9.27 10.15 8.22
N ASP A 101 -10.18 11.01 8.66
CA ASP A 101 -11.01 10.72 9.83
C ASP A 101 -11.82 9.44 9.62
N GLU A 102 -12.43 9.31 8.45
CA GLU A 102 -13.24 8.14 8.14
C GLU A 102 -12.36 6.95 7.75
N VAL A 103 -11.27 7.23 7.05
CA VAL A 103 -10.36 6.17 6.62
C VAL A 103 -9.79 5.43 7.82
N ASP A 104 -9.19 6.17 8.74
CA ASP A 104 -8.61 5.58 9.93
C ASP A 104 -9.68 4.82 10.72
N GLU A 105 -10.88 5.39 10.77
CA GLU A 105 -11.98 4.77 11.50
C GLU A 105 -12.44 3.49 10.81
N LEU A 106 -12.22 3.39 9.51
CA LEU A 106 -12.63 2.23 8.74
C LEU A 106 -11.70 1.04 8.98
N LEU A 107 -10.42 1.33 9.24
CA LEU A 107 -9.43 0.27 9.47
C LEU A 107 -9.38 -0.17 10.92
N GLN A 108 -9.95 0.62 11.83
CA GLN A 108 -9.95 0.27 13.25
C GLN A 108 -10.54 -1.12 13.45
N LYS A 109 -11.72 -1.33 12.87
CA LYS A 109 -12.41 -2.61 12.99
C LYS A 109 -11.54 -3.74 12.44
N GLU A 110 -10.81 -3.45 11.37
CA GLU A 110 -9.93 -4.45 10.75
C GLU A 110 -8.89 -4.94 11.74
N ARG A 1 6.30 -13.61 -10.47
CA ARG A 1 6.31 -12.13 -10.30
C ARG A 1 5.14 -11.66 -9.43
N VAL A 2 4.92 -12.35 -8.32
CA VAL A 2 3.82 -12.01 -7.42
C VAL A 2 4.01 -10.61 -6.84
N GLU A 3 5.24 -10.29 -6.45
CA GLU A 3 5.54 -8.97 -5.87
C GLU A 3 5.04 -7.87 -6.81
N ALA A 4 5.31 -8.04 -8.10
CA ALA A 4 4.89 -7.05 -9.09
C ALA A 4 3.37 -6.99 -9.19
N MET A 5 2.72 -8.12 -8.92
CA MET A 5 1.26 -8.21 -8.98
C MET A 5 0.64 -7.39 -7.86
N LEU A 6 1.26 -7.44 -6.68
CA LEU A 6 0.76 -6.70 -5.53
C LEU A 6 0.89 -5.19 -5.75
N ASN A 7 1.91 -4.80 -6.50
CA ASN A 7 2.15 -3.39 -6.78
C ASN A 7 1.09 -2.84 -7.73
N ASP A 8 0.68 -3.65 -8.69
CA ASP A 8 -0.33 -3.24 -9.65
C ASP A 8 -1.67 -3.02 -8.97
N ARG A 9 -2.11 -4.02 -8.20
CA ARG A 9 -3.37 -3.93 -7.49
C ARG A 9 -3.36 -2.75 -6.52
N ARG A 10 -2.17 -2.40 -6.03
CA ARG A 10 -2.03 -1.29 -5.10
C ARG A 10 -1.95 0.04 -5.84
N ARG A 11 -1.08 0.11 -6.83
CA ARG A 11 -0.91 1.33 -7.62
C ARG A 11 -2.20 1.68 -8.35
N LEU A 12 -2.82 0.68 -8.97
CA LEU A 12 -4.07 0.89 -9.68
C LEU A 12 -5.19 1.28 -8.73
N ALA A 13 -5.15 0.70 -7.53
CA ALA A 13 -6.16 1.00 -6.52
C ALA A 13 -5.99 2.42 -6.01
N LEU A 14 -4.75 2.80 -5.71
CA LEU A 14 -4.46 4.14 -5.24
C LEU A 14 -4.71 5.16 -6.35
N GLU A 15 -4.29 4.82 -7.56
CA GLU A 15 -4.48 5.70 -8.70
C GLU A 15 -5.97 5.92 -8.95
N ASN A 16 -6.78 4.93 -8.58
CA ASN A 16 -8.22 5.01 -8.77
C ASN A 16 -8.83 6.13 -7.93
N TYR A 17 -8.53 6.15 -6.63
CA TYR A 17 -9.07 7.19 -5.77
C TYR A 17 -8.55 8.55 -6.21
N ILE A 18 -7.31 8.58 -6.69
CA ILE A 18 -6.71 9.81 -7.18
C ILE A 18 -7.59 10.45 -8.24
N THR A 19 -8.25 9.62 -9.03
CA THR A 19 -9.14 10.11 -10.07
C THR A 19 -10.36 10.76 -9.43
N ALA A 20 -10.95 10.07 -8.46
CA ALA A 20 -12.11 10.58 -7.75
C ALA A 20 -11.74 11.85 -6.97
N LEU A 21 -10.43 12.03 -6.75
CA LEU A 21 -9.93 13.18 -6.02
C LEU A 21 -10.12 14.45 -6.85
N GLN A 22 -9.74 14.38 -8.12
CA GLN A 22 -9.87 15.51 -9.03
C GLN A 22 -11.29 15.66 -9.57
N ALA A 23 -12.11 14.63 -9.36
CA ALA A 23 -13.49 14.63 -9.83
C ALA A 23 -14.11 16.03 -9.78
N VAL A 24 -14.01 16.67 -8.62
CA VAL A 24 -14.54 18.02 -8.43
C VAL A 24 -15.93 18.18 -9.05
N PRO A 25 -17.00 18.00 -8.24
CA PRO A 25 -16.89 17.66 -6.82
C PRO A 25 -16.41 16.22 -6.61
N PRO A 26 -15.45 16.01 -5.70
CA PRO A 26 -14.93 14.68 -5.41
C PRO A 26 -15.86 13.87 -4.52
N ARG A 27 -15.56 12.58 -4.38
CA ARG A 27 -16.37 11.69 -3.56
C ARG A 27 -15.58 11.15 -2.37
N PRO A 28 -15.31 12.00 -1.36
CA PRO A 28 -14.55 11.60 -0.17
C PRO A 28 -15.02 10.27 0.41
N ARG A 29 -16.29 9.93 0.16
CA ARG A 29 -16.85 8.69 0.66
C ARG A 29 -16.58 7.53 -0.28
N HIS A 30 -16.42 7.83 -1.56
CA HIS A 30 -16.13 6.80 -2.55
C HIS A 30 -14.63 6.57 -2.61
N VAL A 31 -13.88 7.65 -2.44
CA VAL A 31 -12.44 7.60 -2.46
C VAL A 31 -11.92 6.79 -1.26
N PHE A 32 -12.60 6.93 -0.12
CA PHE A 32 -12.22 6.21 1.09
C PHE A 32 -12.26 4.70 0.83
N ASN A 33 -13.12 4.29 -0.10
CA ASN A 33 -13.24 2.89 -0.45
C ASN A 33 -12.00 2.40 -1.18
N MET A 34 -11.66 3.08 -2.27
CA MET A 34 -10.48 2.71 -3.05
C MET A 34 -9.24 2.69 -2.16
N LEU A 35 -9.26 3.52 -1.12
CA LEU A 35 -8.15 3.60 -0.19
C LEU A 35 -7.96 2.28 0.55
N LYS A 36 -9.04 1.80 1.17
CA LYS A 36 -8.99 0.55 1.92
C LYS A 36 -8.45 -0.59 1.03
N LYS A 37 -8.64 -0.45 -0.27
CA LYS A 37 -8.16 -1.45 -1.23
C LYS A 37 -6.66 -1.31 -1.41
N TYR A 38 -6.22 -0.11 -1.77
CA TYR A 38 -4.80 0.15 -1.97
C TYR A 38 -4.00 -0.20 -0.71
N VAL A 39 -4.58 0.08 0.45
CA VAL A 39 -3.93 -0.23 1.71
C VAL A 39 -3.85 -1.73 1.93
N ARG A 40 -4.96 -2.42 1.70
CA ARG A 40 -5.01 -3.87 1.85
C ARG A 40 -3.98 -4.55 0.95
N ALA A 41 -3.62 -3.86 -0.14
CA ALA A 41 -2.65 -4.39 -1.08
C ALA A 41 -1.24 -4.35 -0.48
N GLU A 42 -0.96 -3.26 0.23
CA GLU A 42 0.35 -3.09 0.87
C GLU A 42 0.53 -4.11 1.98
N GLN A 43 -0.51 -4.31 2.77
CA GLN A 43 -0.47 -5.27 3.87
C GLN A 43 -0.07 -6.66 3.36
N LYS A 44 -0.62 -7.03 2.22
CA LYS A 44 -0.32 -8.33 1.62
C LYS A 44 1.15 -8.40 1.21
N ASP A 45 1.70 -7.25 0.83
CA ASP A 45 3.10 -7.17 0.42
C ASP A 45 4.02 -7.44 1.60
N ARG A 46 3.73 -6.81 2.73
CA ARG A 46 4.53 -6.99 3.94
C ARG A 46 4.60 -8.46 4.31
N GLN A 47 3.44 -9.11 4.35
CA GLN A 47 3.36 -10.52 4.68
C GLN A 47 4.02 -11.36 3.59
N HIS A 48 3.97 -10.85 2.36
CA HIS A 48 4.57 -11.53 1.23
C HIS A 48 6.09 -11.48 1.33
N THR A 49 6.59 -10.40 1.91
CA THR A 49 8.03 -10.23 2.09
C THR A 49 8.60 -11.34 2.96
N LEU A 50 7.99 -11.54 4.13
CA LEU A 50 8.43 -12.57 5.06
C LEU A 50 8.41 -13.94 4.39
N LYS A 51 7.45 -14.14 3.49
CA LYS A 51 7.32 -15.40 2.78
C LYS A 51 8.55 -15.66 1.91
N HIS A 52 8.99 -14.63 1.18
CA HIS A 52 10.15 -14.75 0.32
C HIS A 52 11.39 -15.12 1.13
N PHE A 53 11.44 -14.64 2.37
CA PHE A 53 12.55 -14.92 3.26
C PHE A 53 12.72 -16.42 3.48
N GLU A 54 11.64 -17.07 3.89
CA GLU A 54 11.65 -18.50 4.13
C GLU A 54 11.68 -19.27 2.82
N HIS A 55 10.94 -18.77 1.82
CA HIS A 55 10.88 -19.40 0.52
C HIS A 55 12.27 -19.44 -0.13
N VAL A 56 12.88 -18.27 -0.25
CA VAL A 56 14.20 -18.17 -0.85
C VAL A 56 15.23 -18.98 -0.06
N ARG A 57 14.95 -19.19 1.22
CA ARG A 57 15.84 -19.95 2.09
C ARG A 57 15.76 -21.44 1.79
N MET A 58 14.64 -21.87 1.22
CA MET A 58 14.44 -23.28 0.89
C MET A 58 15.02 -23.62 -0.48
N VAL A 59 15.15 -22.62 -1.34
CA VAL A 59 15.68 -22.83 -2.68
C VAL A 59 17.07 -22.23 -2.82
N ASP A 60 17.26 -21.03 -2.26
CA ASP A 60 18.54 -20.34 -2.34
C ASP A 60 18.98 -19.84 -0.95
N PRO A 61 19.41 -20.76 -0.08
CA PRO A 61 19.86 -20.40 1.28
C PRO A 61 21.00 -19.40 1.27
N LYS A 62 21.93 -19.58 0.34
CA LYS A 62 23.07 -18.68 0.22
C LYS A 62 22.63 -17.27 -0.11
N LYS A 63 21.85 -17.13 -1.18
CA LYS A 63 21.35 -15.83 -1.60
C LYS A 63 20.34 -15.29 -0.60
N ALA A 64 19.65 -16.19 0.08
CA ALA A 64 18.65 -15.81 1.08
C ALA A 64 19.28 -14.95 2.17
N ALA A 65 20.54 -15.24 2.49
CA ALA A 65 21.25 -14.49 3.52
C ALA A 65 21.70 -13.13 2.99
N GLN A 66 21.94 -13.06 1.69
CA GLN A 66 22.36 -11.83 1.05
C GLN A 66 21.19 -10.87 0.87
N ILE A 67 19.98 -11.43 0.75
CA ILE A 67 18.78 -10.62 0.57
C ILE A 67 18.24 -10.12 1.91
N ARG A 68 18.74 -10.67 3.01
CA ARG A 68 18.33 -10.28 4.35
C ARG A 68 18.15 -8.76 4.47
N SER A 69 19.10 -8.02 3.92
CA SER A 69 19.04 -6.57 3.95
C SER A 69 18.04 -6.04 2.93
N GLN A 70 17.89 -6.77 1.83
CA GLN A 70 16.97 -6.38 0.78
C GLN A 70 15.52 -6.61 1.22
N VAL A 71 15.26 -7.79 1.78
CA VAL A 71 13.93 -8.13 2.26
C VAL A 71 13.51 -7.18 3.38
N MET A 72 14.48 -6.74 4.16
CA MET A 72 14.21 -5.84 5.27
C MET A 72 13.64 -4.53 4.75
N THR A 73 14.22 -4.01 3.68
CA THR A 73 13.75 -2.76 3.09
C THR A 73 12.34 -2.94 2.51
N HIS A 74 12.02 -4.17 2.15
CA HIS A 74 10.71 -4.48 1.59
C HIS A 74 9.62 -4.18 2.61
N LEU A 75 9.89 -4.52 3.87
CA LEU A 75 8.94 -4.27 4.95
C LEU A 75 8.77 -2.78 5.16
N ARG A 76 9.88 -2.10 5.40
CA ARG A 76 9.85 -0.66 5.62
C ARG A 76 9.31 0.06 4.38
N VAL A 77 9.56 -0.51 3.20
CA VAL A 77 9.08 0.09 1.96
C VAL A 77 7.56 0.05 1.92
N ILE A 78 6.98 -1.02 2.48
CA ILE A 78 5.52 -1.16 2.52
C ILE A 78 4.90 0.01 3.27
N TYR A 79 5.42 0.30 4.45
CA TYR A 79 4.92 1.39 5.27
C TYR A 79 5.43 2.73 4.75
N GLU A 80 6.68 2.75 4.29
CA GLU A 80 7.28 3.98 3.76
C GLU A 80 6.52 4.45 2.52
N ARG A 81 6.42 3.58 1.52
CA ARG A 81 5.72 3.91 0.30
C ARG A 81 4.29 4.33 0.60
N MET A 82 3.71 3.72 1.63
CA MET A 82 2.34 4.03 2.03
C MET A 82 2.23 5.52 2.37
N ASN A 83 3.29 6.06 2.94
CA ASN A 83 3.32 7.47 3.30
C ASN A 83 3.37 8.34 2.06
N GLN A 84 4.02 7.83 1.01
CA GLN A 84 4.12 8.56 -0.25
C GLN A 84 2.75 8.74 -0.88
N SER A 85 1.95 7.68 -0.86
CA SER A 85 0.62 7.71 -1.43
C SER A 85 -0.26 8.72 -0.70
N LEU A 86 -0.07 8.80 0.62
CA LEU A 86 -0.85 9.73 1.44
C LEU A 86 -0.64 11.17 0.97
N SER A 87 0.58 11.48 0.56
CA SER A 87 0.89 12.81 0.07
C SER A 87 0.12 13.11 -1.22
N LEU A 88 -0.02 12.08 -2.05
CA LEU A 88 -0.72 12.21 -3.31
C LEU A 88 -2.17 12.64 -3.09
N LEU A 89 -2.83 12.02 -2.12
CA LEU A 89 -4.21 12.35 -1.81
C LEU A 89 -4.27 13.58 -0.91
N TYR A 90 -3.24 13.76 -0.10
CA TYR A 90 -3.18 14.91 0.80
C TYR A 90 -3.23 16.21 -0.01
N ASN A 91 -2.90 16.13 -1.30
CA ASN A 91 -2.93 17.29 -2.17
C ASN A 91 -4.24 18.04 -1.99
N VAL A 92 -5.29 17.30 -1.62
CA VAL A 92 -6.61 17.87 -1.37
C VAL A 92 -6.88 17.89 0.13
N PRO A 93 -6.26 18.82 0.87
CA PRO A 93 -6.42 18.94 2.31
C PRO A 93 -7.88 18.87 2.74
N ALA A 94 -8.77 19.31 1.85
CA ALA A 94 -10.20 19.30 2.14
C ALA A 94 -10.74 17.87 2.17
N VAL A 95 -10.42 17.10 1.13
CA VAL A 95 -10.85 15.71 1.04
C VAL A 95 -9.98 14.82 1.92
N ALA A 96 -8.67 15.04 1.85
CA ALA A 96 -7.72 14.26 2.63
C ALA A 96 -8.09 14.21 4.10
N GLU A 97 -8.72 15.28 4.58
CA GLU A 97 -9.12 15.36 5.97
C GLU A 97 -10.38 14.52 6.23
N GLU A 98 -11.42 14.77 5.45
CA GLU A 98 -12.67 14.03 5.58
C GLU A 98 -12.44 12.54 5.40
N ILE A 99 -11.68 12.19 4.37
CA ILE A 99 -11.38 10.80 4.07
C ILE A 99 -10.56 10.16 5.18
N GLN A 100 -9.64 10.93 5.76
CA GLN A 100 -8.78 10.42 6.83
C GLN A 100 -9.62 10.00 8.03
N ASP A 101 -10.69 10.74 8.30
CA ASP A 101 -11.56 10.44 9.44
C ASP A 101 -12.19 9.06 9.26
N GLU A 102 -12.84 8.85 8.12
CA GLU A 102 -13.50 7.58 7.84
C GLU A 102 -12.47 6.48 7.52
N VAL A 103 -11.39 6.88 6.86
CA VAL A 103 -10.34 5.94 6.50
C VAL A 103 -9.66 5.39 7.74
N ASP A 104 -9.16 6.27 8.58
CA ASP A 104 -8.49 5.86 9.82
C ASP A 104 -9.43 5.02 10.68
N GLU A 105 -10.73 5.27 10.54
CA GLU A 105 -11.73 4.53 11.30
C GLU A 105 -12.01 3.17 10.67
N LEU A 106 -11.75 3.07 9.37
CA LEU A 106 -11.99 1.83 8.64
C LEU A 106 -10.81 0.87 8.81
N LEU A 107 -9.61 1.41 8.87
CA LEU A 107 -8.41 0.60 9.00
C LEU A 107 -8.06 0.29 10.46
N GLN A 108 -8.56 1.09 11.39
CA GLN A 108 -8.26 0.85 12.81
C GLN A 108 -8.93 -0.43 13.29
N LYS A 109 -10.25 -0.48 13.19
CA LYS A 109 -11.01 -1.66 13.62
C LYS A 109 -10.47 -2.92 12.96
N GLU A 110 -9.89 -2.78 11.77
CA GLU A 110 -9.35 -3.91 11.04
C GLU A 110 -8.27 -4.62 11.87
N ARG A 1 5.78 -13.40 -11.54
CA ARG A 1 4.68 -12.62 -12.16
C ARG A 1 3.70 -12.10 -11.10
N VAL A 2 3.56 -12.85 -10.02
CA VAL A 2 2.67 -12.47 -8.92
C VAL A 2 3.06 -11.11 -8.34
N GLU A 3 4.37 -10.92 -8.16
CA GLU A 3 4.88 -9.67 -7.60
C GLU A 3 4.34 -8.48 -8.38
N ALA A 4 4.44 -8.55 -9.70
CA ALA A 4 3.95 -7.48 -10.56
C ALA A 4 2.44 -7.31 -10.42
N MET A 5 1.75 -8.41 -10.13
CA MET A 5 0.30 -8.38 -9.96
C MET A 5 -0.08 -7.58 -8.71
N LEU A 6 0.72 -7.73 -7.67
CA LEU A 6 0.47 -7.01 -6.42
C LEU A 6 0.64 -5.51 -6.61
N ASN A 7 1.58 -5.12 -7.46
CA ASN A 7 1.83 -3.72 -7.73
C ASN A 7 0.68 -3.09 -8.51
N ASP A 8 0.22 -3.80 -9.54
CA ASP A 8 -0.88 -3.32 -10.37
C ASP A 8 -2.14 -3.12 -9.52
N ARG A 9 -2.47 -4.13 -8.73
CA ARG A 9 -3.64 -4.07 -7.86
C ARG A 9 -3.57 -2.88 -6.92
N ARG A 10 -2.35 -2.50 -6.55
CA ARG A 10 -2.14 -1.37 -5.65
C ARG A 10 -2.15 -0.06 -6.42
N ARG A 11 -1.40 -0.01 -7.51
CA ARG A 11 -1.32 1.19 -8.35
C ARG A 11 -2.70 1.56 -8.87
N LEU A 12 -3.40 0.59 -9.45
CA LEU A 12 -4.73 0.82 -9.99
C LEU A 12 -5.69 1.24 -8.88
N ALA A 13 -5.56 0.63 -7.72
CA ALA A 13 -6.42 0.96 -6.58
C ALA A 13 -6.16 2.39 -6.12
N LEU A 14 -4.88 2.76 -6.12
CA LEU A 14 -4.48 4.10 -5.72
C LEU A 14 -4.90 5.11 -6.79
N GLU A 15 -4.57 4.79 -8.04
CA GLU A 15 -4.92 5.65 -9.16
C GLU A 15 -6.44 5.76 -9.28
N ASN A 16 -7.14 4.73 -8.81
CA ASN A 16 -8.60 4.70 -8.87
C ASN A 16 -9.21 5.73 -7.93
N TYR A 17 -8.78 5.73 -6.67
CA TYR A 17 -9.31 6.67 -5.69
C TYR A 17 -8.89 8.09 -6.05
N ILE A 18 -7.71 8.22 -6.63
CA ILE A 18 -7.20 9.52 -7.05
C ILE A 18 -8.13 10.14 -8.08
N THR A 19 -8.73 9.29 -8.90
CA THR A 19 -9.66 9.75 -9.93
C THR A 19 -10.83 10.47 -9.27
N ALA A 20 -11.38 9.87 -8.22
CA ALA A 20 -12.48 10.46 -7.49
C ALA A 20 -12.05 11.77 -6.84
N LEU A 21 -10.77 11.83 -6.47
CA LEU A 21 -10.21 13.03 -5.85
C LEU A 21 -10.37 14.24 -6.77
N GLN A 22 -10.13 14.01 -8.06
CA GLN A 22 -10.25 15.07 -9.05
C GLN A 22 -11.70 15.23 -9.54
N ALA A 23 -12.54 14.24 -9.22
CA ALA A 23 -13.94 14.26 -9.61
C ALA A 23 -14.54 15.67 -9.55
N VAL A 24 -14.44 16.31 -8.40
CA VAL A 24 -14.95 17.66 -8.22
C VAL A 24 -16.38 17.80 -8.75
N PRO A 25 -17.40 17.67 -7.87
CA PRO A 25 -17.22 17.41 -6.44
C PRO A 25 -16.72 16.00 -6.17
N PRO A 26 -15.71 15.84 -5.30
CA PRO A 26 -15.16 14.53 -4.97
C PRO A 26 -15.97 13.82 -3.90
N ARG A 27 -15.88 12.49 -3.88
CA ARG A 27 -16.61 11.68 -2.91
C ARG A 27 -15.68 11.19 -1.81
N PRO A 28 -15.36 12.05 -0.83
CA PRO A 28 -14.47 11.69 0.29
C PRO A 28 -14.89 10.38 0.95
N ARG A 29 -16.16 10.01 0.80
CA ARG A 29 -16.67 8.78 1.37
C ARG A 29 -16.47 7.61 0.42
N HIS A 30 -16.42 7.89 -0.87
CA HIS A 30 -16.21 6.85 -1.86
C HIS A 30 -14.72 6.62 -2.03
N VAL A 31 -13.97 7.72 -1.94
CA VAL A 31 -12.53 7.68 -2.08
C VAL A 31 -11.91 6.92 -0.91
N PHE A 32 -12.48 7.09 0.28
CA PHE A 32 -11.98 6.41 1.46
C PHE A 32 -12.13 4.90 1.30
N ASN A 33 -13.08 4.48 0.46
CA ASN A 33 -13.33 3.07 0.21
C ASN A 33 -12.17 2.46 -0.57
N MET A 34 -11.84 3.05 -1.72
CA MET A 34 -10.74 2.55 -2.54
C MET A 34 -9.46 2.45 -1.73
N LEU A 35 -9.33 3.26 -0.70
CA LEU A 35 -8.14 3.26 0.14
C LEU A 35 -8.05 1.96 0.94
N LYS A 36 -9.13 1.59 1.60
CA LYS A 36 -9.16 0.38 2.41
C LYS A 36 -8.80 -0.85 1.56
N LYS A 37 -9.12 -0.79 0.27
CA LYS A 37 -8.80 -1.90 -0.63
C LYS A 37 -7.37 -1.78 -1.12
N TYR A 38 -6.99 -0.58 -1.57
CA TYR A 38 -5.63 -0.35 -2.04
C TYR A 38 -4.64 -0.75 -0.95
N VAL A 39 -5.02 -0.43 0.29
CA VAL A 39 -4.19 -0.75 1.44
C VAL A 39 -4.06 -2.26 1.59
N ARG A 40 -5.17 -2.97 1.39
CA ARG A 40 -5.18 -4.42 1.48
C ARG A 40 -4.16 -5.03 0.53
N ALA A 41 -3.89 -4.32 -0.57
CA ALA A 41 -2.91 -4.77 -1.55
C ALA A 41 -1.50 -4.66 -0.99
N GLU A 42 -1.23 -3.56 -0.32
CA GLU A 42 0.08 -3.33 0.28
C GLU A 42 0.36 -4.38 1.35
N GLN A 43 -0.62 -4.57 2.24
CA GLN A 43 -0.50 -5.54 3.31
C GLN A 43 -0.16 -6.92 2.75
N LYS A 44 -0.76 -7.23 1.60
CA LYS A 44 -0.51 -8.50 0.94
C LYS A 44 0.90 -8.54 0.37
N ASP A 45 1.37 -7.37 -0.07
CA ASP A 45 2.71 -7.26 -0.64
C ASP A 45 3.76 -7.56 0.42
N ARG A 46 3.54 -7.04 1.63
CA ARG A 46 4.46 -7.26 2.74
C ARG A 46 4.57 -8.75 3.03
N GLN A 47 3.43 -9.43 3.01
CA GLN A 47 3.39 -10.87 3.27
C GLN A 47 4.16 -11.61 2.18
N HIS A 48 4.16 -11.05 0.98
CA HIS A 48 4.87 -11.65 -0.15
C HIS A 48 6.36 -11.65 0.10
N THR A 49 6.84 -10.59 0.76
CA THR A 49 8.25 -10.46 1.07
C THR A 49 8.69 -11.58 2.01
N LEU A 50 7.88 -11.86 3.02
CA LEU A 50 8.18 -12.92 3.98
C LEU A 50 8.38 -14.25 3.26
N LYS A 51 7.59 -14.49 2.23
CA LYS A 51 7.69 -15.72 1.45
C LYS A 51 9.10 -15.89 0.88
N HIS A 52 9.61 -14.84 0.26
CA HIS A 52 10.96 -14.87 -0.32
C HIS A 52 12.00 -15.19 0.75
N PHE A 53 11.79 -14.64 1.95
CA PHE A 53 12.69 -14.87 3.06
C PHE A 53 12.86 -16.37 3.32
N GLU A 54 11.74 -17.06 3.44
CA GLU A 54 11.75 -18.51 3.69
C GLU A 54 12.11 -19.28 2.42
N HIS A 55 11.68 -18.76 1.27
CA HIS A 55 11.95 -19.41 -0.01
C HIS A 55 13.44 -19.40 -0.29
N VAL A 56 14.04 -18.22 -0.34
CA VAL A 56 15.46 -18.08 -0.60
C VAL A 56 16.29 -18.79 0.46
N ARG A 57 15.70 -18.96 1.64
CA ARG A 57 16.38 -19.64 2.75
C ARG A 57 16.41 -21.14 2.54
N MET A 58 15.47 -21.65 1.76
CA MET A 58 15.39 -23.09 1.49
C MET A 58 16.31 -23.49 0.35
N VAL A 59 16.63 -22.54 -0.53
CA VAL A 59 17.50 -22.81 -1.67
C VAL A 59 18.85 -22.12 -1.50
N ASP A 60 18.83 -20.89 -1.01
CA ASP A 60 20.05 -20.12 -0.81
C ASP A 60 20.14 -19.59 0.62
N PRO A 61 20.55 -20.44 1.57
CA PRO A 61 20.68 -20.05 2.98
C PRO A 61 21.57 -18.84 3.18
N LYS A 62 22.77 -18.89 2.59
CA LYS A 62 23.72 -17.79 2.69
C LYS A 62 23.12 -16.51 2.16
N LYS A 63 22.59 -16.57 0.94
CA LYS A 63 21.98 -15.41 0.32
C LYS A 63 20.84 -14.86 1.18
N ALA A 64 20.05 -15.76 1.76
CA ALA A 64 18.94 -15.37 2.61
C ALA A 64 19.41 -14.44 3.72
N ALA A 65 20.65 -14.64 4.17
CA ALA A 65 21.23 -13.82 5.22
C ALA A 65 21.64 -12.45 4.69
N GLN A 66 22.00 -12.41 3.41
CA GLN A 66 22.41 -11.17 2.76
C GLN A 66 21.20 -10.29 2.47
N ILE A 67 20.06 -10.93 2.25
CA ILE A 67 18.83 -10.21 1.97
C ILE A 67 18.11 -9.78 3.25
N ARG A 68 18.53 -10.34 4.38
CA ARG A 68 17.94 -10.02 5.68
C ARG A 68 17.63 -8.54 5.81
N SER A 69 18.57 -7.69 5.39
CA SER A 69 18.40 -6.25 5.46
C SER A 69 17.53 -5.74 4.31
N GLN A 70 17.59 -6.42 3.18
CA GLN A 70 16.82 -6.04 2.01
C GLN A 70 15.35 -6.41 2.19
N VAL A 71 15.11 -7.62 2.65
CA VAL A 71 13.75 -8.09 2.89
C VAL A 71 13.07 -7.25 3.96
N MET A 72 13.87 -6.78 4.91
CA MET A 72 13.35 -5.94 5.99
C MET A 72 12.85 -4.62 5.44
N THR A 73 13.70 -3.92 4.68
CA THR A 73 13.30 -2.65 4.08
C THR A 73 12.08 -2.83 3.20
N HIS A 74 11.94 -4.03 2.63
CA HIS A 74 10.82 -4.35 1.77
C HIS A 74 9.50 -4.14 2.51
N LEU A 75 9.43 -4.63 3.74
CA LEU A 75 8.22 -4.48 4.56
C LEU A 75 8.00 -2.99 4.84
N ARG A 76 9.07 -2.30 5.21
CA ARG A 76 9.00 -0.88 5.51
C ARG A 76 8.48 -0.13 4.28
N VAL A 77 8.94 -0.54 3.11
CA VAL A 77 8.52 0.08 1.86
C VAL A 77 6.99 0.06 1.73
N ILE A 78 6.38 -1.06 2.12
CA ILE A 78 4.94 -1.20 2.06
C ILE A 78 4.25 -0.08 2.84
N TYR A 79 4.65 0.09 4.10
CA TYR A 79 4.06 1.11 4.95
C TYR A 79 4.59 2.50 4.59
N GLU A 80 5.88 2.59 4.30
CA GLU A 80 6.50 3.85 3.93
C GLU A 80 5.88 4.41 2.65
N ARG A 81 5.91 3.60 1.59
CA ARG A 81 5.35 4.01 0.31
C ARG A 81 3.88 4.37 0.47
N MET A 82 3.21 3.73 1.42
CA MET A 82 1.80 4.02 1.67
C MET A 82 1.64 5.48 2.06
N ASN A 83 2.62 5.99 2.80
CA ASN A 83 2.59 7.38 3.23
C ASN A 83 2.72 8.30 2.02
N GLN A 84 3.50 7.86 1.03
CA GLN A 84 3.69 8.63 -0.19
C GLN A 84 2.34 8.90 -0.86
N SER A 85 1.52 7.86 -0.94
CA SER A 85 0.19 7.99 -1.54
C SER A 85 -0.61 9.07 -0.83
N LEU A 86 -0.46 9.12 0.49
CA LEU A 86 -1.17 10.10 1.30
C LEU A 86 -0.77 11.52 0.89
N SER A 87 0.45 11.65 0.38
CA SER A 87 0.94 12.96 -0.07
C SER A 87 0.19 13.41 -1.31
N LEU A 88 -0.09 12.45 -2.21
CA LEU A 88 -0.81 12.75 -3.44
C LEU A 88 -2.18 13.30 -3.12
N LEU A 89 -2.89 12.63 -2.22
CA LEU A 89 -4.22 13.07 -1.83
C LEU A 89 -4.10 14.30 -0.93
N TYR A 90 -3.01 14.36 -0.16
CA TYR A 90 -2.78 15.49 0.72
C TYR A 90 -2.83 16.79 -0.07
N ASN A 91 -2.58 16.69 -1.39
CA ASN A 91 -2.64 17.86 -2.25
C ASN A 91 -3.91 18.66 -1.97
N VAL A 92 -4.94 17.93 -1.52
CA VAL A 92 -6.22 18.52 -1.17
C VAL A 92 -6.39 18.51 0.35
N PRO A 93 -5.67 19.39 1.06
CA PRO A 93 -5.73 19.47 2.52
C PRO A 93 -7.16 19.39 3.05
N ALA A 94 -8.11 19.87 2.26
CA ALA A 94 -9.52 19.86 2.65
C ALA A 94 -10.06 18.44 2.69
N VAL A 95 -9.84 17.71 1.60
CA VAL A 95 -10.31 16.33 1.49
C VAL A 95 -9.38 15.40 2.26
N ALA A 96 -8.08 15.65 2.16
CA ALA A 96 -7.08 14.84 2.83
C ALA A 96 -7.38 14.69 4.32
N GLU A 97 -7.95 15.73 4.92
CA GLU A 97 -8.27 15.72 6.34
C GLU A 97 -9.53 14.92 6.62
N GLU A 98 -10.59 15.21 5.89
CA GLU A 98 -11.86 14.52 6.08
C GLU A 98 -11.72 13.02 5.80
N ILE A 99 -10.96 12.69 4.76
CA ILE A 99 -10.76 11.30 4.38
C ILE A 99 -9.79 10.59 5.33
N GLN A 100 -8.74 11.30 5.75
CA GLN A 100 -7.75 10.71 6.66
C GLN A 100 -8.39 10.36 8.00
N ASP A 101 -9.21 11.27 8.51
CA ASP A 101 -9.88 11.06 9.79
C ASP A 101 -10.73 9.79 9.76
N GLU A 102 -11.51 9.63 8.71
CA GLU A 102 -12.38 8.47 8.56
C GLU A 102 -11.60 7.24 8.11
N VAL A 103 -10.65 7.45 7.20
CA VAL A 103 -9.85 6.34 6.69
C VAL A 103 -9.03 5.70 7.81
N ASP A 104 -8.26 6.52 8.51
CA ASP A 104 -7.44 6.02 9.60
C ASP A 104 -8.32 5.34 10.66
N GLU A 105 -9.52 5.87 10.84
CA GLU A 105 -10.46 5.32 11.81
C GLU A 105 -11.02 3.98 11.34
N LEU A 106 -11.02 3.77 10.02
CA LEU A 106 -11.55 2.54 9.45
C LEU A 106 -10.56 1.38 9.59
N LEU A 107 -9.27 1.69 9.54
CA LEU A 107 -8.23 0.67 9.63
C LEU A 107 -7.85 0.34 11.06
N GLN A 108 -8.21 1.20 12.01
CA GLN A 108 -7.89 0.97 13.42
C GLN A 108 -8.39 -0.40 13.86
N LYS A 109 -9.64 -0.71 13.50
CA LYS A 109 -10.24 -1.99 13.87
C LYS A 109 -9.41 -3.16 13.35
N GLU A 110 -8.69 -2.94 12.26
CA GLU A 110 -7.84 -3.98 11.68
C GLU A 110 -6.37 -3.64 11.84
N ARG A 1 6.07 -12.23 -12.85
CA ARG A 1 4.63 -12.31 -13.21
C ARG A 1 3.74 -11.86 -12.05
N VAL A 2 3.75 -12.64 -10.96
CA VAL A 2 2.95 -12.31 -9.79
C VAL A 2 3.35 -10.96 -9.20
N GLU A 3 4.66 -10.71 -9.13
CA GLU A 3 5.16 -9.45 -8.59
C GLU A 3 4.50 -8.27 -9.29
N ALA A 4 4.41 -8.36 -10.61
CA ALA A 4 3.80 -7.30 -11.40
C ALA A 4 2.32 -7.16 -11.07
N MET A 5 1.69 -8.28 -10.70
CA MET A 5 0.27 -8.27 -10.36
C MET A 5 0.03 -7.48 -9.08
N LEU A 6 0.94 -7.61 -8.13
CA LEU A 6 0.83 -6.89 -6.86
C LEU A 6 0.97 -5.40 -7.07
N ASN A 7 1.84 -5.01 -7.99
CA ASN A 7 2.09 -3.60 -8.29
C ASN A 7 0.91 -3.01 -9.05
N ASP A 8 0.37 -3.77 -10.00
CA ASP A 8 -0.76 -3.32 -10.79
C ASP A 8 -1.98 -3.07 -9.91
N ARG A 9 -2.33 -4.05 -9.08
CA ARG A 9 -3.47 -3.93 -8.18
C ARG A 9 -3.30 -2.73 -7.26
N ARG A 10 -2.06 -2.41 -6.93
CA ARG A 10 -1.76 -1.28 -6.06
C ARG A 10 -1.76 0.02 -6.84
N ARG A 11 -1.11 0.02 -8.00
CA ARG A 11 -1.03 1.20 -8.85
C ARG A 11 -2.43 1.60 -9.30
N LEU A 12 -3.16 0.65 -9.87
CA LEU A 12 -4.52 0.91 -10.34
C LEU A 12 -5.42 1.30 -9.18
N ALA A 13 -5.21 0.67 -8.02
CA ALA A 13 -5.99 0.97 -6.84
C ALA A 13 -5.73 2.39 -6.36
N LEU A 14 -4.46 2.79 -6.41
CA LEU A 14 -4.08 4.13 -6.01
C LEU A 14 -4.54 5.14 -7.06
N GLU A 15 -4.29 4.82 -8.32
CA GLU A 15 -4.69 5.69 -9.41
C GLU A 15 -6.21 5.80 -9.48
N ASN A 16 -6.90 4.77 -9.01
CA ASN A 16 -8.36 4.75 -9.01
C ASN A 16 -8.92 5.75 -8.01
N TYR A 17 -8.39 5.73 -6.78
CA TYR A 17 -8.85 6.65 -5.75
C TYR A 17 -8.51 8.09 -6.14
N ILE A 18 -7.33 8.27 -6.74
CA ILE A 18 -6.89 9.59 -7.17
C ILE A 18 -7.90 10.18 -8.15
N THR A 19 -8.52 9.33 -8.95
CA THR A 19 -9.52 9.78 -9.92
C THR A 19 -10.66 10.48 -9.19
N ALA A 20 -11.14 9.86 -8.11
CA ALA A 20 -12.22 10.44 -7.32
C ALA A 20 -11.76 11.74 -6.68
N LEU A 21 -10.47 11.83 -6.40
CA LEU A 21 -9.89 13.03 -5.79
C LEU A 21 -10.10 14.23 -6.71
N GLN A 22 -9.89 14.01 -8.01
CA GLN A 22 -10.04 15.07 -9.00
C GLN A 22 -11.49 15.17 -9.50
N ALA A 23 -12.29 14.15 -9.19
CA ALA A 23 -13.69 14.09 -9.60
C ALA A 23 -14.31 15.49 -9.67
N VAL A 24 -14.23 16.22 -8.57
CA VAL A 24 -14.78 17.58 -8.50
C VAL A 24 -16.19 17.66 -9.10
N PRO A 25 -17.24 17.59 -8.26
CA PRO A 25 -17.10 17.45 -6.80
C PRO A 25 -16.61 16.06 -6.41
N PRO A 26 -15.60 15.96 -5.52
CA PRO A 26 -15.06 14.69 -5.07
C PRO A 26 -15.94 14.03 -4.01
N ARG A 27 -15.76 12.72 -3.84
CA ARG A 27 -16.53 11.97 -2.85
C ARG A 27 -15.64 11.48 -1.72
N PRO A 28 -15.33 12.35 -0.74
CA PRO A 28 -14.48 12.00 0.39
C PRO A 28 -14.84 10.67 1.02
N ARG A 29 -16.10 10.27 0.90
CA ARG A 29 -16.55 9.00 1.47
C ARG A 29 -16.41 7.86 0.48
N HIS A 30 -16.34 8.18 -0.81
CA HIS A 30 -16.18 7.17 -1.83
C HIS A 30 -14.69 6.92 -2.04
N VAL A 31 -13.93 8.02 -1.97
CA VAL A 31 -12.50 7.98 -2.13
C VAL A 31 -11.85 7.15 -1.02
N PHE A 32 -12.31 7.36 0.21
CA PHE A 32 -11.77 6.62 1.35
C PHE A 32 -11.89 5.11 1.13
N ASN A 33 -12.90 4.72 0.35
CA ASN A 33 -13.12 3.31 0.05
C ASN A 33 -12.00 2.76 -0.82
N MET A 34 -11.70 3.45 -1.91
CA MET A 34 -10.64 3.01 -2.81
C MET A 34 -9.32 2.85 -2.06
N LEU A 35 -9.13 3.68 -1.04
CA LEU A 35 -7.90 3.63 -0.24
C LEU A 35 -7.77 2.28 0.47
N LYS A 36 -8.82 1.87 1.17
CA LYS A 36 -8.81 0.60 1.90
C LYS A 36 -8.48 -0.56 0.97
N LYS A 37 -8.84 -0.43 -0.30
CA LYS A 37 -8.57 -1.47 -1.28
C LYS A 37 -7.09 -1.48 -1.64
N TYR A 38 -6.57 -0.30 -1.96
CA TYR A 38 -5.16 -0.17 -2.32
C TYR A 38 -4.29 -0.57 -1.12
N VAL A 39 -4.79 -0.28 0.07
CA VAL A 39 -4.07 -0.63 1.30
C VAL A 39 -3.95 -2.13 1.45
N ARG A 40 -5.08 -2.82 1.31
CA ARG A 40 -5.12 -4.27 1.42
C ARG A 40 -4.10 -4.91 0.48
N ALA A 41 -3.80 -4.22 -0.61
CA ALA A 41 -2.83 -4.70 -1.58
C ALA A 41 -1.43 -4.67 -1.01
N GLU A 42 -1.12 -3.59 -0.29
CA GLU A 42 0.18 -3.42 0.34
C GLU A 42 0.39 -4.48 1.41
N GLN A 43 -0.64 -4.70 2.22
CA GLN A 43 -0.58 -5.69 3.28
C GLN A 43 -0.29 -7.08 2.70
N LYS A 44 -0.96 -7.41 1.60
CA LYS A 44 -0.78 -8.69 0.95
C LYS A 44 0.68 -8.85 0.50
N ASP A 45 1.25 -7.77 0.00
CA ASP A 45 2.64 -7.79 -0.46
C ASP A 45 3.59 -7.90 0.73
N ARG A 46 3.21 -7.29 1.85
CA ARG A 46 4.02 -7.33 3.06
C ARG A 46 4.24 -8.78 3.51
N GLN A 47 3.20 -9.59 3.37
CA GLN A 47 3.27 -11.00 3.74
C GLN A 47 4.29 -11.74 2.87
N HIS A 48 4.40 -11.30 1.62
CA HIS A 48 5.34 -11.92 0.68
C HIS A 48 6.77 -11.71 1.16
N THR A 49 7.05 -10.52 1.70
CA THR A 49 8.38 -10.21 2.20
C THR A 49 8.77 -11.16 3.33
N LEU A 50 7.80 -11.47 4.18
CA LEU A 50 8.04 -12.37 5.30
C LEU A 50 8.24 -13.80 4.80
N LYS A 51 7.45 -14.19 3.80
CA LYS A 51 7.54 -15.52 3.23
C LYS A 51 8.81 -15.66 2.39
N HIS A 52 9.17 -14.60 1.68
CA HIS A 52 10.37 -14.61 0.84
C HIS A 52 11.61 -14.88 1.68
N PHE A 53 11.68 -14.25 2.85
CA PHE A 53 12.81 -14.43 3.75
C PHE A 53 12.96 -15.89 4.15
N GLU A 54 11.89 -16.48 4.65
CA GLU A 54 11.89 -17.87 5.08
C GLU A 54 12.02 -18.82 3.88
N HIS A 55 11.51 -18.38 2.73
CA HIS A 55 11.56 -19.19 1.52
C HIS A 55 13.00 -19.34 1.04
N VAL A 56 13.63 -18.21 0.71
CA VAL A 56 15.01 -18.24 0.25
C VAL A 56 15.94 -18.80 1.33
N ARG A 57 15.48 -18.74 2.58
CA ARG A 57 16.26 -19.25 3.70
C ARG A 57 16.29 -20.78 3.71
N MET A 58 15.23 -21.38 3.17
CA MET A 58 15.15 -22.83 3.11
C MET A 58 15.98 -23.36 1.95
N VAL A 59 15.81 -22.73 0.80
CA VAL A 59 16.53 -23.12 -0.41
C VAL A 59 17.95 -22.56 -0.40
N ASP A 60 18.10 -21.30 -0.01
CA ASP A 60 19.40 -20.65 0.02
C ASP A 60 19.59 -19.86 1.33
N PRO A 61 19.95 -20.55 2.42
CA PRO A 61 20.15 -19.91 3.72
C PRO A 61 21.21 -18.80 3.66
N LYS A 62 22.38 -19.16 3.15
CA LYS A 62 23.49 -18.20 3.04
C LYS A 62 23.08 -17.00 2.18
N LYS A 63 22.52 -17.29 1.01
CA LYS A 63 22.09 -16.24 0.10
C LYS A 63 21.00 -15.39 0.75
N ALA A 64 20.12 -16.03 1.51
CA ALA A 64 19.03 -15.35 2.19
C ALA A 64 19.57 -14.22 3.06
N ALA A 65 20.76 -14.41 3.60
CA ALA A 65 21.39 -13.41 4.45
C ALA A 65 21.96 -12.27 3.62
N GLN A 66 22.38 -12.59 2.40
CA GLN A 66 22.94 -11.58 1.50
C GLN A 66 21.84 -10.70 0.93
N ILE A 67 20.62 -11.25 0.86
CA ILE A 67 19.48 -10.52 0.32
C ILE A 67 18.72 -9.79 1.43
N ARG A 68 19.03 -10.12 2.69
CA ARG A 68 18.38 -9.51 3.85
C ARG A 68 18.18 -8.01 3.65
N SER A 69 19.23 -7.32 3.25
CA SER A 69 19.17 -5.88 3.03
C SER A 69 18.10 -5.54 1.99
N GLN A 70 17.96 -6.41 1.00
CA GLN A 70 16.98 -6.20 -0.07
C GLN A 70 15.58 -6.57 0.43
N VAL A 71 15.46 -7.76 1.01
CA VAL A 71 14.19 -8.22 1.54
C VAL A 71 13.73 -7.30 2.67
N MET A 72 14.70 -6.73 3.38
CA MET A 72 14.40 -5.83 4.48
C MET A 72 13.81 -4.53 3.98
N THR A 73 14.48 -3.91 3.00
CA THR A 73 14.00 -2.66 2.42
C THR A 73 12.63 -2.85 1.81
N HIS A 74 12.37 -4.05 1.30
CA HIS A 74 11.08 -4.36 0.69
C HIS A 74 9.96 -4.19 1.70
N LEU A 75 10.20 -4.66 2.92
CA LEU A 75 9.22 -4.55 3.99
C LEU A 75 8.95 -3.08 4.30
N ARG A 76 10.03 -2.29 4.37
CA ARG A 76 9.91 -0.87 4.64
C ARG A 76 9.10 -0.21 3.54
N VAL A 77 9.40 -0.56 2.30
CA VAL A 77 8.70 -0.01 1.14
C VAL A 77 7.20 -0.17 1.31
N ILE A 78 6.77 -1.33 1.82
CA ILE A 78 5.35 -1.59 2.04
C ILE A 78 4.73 -0.50 2.90
N TYR A 79 5.33 -0.26 4.06
CA TYR A 79 4.82 0.76 4.98
C TYR A 79 5.17 2.16 4.50
N GLU A 80 6.40 2.33 4.01
CA GLU A 80 6.86 3.62 3.52
C GLU A 80 5.99 4.09 2.35
N ARG A 81 5.82 3.24 1.36
CA ARG A 81 5.01 3.58 0.19
C ARG A 81 3.60 3.96 0.62
N MET A 82 3.09 3.28 1.65
CA MET A 82 1.75 3.56 2.15
C MET A 82 1.64 5.03 2.56
N ASN A 83 2.74 5.56 3.09
CA ASN A 83 2.78 6.95 3.52
C ASN A 83 2.75 7.88 2.31
N GLN A 84 3.30 7.42 1.19
CA GLN A 84 3.33 8.20 -0.03
C GLN A 84 1.91 8.42 -0.55
N SER A 85 1.08 7.37 -0.45
CA SER A 85 -0.29 7.45 -0.90
C SER A 85 -1.05 8.51 -0.11
N LEU A 86 -0.83 8.53 1.20
CA LEU A 86 -1.49 9.50 2.07
C LEU A 86 -0.99 10.92 1.79
N SER A 87 0.24 11.01 1.28
CA SER A 87 0.83 12.30 0.95
C SER A 87 0.24 12.84 -0.34
N LEU A 88 0.04 11.94 -1.31
CA LEU A 88 -0.52 12.32 -2.59
C LEU A 88 -1.90 12.92 -2.42
N LEU A 89 -2.65 12.38 -1.46
CA LEU A 89 -3.98 12.88 -1.18
C LEU A 89 -3.92 14.03 -0.18
N TYR A 90 -2.91 14.00 0.69
CA TYR A 90 -2.75 15.07 1.68
C TYR A 90 -2.69 16.42 0.97
N ASN A 91 -2.30 16.42 -0.30
CA ASN A 91 -2.23 17.65 -1.08
C ASN A 91 -3.51 18.47 -0.88
N VAL A 92 -4.60 17.76 -0.62
CA VAL A 92 -5.90 18.39 -0.37
C VAL A 92 -6.22 18.33 1.12
N PRO A 93 -5.60 19.21 1.93
CA PRO A 93 -5.82 19.23 3.37
C PRO A 93 -7.30 19.18 3.74
N ALA A 94 -8.14 19.67 2.84
CA ALA A 94 -9.58 19.66 3.07
C ALA A 94 -10.14 18.24 3.01
N VAL A 95 -9.86 17.56 1.91
CA VAL A 95 -10.33 16.19 1.71
C VAL A 95 -9.50 15.22 2.55
N ALA A 96 -8.20 15.43 2.56
CA ALA A 96 -7.28 14.58 3.32
C ALA A 96 -7.73 14.43 4.78
N GLU A 97 -8.30 15.50 5.32
CA GLU A 97 -8.77 15.49 6.70
C GLU A 97 -10.04 14.66 6.86
N GLU A 98 -11.03 14.95 6.01
CA GLU A 98 -12.29 14.23 6.05
C GLU A 98 -12.08 12.74 5.81
N ILE A 99 -11.26 12.43 4.82
CA ILE A 99 -10.97 11.04 4.46
C ILE A 99 -10.13 10.36 5.54
N GLN A 100 -9.18 11.10 6.11
CA GLN A 100 -8.30 10.55 7.14
C GLN A 100 -9.10 10.10 8.35
N ASP A 101 -10.09 10.90 8.74
CA ASP A 101 -10.93 10.57 9.89
C ASP A 101 -11.66 9.25 9.69
N GLU A 102 -12.31 9.10 8.54
CA GLU A 102 -13.06 7.89 8.23
C GLU A 102 -12.12 6.75 7.85
N VAL A 103 -11.02 7.08 7.18
CA VAL A 103 -10.06 6.06 6.77
C VAL A 103 -9.41 5.41 7.97
N ASP A 104 -8.79 6.21 8.82
CA ASP A 104 -8.13 5.70 10.02
C ASP A 104 -9.13 4.93 10.88
N GLU A 105 -10.39 5.34 10.81
CA GLU A 105 -11.45 4.70 11.59
C GLU A 105 -11.88 3.37 10.95
N LEU A 106 -11.63 3.25 9.65
CA LEU A 106 -11.99 2.03 8.92
C LEU A 106 -10.96 0.93 9.13
N LEU A 107 -9.70 1.31 9.26
CA LEU A 107 -8.61 0.34 9.43
C LEU A 107 -8.39 -0.04 10.89
N GLN A 108 -8.90 0.76 11.82
CA GLN A 108 -8.72 0.46 13.24
C GLN A 108 -9.34 -0.88 13.61
N LYS A 109 -10.62 -1.03 13.26
CA LYS A 109 -11.35 -2.27 13.55
C LYS A 109 -10.69 -3.47 12.89
N GLU A 110 -10.45 -3.37 11.59
CA GLU A 110 -9.85 -4.45 10.84
C GLU A 110 -8.35 -4.55 11.14
N ARG A 1 6.19 -14.32 -11.08
CA ARG A 1 5.79 -12.95 -11.50
C ARG A 1 4.79 -12.32 -10.53
N VAL A 2 4.58 -12.99 -9.39
CA VAL A 2 3.66 -12.49 -8.38
C VAL A 2 4.04 -11.08 -7.93
N GLU A 3 5.33 -10.84 -7.79
CA GLU A 3 5.82 -9.53 -7.37
C GLU A 3 5.22 -8.43 -8.23
N ALA A 4 5.24 -8.64 -9.54
CA ALA A 4 4.70 -7.68 -10.49
C ALA A 4 3.20 -7.49 -10.26
N MET A 5 2.53 -8.56 -9.82
CA MET A 5 1.10 -8.51 -9.57
C MET A 5 0.79 -7.61 -8.38
N LEU A 6 1.59 -7.73 -7.33
CA LEU A 6 1.39 -6.92 -6.13
C LEU A 6 1.47 -5.43 -6.45
N ASN A 7 2.41 -5.08 -7.31
CA ASN A 7 2.59 -3.67 -7.71
C ASN A 7 1.37 -3.17 -8.48
N ASP A 8 0.86 -4.00 -9.38
CA ASP A 8 -0.31 -3.62 -10.18
C ASP A 8 -1.52 -3.40 -9.28
N ARG A 9 -1.76 -4.33 -8.37
CA ARG A 9 -2.89 -4.23 -7.44
C ARG A 9 -2.79 -2.96 -6.62
N ARG A 10 -1.57 -2.52 -6.35
CA ARG A 10 -1.33 -1.32 -5.56
C ARG A 10 -1.42 -0.08 -6.45
N ARG A 11 -0.76 -0.13 -7.61
CA ARG A 11 -0.77 0.98 -8.54
C ARG A 11 -2.19 1.32 -8.98
N LEU A 12 -2.93 0.30 -9.41
CA LEU A 12 -4.31 0.50 -9.84
C LEU A 12 -5.17 0.99 -8.68
N ALA A 13 -4.94 0.45 -7.50
CA ALA A 13 -5.69 0.86 -6.31
C ALA A 13 -5.38 2.31 -5.98
N LEU A 14 -4.11 2.67 -6.12
CA LEU A 14 -3.68 4.04 -5.86
C LEU A 14 -4.22 4.97 -6.92
N GLU A 15 -3.96 4.62 -8.18
CA GLU A 15 -4.44 5.40 -9.31
C GLU A 15 -5.96 5.46 -9.29
N ASN A 16 -6.59 4.46 -8.68
CA ASN A 16 -8.03 4.39 -8.59
C ASN A 16 -8.60 5.49 -7.69
N TYR A 17 -8.07 5.63 -6.48
CA TYR A 17 -8.56 6.66 -5.58
C TYR A 17 -8.15 8.03 -6.08
N ILE A 18 -6.97 8.09 -6.70
CA ILE A 18 -6.47 9.34 -7.27
C ILE A 18 -7.44 9.85 -8.33
N THR A 19 -8.07 8.91 -9.04
CA THR A 19 -9.03 9.28 -10.07
C THR A 19 -10.25 9.92 -9.44
N ALA A 20 -10.74 9.30 -8.38
CA ALA A 20 -11.90 9.82 -7.66
C ALA A 20 -11.57 11.18 -7.05
N LEU A 21 -10.29 11.39 -6.75
CA LEU A 21 -9.82 12.65 -6.18
C LEU A 21 -10.15 13.80 -7.14
N GLN A 22 -9.85 13.59 -8.41
CA GLN A 22 -10.09 14.61 -9.44
C GLN A 22 -11.51 14.51 -10.00
N ALA A 23 -12.19 13.41 -9.68
CA ALA A 23 -13.56 13.17 -10.15
C ALA A 23 -14.33 14.48 -10.38
N VAL A 24 -14.33 15.35 -9.38
CA VAL A 24 -15.03 16.63 -9.48
C VAL A 24 -16.44 16.47 -10.05
N PRO A 25 -17.47 16.37 -9.17
CA PRO A 25 -17.30 16.41 -7.71
C PRO A 25 -16.71 15.11 -7.17
N PRO A 26 -15.70 15.21 -6.28
CA PRO A 26 -15.06 14.02 -5.70
C PRO A 26 -15.90 13.40 -4.59
N ARG A 27 -15.69 12.12 -4.33
CA ARG A 27 -16.44 11.41 -3.30
C ARG A 27 -15.51 11.00 -2.14
N PRO A 28 -15.19 11.94 -1.23
CA PRO A 28 -14.33 11.67 -0.09
C PRO A 28 -14.75 10.42 0.67
N ARG A 29 -16.04 10.11 0.62
CA ARG A 29 -16.56 8.94 1.32
C ARG A 29 -16.42 7.68 0.46
N HIS A 30 -16.33 7.86 -0.85
CA HIS A 30 -16.16 6.74 -1.75
C HIS A 30 -14.69 6.44 -1.90
N VAL A 31 -13.91 7.51 -1.94
CA VAL A 31 -12.46 7.41 -2.08
C VAL A 31 -11.86 6.68 -0.88
N PHE A 32 -12.43 6.92 0.31
CA PHE A 32 -11.94 6.26 1.51
C PHE A 32 -12.01 4.75 1.36
N ASN A 33 -12.98 4.28 0.58
CA ASN A 33 -13.15 2.84 0.35
C ASN A 33 -12.01 2.31 -0.52
N MET A 34 -11.69 3.03 -1.59
CA MET A 34 -10.61 2.61 -2.48
C MET A 34 -9.30 2.53 -1.72
N LEU A 35 -9.09 3.44 -0.78
CA LEU A 35 -7.88 3.44 0.02
C LEU A 35 -7.73 2.12 0.75
N LYS A 36 -8.82 1.67 1.37
CA LYS A 36 -8.83 0.42 2.10
C LYS A 36 -8.26 -0.70 1.26
N LYS A 37 -8.67 -0.76 0.00
CA LYS A 37 -8.20 -1.78 -0.92
C LYS A 37 -6.70 -1.67 -1.15
N TYR A 38 -6.23 -0.45 -1.41
CA TYR A 38 -4.82 -0.22 -1.64
C TYR A 38 -4.04 -0.49 -0.35
N VAL A 39 -4.65 -0.13 0.77
CA VAL A 39 -4.03 -0.34 2.07
C VAL A 39 -3.97 -1.82 2.41
N ARG A 40 -5.11 -2.50 2.24
CA ARG A 40 -5.18 -3.93 2.52
C ARG A 40 -4.22 -4.69 1.61
N ALA A 41 -3.90 -4.09 0.47
CA ALA A 41 -2.97 -4.71 -0.48
C ALA A 41 -1.55 -4.68 0.07
N GLU A 42 -1.21 -3.60 0.76
CA GLU A 42 0.11 -3.46 1.35
C GLU A 42 0.34 -4.56 2.38
N GLN A 43 -0.64 -4.74 3.26
CA GLN A 43 -0.56 -5.78 4.29
C GLN A 43 -0.29 -7.13 3.66
N LYS A 44 -0.87 -7.35 2.49
CA LYS A 44 -0.69 -8.61 1.76
C LYS A 44 0.74 -8.73 1.25
N ASP A 45 1.40 -7.57 1.07
CA ASP A 45 2.78 -7.55 0.60
C ASP A 45 3.74 -7.87 1.74
N ARG A 46 3.41 -7.37 2.93
CA ARG A 46 4.22 -7.62 4.11
C ARG A 46 4.35 -9.11 4.37
N GLN A 47 3.20 -9.78 4.48
CA GLN A 47 3.17 -11.21 4.71
C GLN A 47 3.89 -11.94 3.58
N HIS A 48 3.85 -11.33 2.39
CA HIS A 48 4.51 -11.89 1.22
C HIS A 48 6.02 -11.84 1.40
N THR A 49 6.49 -10.78 2.05
CA THR A 49 7.91 -10.61 2.32
C THR A 49 8.44 -11.80 3.11
N LEU A 50 7.67 -12.23 4.10
CA LEU A 50 8.06 -13.36 4.93
C LEU A 50 8.31 -14.59 4.06
N LYS A 51 7.33 -14.92 3.23
CA LYS A 51 7.44 -16.05 2.32
C LYS A 51 8.66 -15.90 1.43
N HIS A 52 8.94 -14.67 1.01
CA HIS A 52 10.09 -14.38 0.16
C HIS A 52 11.38 -14.84 0.83
N PHE A 53 11.47 -14.59 2.14
CA PHE A 53 12.65 -15.00 2.91
C PHE A 53 12.90 -16.49 2.73
N GLU A 54 11.85 -17.29 2.92
CA GLU A 54 11.95 -18.74 2.78
C GLU A 54 12.03 -19.14 1.31
N HIS A 55 11.36 -18.38 0.46
CA HIS A 55 11.36 -18.67 -0.98
C HIS A 55 12.77 -18.58 -1.53
N VAL A 56 13.40 -17.42 -1.36
CA VAL A 56 14.75 -17.20 -1.84
C VAL A 56 15.73 -18.15 -1.14
N ARG A 57 15.35 -18.63 0.04
CA ARG A 57 16.19 -19.53 0.81
C ARG A 57 16.12 -20.95 0.24
N MET A 58 15.04 -21.25 -0.48
CA MET A 58 14.86 -22.58 -1.06
C MET A 58 15.59 -22.69 -2.40
N VAL A 59 15.76 -21.56 -3.07
CA VAL A 59 16.44 -21.53 -4.37
C VAL A 59 17.82 -20.90 -4.23
N ASP A 60 17.92 -19.85 -3.43
CA ASP A 60 19.18 -19.15 -3.23
C ASP A 60 19.48 -19.01 -1.74
N PRO A 61 19.81 -20.11 -1.06
CA PRO A 61 20.11 -20.11 0.37
C PRO A 61 21.18 -19.07 0.72
N LYS A 62 22.28 -19.09 -0.01
CA LYS A 62 23.37 -18.15 0.23
C LYS A 62 22.90 -16.71 0.05
N LYS A 63 22.29 -16.43 -1.09
CA LYS A 63 21.78 -15.09 -1.37
C LYS A 63 20.70 -14.70 -0.37
N ALA A 64 19.89 -15.68 0.03
CA ALA A 64 18.83 -15.43 0.99
C ALA A 64 19.36 -14.80 2.28
N ALA A 65 20.59 -15.16 2.63
CA ALA A 65 21.22 -14.63 3.83
C ALA A 65 21.74 -13.21 3.60
N GLN A 66 22.12 -12.93 2.35
CA GLN A 66 22.63 -11.61 2.00
C GLN A 66 21.50 -10.61 1.85
N ILE A 67 20.30 -11.11 1.54
CA ILE A 67 19.13 -10.26 1.35
C ILE A 67 18.40 -10.02 2.67
N ARG A 68 18.79 -10.73 3.72
CA ARG A 68 18.15 -10.59 5.03
C ARG A 68 17.87 -9.13 5.36
N SER A 69 18.85 -8.26 5.11
CA SER A 69 18.68 -6.83 5.38
C SER A 69 17.73 -6.20 4.37
N GLN A 70 17.70 -6.76 3.16
CA GLN A 70 16.83 -6.26 2.11
C GLN A 70 15.38 -6.63 2.39
N VAL A 71 15.15 -7.88 2.80
CA VAL A 71 13.81 -8.35 3.10
C VAL A 71 13.20 -7.50 4.22
N MET A 72 14.05 -7.03 5.12
CA MET A 72 13.59 -6.21 6.23
C MET A 72 13.01 -4.89 5.71
N THR A 73 13.80 -4.16 4.93
CA THR A 73 13.34 -2.90 4.36
C THR A 73 12.04 -3.11 3.60
N HIS A 74 11.84 -4.33 3.10
CA HIS A 74 10.64 -4.67 2.36
C HIS A 74 9.40 -4.42 3.23
N LEU A 75 9.41 -4.97 4.44
CA LEU A 75 8.29 -4.79 5.36
C LEU A 75 8.08 -3.30 5.64
N ARG A 76 9.19 -2.60 5.84
CA ARG A 76 9.15 -1.16 6.11
C ARG A 76 8.54 -0.43 4.92
N VAL A 77 8.92 -0.86 3.71
CA VAL A 77 8.40 -0.25 2.49
C VAL A 77 6.87 -0.32 2.47
N ILE A 78 6.32 -1.43 2.95
CA ILE A 78 4.87 -1.60 2.98
C ILE A 78 4.22 -0.45 3.75
N TYR A 79 4.71 -0.22 4.98
CA TYR A 79 4.17 0.85 5.82
C TYR A 79 4.65 2.21 5.32
N GLU A 80 5.94 2.32 5.04
CA GLU A 80 6.52 3.57 4.56
C GLU A 80 5.81 4.03 3.28
N ARG A 81 5.66 3.12 2.33
CA ARG A 81 4.98 3.44 1.08
C ARG A 81 3.56 3.92 1.35
N MET A 82 2.95 3.38 2.39
CA MET A 82 1.59 3.75 2.76
C MET A 82 1.53 5.26 3.01
N ASN A 83 2.59 5.80 3.59
CA ASN A 83 2.67 7.22 3.88
C ASN A 83 2.77 8.01 2.58
N GLN A 84 3.45 7.42 1.59
CA GLN A 84 3.62 8.06 0.29
C GLN A 84 2.27 8.30 -0.36
N SER A 85 1.38 7.33 -0.25
CA SER A 85 0.04 7.44 -0.83
C SER A 85 -0.69 8.63 -0.23
N LEU A 86 -0.59 8.77 1.08
CA LEU A 86 -1.26 9.88 1.79
C LEU A 86 -0.82 11.21 1.21
N SER A 87 0.43 11.28 0.75
CA SER A 87 0.95 12.51 0.17
C SER A 87 0.30 12.80 -1.18
N LEU A 88 0.15 11.75 -1.99
CA LEU A 88 -0.46 11.88 -3.30
C LEU A 88 -1.90 12.39 -3.18
N LEU A 89 -2.61 11.91 -2.16
CA LEU A 89 -3.98 12.32 -1.94
C LEU A 89 -4.02 13.60 -1.10
N TYR A 90 -3.02 13.78 -0.25
CA TYR A 90 -2.94 14.99 0.58
C TYR A 90 -2.90 16.23 -0.30
N ASN A 91 -2.50 16.05 -1.57
CA ASN A 91 -2.43 17.16 -2.52
C ASN A 91 -3.70 18.00 -2.44
N VAL A 92 -4.80 17.36 -2.09
CA VAL A 92 -6.08 18.03 -1.94
C VAL A 92 -6.42 18.23 -0.47
N PRO A 93 -5.81 19.23 0.18
CA PRO A 93 -6.04 19.51 1.59
C PRO A 93 -7.53 19.54 1.94
N ALA A 94 -8.35 19.88 0.96
CA ALA A 94 -9.80 19.96 1.16
C ALA A 94 -10.40 18.56 1.31
N VAL A 95 -10.05 17.67 0.39
CA VAL A 95 -10.54 16.30 0.42
C VAL A 95 -9.74 15.45 1.40
N ALA A 96 -8.43 15.62 1.37
CA ALA A 96 -7.53 14.86 2.24
C ALA A 96 -7.93 14.96 3.70
N GLU A 97 -8.43 16.13 4.10
CA GLU A 97 -8.84 16.34 5.48
C GLU A 97 -10.17 15.65 5.78
N GLU A 98 -11.07 15.68 4.82
CA GLU A 98 -12.38 15.05 4.99
C GLU A 98 -12.23 13.53 4.94
N ILE A 99 -11.46 13.06 3.98
CA ILE A 99 -11.22 11.64 3.81
C ILE A 99 -10.38 11.07 4.95
N GLN A 100 -9.44 11.87 5.44
CA GLN A 100 -8.57 11.44 6.53
C GLN A 100 -9.39 11.11 7.77
N ASP A 101 -10.41 11.92 8.04
CA ASP A 101 -11.27 11.71 9.20
C ASP A 101 -11.98 10.36 9.10
N GLU A 102 -12.67 10.13 7.99
CA GLU A 102 -13.40 8.88 7.78
C GLU A 102 -12.43 7.72 7.55
N VAL A 103 -11.33 7.98 6.85
CA VAL A 103 -10.34 6.95 6.58
C VAL A 103 -9.72 6.44 7.88
N ASP A 104 -9.15 7.36 8.66
CA ASP A 104 -8.54 6.99 9.93
C ASP A 104 -9.53 6.17 10.76
N GLU A 105 -10.81 6.46 10.61
CA GLU A 105 -11.86 5.75 11.32
C GLU A 105 -11.99 4.31 10.84
N LEU A 106 -11.59 4.07 9.59
CA LEU A 106 -11.68 2.73 9.02
C LEU A 106 -10.58 1.82 9.56
N LEU A 107 -9.39 2.39 9.75
CA LEU A 107 -8.23 1.63 10.22
C LEU A 107 -8.26 1.41 11.73
N GLN A 108 -9.08 2.18 12.45
CA GLN A 108 -9.16 2.02 13.90
C GLN A 108 -9.54 0.60 14.26
N LYS A 109 -10.57 0.08 13.62
CA LYS A 109 -11.04 -1.28 13.87
C LYS A 109 -10.23 -2.28 13.05
N GLU A 110 -9.78 -1.86 11.88
CA GLU A 110 -8.99 -2.72 10.99
C GLU A 110 -9.57 -4.12 10.91
N ARG A 1 6.55 -12.68 -11.51
CA ARG A 1 5.42 -11.96 -12.15
C ARG A 1 4.31 -11.66 -11.14
N VAL A 2 4.19 -12.51 -10.14
CA VAL A 2 3.16 -12.34 -9.12
C VAL A 2 3.33 -11.00 -8.40
N GLU A 3 4.57 -10.67 -8.06
CA GLU A 3 4.85 -9.42 -7.37
C GLU A 3 4.24 -8.23 -8.12
N ALA A 4 4.41 -8.25 -9.44
CA ALA A 4 3.86 -7.19 -10.29
C ALA A 4 2.34 -7.19 -10.24
N MET A 5 1.76 -8.37 -10.05
CA MET A 5 0.31 -8.51 -9.99
C MET A 5 -0.24 -7.83 -8.73
N LEU A 6 0.44 -8.05 -7.61
CA LEU A 6 0.02 -7.45 -6.34
C LEU A 6 0.12 -5.93 -6.40
N ASN A 7 1.12 -5.44 -7.12
CA ASN A 7 1.32 -4.00 -7.27
C ASN A 7 0.29 -3.40 -8.22
N ASP A 8 -0.16 -4.19 -9.19
CA ASP A 8 -1.15 -3.75 -10.15
C ASP A 8 -2.48 -3.44 -9.46
N ARG A 9 -3.04 -4.44 -8.78
CA ARG A 9 -4.30 -4.27 -8.08
C ARG A 9 -4.20 -3.15 -7.06
N ARG A 10 -3.01 -2.95 -6.52
CA ARG A 10 -2.78 -1.89 -5.54
C ARG A 10 -2.65 -0.54 -6.22
N ARG A 11 -1.81 -0.47 -7.25
CA ARG A 11 -1.62 0.77 -7.98
C ARG A 11 -2.94 1.25 -8.56
N LEU A 12 -3.53 0.42 -9.40
CA LEU A 12 -4.80 0.75 -10.03
C LEU A 12 -5.84 1.13 -8.97
N ALA A 13 -5.74 0.53 -7.79
CA ALA A 13 -6.66 0.81 -6.70
C ALA A 13 -6.44 2.22 -6.17
N LEU A 14 -5.18 2.55 -5.87
CA LEU A 14 -4.84 3.86 -5.38
C LEU A 14 -5.04 4.91 -6.48
N GLU A 15 -4.68 4.55 -7.70
CA GLU A 15 -4.83 5.44 -8.83
C GLU A 15 -6.31 5.73 -9.09
N ASN A 16 -7.18 4.81 -8.68
CA ASN A 16 -8.61 4.97 -8.88
C ASN A 16 -9.17 6.08 -7.99
N TYR A 17 -8.87 6.04 -6.71
CA TYR A 17 -9.34 7.06 -5.78
C TYR A 17 -8.75 8.41 -6.14
N ILE A 18 -7.49 8.40 -6.58
CA ILE A 18 -6.81 9.63 -6.98
C ILE A 18 -7.59 10.34 -8.08
N THR A 19 -8.23 9.55 -8.94
CA THR A 19 -9.03 10.12 -10.02
C THR A 19 -10.24 10.83 -9.44
N ALA A 20 -10.92 10.17 -8.50
CA ALA A 20 -12.08 10.75 -7.86
C ALA A 20 -11.69 12.02 -7.11
N LEU A 21 -10.44 12.09 -6.69
CA LEU A 21 -9.92 13.26 -5.99
C LEU A 21 -10.05 14.50 -6.85
N GLN A 22 -9.56 14.40 -8.09
CA GLN A 22 -9.60 15.52 -9.03
C GLN A 22 -10.97 15.65 -9.69
N ALA A 23 -11.80 14.61 -9.54
CA ALA A 23 -13.14 14.60 -10.14
C ALA A 23 -13.78 15.99 -10.12
N VAL A 24 -13.82 16.61 -8.94
CA VAL A 24 -14.39 17.95 -8.79
C VAL A 24 -15.74 18.06 -9.50
N PRO A 25 -16.86 17.89 -8.76
CA PRO A 25 -16.85 17.60 -7.32
C PRO A 25 -16.32 16.20 -7.03
N PRO A 26 -15.41 16.06 -6.03
CA PRO A 26 -14.84 14.78 -5.67
C PRO A 26 -15.70 14.01 -4.66
N ARG A 27 -15.56 12.70 -4.66
CA ARG A 27 -16.32 11.84 -3.75
C ARG A 27 -15.43 11.33 -2.63
N PRO A 28 -15.11 12.19 -1.64
CA PRO A 28 -14.26 11.81 -0.50
C PRO A 28 -14.76 10.55 0.21
N ARG A 29 -16.04 10.27 0.07
CA ARG A 29 -16.63 9.11 0.70
C ARG A 29 -16.45 7.86 -0.15
N HIS A 30 -16.33 8.05 -1.46
CA HIS A 30 -16.13 6.92 -2.35
C HIS A 30 -14.65 6.62 -2.47
N VAL A 31 -13.86 7.69 -2.44
CA VAL A 31 -12.42 7.57 -2.52
C VAL A 31 -11.87 6.84 -1.31
N PHE A 32 -12.50 7.05 -0.15
CA PHE A 32 -12.06 6.38 1.07
C PHE A 32 -12.17 4.87 0.91
N ASN A 33 -13.10 4.43 0.07
CA ASN A 33 -13.29 3.01 -0.18
C ASN A 33 -12.09 2.44 -0.94
N MET A 34 -11.78 3.05 -2.08
CA MET A 34 -10.66 2.59 -2.90
C MET A 34 -9.39 2.50 -2.05
N LEU A 35 -9.31 3.33 -1.02
CA LEU A 35 -8.16 3.34 -0.14
C LEU A 35 -8.01 2.01 0.60
N LYS A 36 -9.07 1.59 1.28
CA LYS A 36 -9.04 0.33 2.02
C LYS A 36 -8.65 -0.83 1.10
N LYS A 37 -8.93 -0.67 -0.19
CA LYS A 37 -8.59 -1.70 -1.17
C LYS A 37 -7.10 -1.65 -1.49
N TYR A 38 -6.62 -0.47 -1.87
CA TYR A 38 -5.21 -0.29 -2.19
C TYR A 38 -4.36 -0.64 -0.97
N VAL A 39 -4.93 -0.47 0.22
CA VAL A 39 -4.23 -0.78 1.45
C VAL A 39 -4.13 -2.28 1.64
N ARG A 40 -5.27 -2.97 1.61
CA ARG A 40 -5.31 -4.41 1.76
C ARG A 40 -4.33 -5.10 0.81
N ALA A 41 -4.06 -4.45 -0.32
CA ALA A 41 -3.14 -4.98 -1.31
C ALA A 41 -1.70 -4.89 -0.81
N GLU A 42 -1.37 -3.76 -0.20
CA GLU A 42 -0.02 -3.55 0.33
C GLU A 42 0.30 -4.59 1.40
N GLN A 43 -0.65 -4.81 2.30
CA GLN A 43 -0.49 -5.78 3.38
C GLN A 43 -0.14 -7.15 2.83
N LYS A 44 -0.84 -7.55 1.76
CA LYS A 44 -0.59 -8.84 1.13
C LYS A 44 0.83 -8.92 0.59
N ASP A 45 1.34 -7.79 0.10
CA ASP A 45 2.69 -7.73 -0.44
C ASP A 45 3.72 -8.05 0.63
N ARG A 46 3.53 -7.48 1.82
CA ARG A 46 4.43 -7.70 2.94
C ARG A 46 4.51 -9.18 3.28
N GLN A 47 3.37 -9.86 3.23
CA GLN A 47 3.31 -11.28 3.53
C GLN A 47 4.14 -12.07 2.53
N HIS A 48 4.21 -11.58 1.30
CA HIS A 48 4.99 -12.25 0.25
C HIS A 48 6.49 -12.10 0.53
N THR A 49 6.87 -10.98 1.13
CA THR A 49 8.27 -10.73 1.46
C THR A 49 8.75 -11.70 2.52
N LEU A 50 7.85 -12.10 3.41
CA LEU A 50 8.18 -13.03 4.48
C LEU A 50 8.47 -14.41 3.90
N LYS A 51 7.66 -14.81 2.90
CA LYS A 51 7.83 -16.11 2.26
C LYS A 51 9.21 -16.23 1.65
N HIS A 52 9.68 -15.16 1.01
CA HIS A 52 10.99 -15.15 0.38
C HIS A 52 12.09 -15.43 1.40
N PHE A 53 11.96 -14.80 2.57
CA PHE A 53 12.93 -14.97 3.64
C PHE A 53 13.17 -16.45 3.93
N GLU A 54 12.09 -17.20 4.04
CA GLU A 54 12.18 -18.63 4.32
C GLU A 54 12.45 -19.42 3.05
N HIS A 55 11.82 -19.01 1.95
CA HIS A 55 12.00 -19.69 0.68
C HIS A 55 13.44 -19.59 0.20
N VAL A 56 13.93 -18.35 0.09
CA VAL A 56 15.30 -18.11 -0.36
C VAL A 56 16.31 -18.68 0.64
N ARG A 57 15.93 -18.72 1.91
CA ARG A 57 16.81 -19.24 2.95
C ARG A 57 16.86 -20.77 2.90
N MET A 58 15.82 -21.39 2.34
CA MET A 58 15.75 -22.84 2.23
C MET A 58 16.39 -23.33 0.93
N VAL A 59 16.59 -22.41 -0.02
CA VAL A 59 17.18 -22.76 -1.31
C VAL A 59 18.52 -22.06 -1.52
N ASP A 60 18.56 -20.77 -1.22
CA ASP A 60 19.79 -19.99 -1.37
C ASP A 60 20.17 -19.28 -0.08
N PRO A 61 20.68 -20.04 0.92
CA PRO A 61 21.09 -19.47 2.22
C PRO A 61 22.21 -18.44 2.07
N LYS A 62 23.06 -18.64 1.07
CA LYS A 62 24.17 -17.73 0.82
C LYS A 62 23.67 -16.35 0.42
N LYS A 63 22.86 -16.29 -0.63
CA LYS A 63 22.31 -15.03 -1.11
C LYS A 63 21.19 -14.56 -0.19
N ALA A 64 20.52 -15.50 0.47
CA ALA A 64 19.43 -15.17 1.38
C ALA A 64 19.87 -14.17 2.45
N ALA A 65 21.08 -14.34 2.95
CA ALA A 65 21.61 -13.45 3.97
C ALA A 65 21.96 -12.09 3.39
N GLN A 66 22.35 -12.08 2.12
CA GLN A 66 22.71 -10.83 1.44
C GLN A 66 21.46 -10.03 1.06
N ILE A 67 20.36 -10.74 0.84
CA ILE A 67 19.11 -10.08 0.47
C ILE A 67 18.33 -9.63 1.70
N ARG A 68 18.68 -10.19 2.86
CA ARG A 68 18.02 -9.85 4.12
C ARG A 68 17.75 -8.35 4.23
N SER A 69 18.79 -7.55 4.03
CA SER A 69 18.66 -6.09 4.10
C SER A 69 17.66 -5.59 3.05
N GLN A 70 17.66 -6.24 1.89
CA GLN A 70 16.76 -5.85 0.82
C GLN A 70 15.34 -6.32 1.13
N VAL A 71 15.23 -7.51 1.72
CA VAL A 71 13.94 -8.06 2.09
C VAL A 71 13.33 -7.28 3.24
N MET A 72 14.19 -6.80 4.13
CA MET A 72 13.73 -6.02 5.28
C MET A 72 13.10 -4.71 4.82
N THR A 73 13.71 -4.08 3.83
CA THR A 73 13.18 -2.83 3.30
C THR A 73 11.87 -3.08 2.56
N HIS A 74 11.69 -4.30 2.06
CA HIS A 74 10.48 -4.67 1.36
C HIS A 74 9.28 -4.57 2.28
N LEU A 75 9.46 -5.00 3.53
CA LEU A 75 8.38 -4.94 4.51
C LEU A 75 8.07 -3.50 4.86
N ARG A 76 9.10 -2.75 5.26
CA ARG A 76 8.93 -1.36 5.62
C ARG A 76 8.49 -0.56 4.40
N VAL A 77 8.89 -1.00 3.21
CA VAL A 77 8.51 -0.33 1.98
C VAL A 77 7.00 -0.41 1.79
N ILE A 78 6.42 -1.54 2.16
CA ILE A 78 4.99 -1.74 2.05
C ILE A 78 4.24 -0.67 2.85
N TYR A 79 4.61 -0.53 4.11
CA TYR A 79 3.99 0.46 4.99
C TYR A 79 4.46 1.86 4.61
N GLU A 80 5.77 2.02 4.44
CA GLU A 80 6.35 3.31 4.07
C GLU A 80 5.69 3.83 2.80
N ARG A 81 5.59 2.98 1.79
CA ARG A 81 4.99 3.35 0.53
C ARG A 81 3.56 3.83 0.76
N MET A 82 2.90 3.22 1.75
CA MET A 82 1.54 3.59 2.09
C MET A 82 1.47 5.08 2.44
N ASN A 83 2.52 5.56 3.08
CA ASN A 83 2.59 6.96 3.47
C ASN A 83 2.75 7.85 2.24
N GLN A 84 3.41 7.32 1.23
CA GLN A 84 3.63 8.05 -0.02
C GLN A 84 2.30 8.35 -0.70
N SER A 85 1.42 7.35 -0.73
CA SER A 85 0.12 7.51 -1.35
C SER A 85 -0.69 8.60 -0.65
N LEU A 86 -0.57 8.63 0.68
CA LEU A 86 -1.28 9.64 1.48
C LEU A 86 -0.84 11.04 1.09
N SER A 87 0.41 11.17 0.65
CA SER A 87 0.94 12.46 0.23
C SER A 87 0.31 12.92 -1.07
N LEU A 88 0.00 11.96 -1.94
CA LEU A 88 -0.62 12.26 -3.23
C LEU A 88 -1.98 12.90 -3.01
N LEU A 89 -2.70 12.41 -2.01
CA LEU A 89 -4.02 12.94 -1.70
C LEU A 89 -3.90 14.14 -0.77
N TYR A 90 -2.90 14.10 0.11
CA TYR A 90 -2.69 15.20 1.05
C TYR A 90 -2.58 16.51 0.28
N ASN A 91 -2.21 16.44 -1.00
CA ASN A 91 -2.10 17.62 -1.84
C ASN A 91 -3.36 18.48 -1.69
N VAL A 92 -4.47 17.82 -1.39
CA VAL A 92 -5.74 18.51 -1.19
C VAL A 92 -6.07 18.55 0.30
N PRO A 93 -5.42 19.46 1.06
CA PRO A 93 -5.65 19.59 2.49
C PRO A 93 -7.13 19.64 2.86
N ALA A 94 -7.94 20.14 1.92
CA ALA A 94 -9.38 20.24 2.13
C ALA A 94 -10.03 18.86 2.16
N VAL A 95 -9.69 18.04 1.17
CA VAL A 95 -10.25 16.69 1.07
C VAL A 95 -9.47 15.71 1.94
N ALA A 96 -8.14 15.85 1.93
CA ALA A 96 -7.26 14.99 2.71
C ALA A 96 -7.68 14.91 4.18
N GLU A 97 -8.15 16.03 4.72
CA GLU A 97 -8.56 16.09 6.11
C GLU A 97 -9.89 15.39 6.36
N GLU A 98 -10.84 15.58 5.46
CA GLU A 98 -12.15 14.96 5.60
C GLU A 98 -12.05 13.46 5.36
N ILE A 99 -11.28 13.09 4.35
CA ILE A 99 -11.09 11.68 3.99
C ILE A 99 -10.22 10.97 5.02
N GLN A 100 -9.22 11.66 5.57
CA GLN A 100 -8.33 11.06 6.56
C GLN A 100 -9.10 10.68 7.82
N ASP A 101 -9.93 11.59 8.30
CA ASP A 101 -10.71 11.35 9.50
C ASP A 101 -11.58 10.10 9.36
N GLU A 102 -12.23 9.97 8.21
CA GLU A 102 -13.10 8.83 7.95
C GLU A 102 -12.27 7.59 7.58
N VAL A 103 -11.25 7.79 6.77
CA VAL A 103 -10.39 6.69 6.35
C VAL A 103 -9.71 6.04 7.55
N ASP A 104 -9.04 6.86 8.36
CA ASP A 104 -8.35 6.35 9.54
C ASP A 104 -9.33 5.65 10.46
N GLU A 105 -10.56 6.17 10.51
CA GLU A 105 -11.60 5.59 11.35
C GLU A 105 -12.07 4.24 10.81
N LEU A 106 -11.88 4.03 9.51
CA LEU A 106 -12.29 2.79 8.87
C LEU A 106 -11.33 1.64 9.18
N LEU A 107 -10.05 1.96 9.30
CA LEU A 107 -9.03 0.94 9.56
C LEU A 107 -8.84 0.65 11.04
N GLN A 108 -9.33 1.53 11.90
CA GLN A 108 -9.19 1.33 13.35
C GLN A 108 -9.71 -0.04 13.74
N LYS A 109 -10.90 -0.38 13.24
CA LYS A 109 -11.52 -1.68 13.52
C LYS A 109 -10.87 -2.77 12.69
N GLU A 110 -10.44 -2.41 11.49
CA GLU A 110 -9.81 -3.37 10.58
C GLU A 110 -10.53 -4.71 10.55
N ARG A 1 5.32 -14.03 -11.95
CA ARG A 1 5.28 -12.54 -11.88
C ARG A 1 4.31 -12.07 -10.81
N VAL A 2 4.39 -12.67 -9.63
CA VAL A 2 3.51 -12.30 -8.52
C VAL A 2 3.89 -10.94 -7.95
N GLU A 3 5.18 -10.72 -7.76
CA GLU A 3 5.67 -9.45 -7.22
C GLU A 3 5.11 -8.28 -8.01
N ALA A 4 5.12 -8.42 -9.34
CA ALA A 4 4.61 -7.38 -10.21
C ALA A 4 3.09 -7.25 -10.06
N MET A 5 2.43 -8.36 -9.75
CA MET A 5 0.99 -8.38 -9.57
C MET A 5 0.60 -7.59 -8.33
N LEU A 6 1.43 -7.67 -7.29
CA LEU A 6 1.17 -6.96 -6.05
C LEU A 6 1.21 -5.45 -6.26
N ASN A 7 2.24 -4.99 -6.98
CA ASN A 7 2.39 -3.57 -7.27
C ASN A 7 1.21 -3.04 -8.08
N ASP A 8 0.70 -3.88 -8.99
CA ASP A 8 -0.42 -3.49 -9.83
C ASP A 8 -1.68 -3.26 -8.98
N ARG A 9 -1.97 -4.21 -8.09
CA ARG A 9 -3.13 -4.11 -7.22
C ARG A 9 -3.08 -2.83 -6.40
N ARG A 10 -1.87 -2.42 -6.01
CA ARG A 10 -1.68 -1.21 -5.22
C ARG A 10 -1.68 0.02 -6.12
N ARG A 11 -0.96 -0.06 -7.22
CA ARG A 11 -0.88 1.04 -8.17
C ARG A 11 -2.26 1.39 -8.71
N LEU A 12 -2.96 0.38 -9.22
CA LEU A 12 -4.30 0.58 -9.76
C LEU A 12 -5.24 1.08 -8.68
N ALA A 13 -5.10 0.54 -7.47
CA ALA A 13 -5.94 0.95 -6.35
C ALA A 13 -5.66 2.39 -5.98
N LEU A 14 -4.37 2.75 -6.00
CA LEU A 14 -3.96 4.11 -5.70
C LEU A 14 -4.39 5.05 -6.81
N GLU A 15 -4.06 4.68 -8.04
CA GLU A 15 -4.42 5.48 -9.20
C GLU A 15 -5.94 5.57 -9.33
N ASN A 16 -6.64 4.58 -8.81
CA ASN A 16 -8.09 4.54 -8.87
C ASN A 16 -8.71 5.60 -7.95
N TYR A 17 -8.26 5.64 -6.69
CA TYR A 17 -8.79 6.60 -5.75
C TYR A 17 -8.34 8.02 -6.12
N ILE A 18 -7.16 8.11 -6.73
CA ILE A 18 -6.63 9.39 -7.16
C ILE A 18 -7.52 10.00 -8.23
N THR A 19 -8.12 9.13 -9.04
CA THR A 19 -9.02 9.59 -10.10
C THR A 19 -10.20 10.34 -9.48
N ALA A 20 -10.76 9.76 -8.43
CA ALA A 20 -11.88 10.37 -7.74
C ALA A 20 -11.44 11.66 -7.05
N LEU A 21 -10.15 11.74 -6.73
CA LEU A 21 -9.59 12.93 -6.09
C LEU A 21 -9.68 14.12 -7.03
N GLN A 22 -9.39 13.89 -8.30
CA GLN A 22 -9.42 14.94 -9.31
C GLN A 22 -10.83 15.14 -9.86
N ALA A 23 -11.73 14.19 -9.59
CA ALA A 23 -13.11 14.25 -10.07
C ALA A 23 -13.65 15.69 -10.05
N VAL A 24 -13.59 16.32 -8.89
CA VAL A 24 -14.06 17.69 -8.72
C VAL A 24 -15.41 17.92 -9.41
N PRO A 25 -16.53 17.81 -8.66
CA PRO A 25 -16.50 17.51 -7.22
C PRO A 25 -16.05 16.06 -6.95
N PRO A 26 -15.14 15.87 -5.98
CA PRO A 26 -14.64 14.54 -5.63
C PRO A 26 -15.58 13.79 -4.70
N ARG A 27 -15.33 12.50 -4.54
CA ARG A 27 -16.16 11.66 -3.66
C ARG A 27 -15.37 11.21 -2.45
N PRO A 28 -15.19 12.09 -1.45
CA PRO A 28 -14.44 11.76 -0.23
C PRO A 28 -14.85 10.41 0.36
N ARG A 29 -16.07 9.99 0.10
CA ARG A 29 -16.56 8.72 0.63
C ARG A 29 -16.25 7.57 -0.33
N HIS A 30 -16.03 7.88 -1.60
CA HIS A 30 -15.70 6.86 -2.58
C HIS A 30 -14.20 6.66 -2.61
N VAL A 31 -13.49 7.77 -2.46
CA VAL A 31 -12.04 7.77 -2.44
C VAL A 31 -11.52 6.99 -1.24
N PHE A 32 -12.18 7.15 -0.09
CA PHE A 32 -11.77 6.46 1.11
C PHE A 32 -11.90 4.95 0.94
N ASN A 33 -12.82 4.54 0.07
CA ASN A 33 -13.04 3.12 -0.19
C ASN A 33 -11.81 2.49 -0.84
N MET A 34 -11.44 3.01 -2.01
CA MET A 34 -10.27 2.48 -2.71
C MET A 34 -9.05 2.42 -1.79
N LEU A 35 -9.00 3.33 -0.83
CA LEU A 35 -7.89 3.37 0.12
C LEU A 35 -7.82 2.09 0.93
N LYS A 36 -8.95 1.68 1.50
CA LYS A 36 -9.00 0.45 2.30
C LYS A 36 -8.60 -0.76 1.46
N LYS A 37 -8.86 -0.69 0.16
CA LYS A 37 -8.50 -1.78 -0.75
C LYS A 37 -7.02 -1.69 -1.09
N TYR A 38 -6.56 -0.48 -1.39
CA TYR A 38 -5.16 -0.26 -1.72
C TYR A 38 -4.29 -0.62 -0.52
N VAL A 39 -4.81 -0.34 0.67
CA VAL A 39 -4.10 -0.63 1.90
C VAL A 39 -3.98 -2.14 2.09
N ARG A 40 -5.09 -2.84 1.93
CA ARG A 40 -5.10 -4.29 2.06
C ARG A 40 -4.10 -4.94 1.11
N ALA A 41 -3.81 -4.25 0.01
CA ALA A 41 -2.87 -4.75 -0.98
C ALA A 41 -1.45 -4.69 -0.43
N GLU A 42 -1.14 -3.62 0.27
CA GLU A 42 0.19 -3.45 0.86
C GLU A 42 0.45 -4.55 1.88
N GLN A 43 -0.56 -4.83 2.70
CA GLN A 43 -0.45 -5.86 3.72
C GLN A 43 -0.10 -7.20 3.08
N LYS A 44 -0.62 -7.45 1.89
CA LYS A 44 -0.35 -8.69 1.17
C LYS A 44 1.12 -8.75 0.78
N ASP A 45 1.67 -7.60 0.39
CA ASP A 45 3.07 -7.51 0.00
C ASP A 45 3.97 -7.60 1.22
N ARG A 46 3.54 -6.96 2.30
CA ARG A 46 4.29 -6.97 3.55
C ARG A 46 4.47 -8.39 4.05
N GLN A 47 3.35 -9.09 4.20
CA GLN A 47 3.36 -10.47 4.67
C GLN A 47 4.16 -11.35 3.70
N HIS A 48 4.18 -10.95 2.43
CA HIS A 48 4.90 -11.69 1.41
C HIS A 48 6.40 -11.59 1.66
N THR A 49 6.85 -10.44 2.14
CA THR A 49 8.26 -10.22 2.44
C THR A 49 8.73 -11.21 3.49
N LEU A 50 7.95 -11.34 4.56
CA LEU A 50 8.27 -12.28 5.64
C LEU A 50 8.41 -13.69 5.09
N LYS A 51 7.39 -14.12 4.36
CA LYS A 51 7.38 -15.46 3.77
C LYS A 51 8.56 -15.65 2.84
N HIS A 52 8.84 -14.65 2.02
CA HIS A 52 9.95 -14.72 1.07
C HIS A 52 11.26 -14.99 1.79
N PHE A 53 11.48 -14.27 2.89
CA PHE A 53 12.69 -14.42 3.69
C PHE A 53 12.86 -15.87 4.16
N GLU A 54 11.78 -16.45 4.67
CA GLU A 54 11.81 -17.82 5.16
C GLU A 54 11.88 -18.81 4.00
N HIS A 55 11.07 -18.59 2.98
CA HIS A 55 11.04 -19.47 1.81
C HIS A 55 12.41 -19.55 1.17
N VAL A 56 13.00 -18.39 0.88
CA VAL A 56 14.31 -18.33 0.25
C VAL A 56 15.37 -18.94 1.16
N ARG A 57 15.11 -18.96 2.47
CA ARG A 57 16.05 -19.51 3.43
C ARG A 57 16.03 -21.04 3.42
N MET A 58 14.92 -21.60 2.96
CA MET A 58 14.76 -23.05 2.89
C MET A 58 15.31 -23.62 1.59
N VAL A 59 15.41 -22.76 0.57
CA VAL A 59 15.92 -23.19 -0.73
C VAL A 59 17.24 -22.52 -1.06
N ASP A 60 17.32 -21.22 -0.82
CA ASP A 60 18.53 -20.45 -1.11
C ASP A 60 19.05 -19.76 0.16
N PRO A 61 19.71 -20.51 1.05
CA PRO A 61 20.26 -19.96 2.30
C PRO A 61 21.25 -18.83 2.03
N LYS A 62 22.27 -19.12 1.23
CA LYS A 62 23.29 -18.13 0.90
C LYS A 62 22.65 -16.91 0.25
N LYS A 63 21.84 -17.14 -0.77
CA LYS A 63 21.16 -16.06 -1.47
C LYS A 63 20.29 -15.26 -0.52
N ALA A 64 19.64 -15.96 0.41
CA ALA A 64 18.77 -15.32 1.38
C ALA A 64 19.52 -14.26 2.18
N ALA A 65 20.83 -14.48 2.35
CA ALA A 65 21.66 -13.54 3.09
C ALA A 65 21.94 -12.29 2.27
N GLN A 66 21.95 -12.46 0.95
CA GLN A 66 22.20 -11.36 0.04
C GLN A 66 20.94 -10.49 -0.08
N ILE A 67 19.80 -11.15 -0.13
CA ILE A 67 18.52 -10.44 -0.24
C ILE A 67 18.15 -9.72 1.06
N ARG A 68 18.79 -10.12 2.16
CA ARG A 68 18.53 -9.52 3.46
C ARG A 68 18.36 -8.00 3.37
N SER A 69 19.24 -7.35 2.64
CA SER A 69 19.18 -5.90 2.47
C SER A 69 18.03 -5.50 1.56
N GLN A 70 17.73 -6.34 0.59
CA GLN A 70 16.66 -6.08 -0.36
C GLN A 70 15.30 -6.38 0.27
N VAL A 71 15.19 -7.57 0.86
CA VAL A 71 13.96 -7.98 1.51
C VAL A 71 13.63 -7.04 2.66
N MET A 72 14.67 -6.50 3.28
CA MET A 72 14.50 -5.58 4.39
C MET A 72 13.88 -4.27 3.91
N THR A 73 14.49 -3.67 2.89
CA THR A 73 13.98 -2.42 2.33
C THR A 73 12.57 -2.62 1.79
N HIS A 74 12.30 -3.82 1.28
CA HIS A 74 10.99 -4.15 0.74
C HIS A 74 9.92 -3.99 1.80
N LEU A 75 10.25 -4.38 3.03
CA LEU A 75 9.33 -4.25 4.14
C LEU A 75 9.10 -2.78 4.48
N ARG A 76 10.19 -2.04 4.59
CA ARG A 76 10.11 -0.61 4.89
C ARG A 76 9.35 0.10 3.77
N VAL A 77 9.57 -0.36 2.54
CA VAL A 77 8.91 0.22 1.39
C VAL A 77 7.39 0.12 1.54
N ILE A 78 6.92 -1.01 2.08
CA ILE A 78 5.50 -1.22 2.28
C ILE A 78 4.91 -0.09 3.12
N TYR A 79 5.51 0.15 4.28
CA TYR A 79 5.04 1.20 5.18
C TYR A 79 5.45 2.58 4.66
N GLU A 80 6.70 2.68 4.20
CA GLU A 80 7.21 3.94 3.69
C GLU A 80 6.38 4.44 2.51
N ARG A 81 6.22 3.59 1.49
CA ARG A 81 5.44 3.95 0.33
C ARG A 81 4.04 4.39 0.72
N MET A 82 3.48 3.74 1.73
CA MET A 82 2.15 4.07 2.22
C MET A 82 2.08 5.54 2.61
N ASN A 83 3.19 6.05 3.14
CA ASN A 83 3.26 7.45 3.56
C ASN A 83 3.30 8.37 2.34
N GLN A 84 3.87 7.86 1.24
CA GLN A 84 3.96 8.64 0.01
C GLN A 84 2.59 8.81 -0.63
N SER A 85 1.79 7.75 -0.61
CA SER A 85 0.44 7.78 -1.17
C SER A 85 -0.41 8.82 -0.46
N LEU A 86 -0.22 8.94 0.85
CA LEU A 86 -0.98 9.90 1.65
C LEU A 86 -0.70 11.32 1.20
N SER A 87 0.58 11.69 1.15
CA SER A 87 0.98 13.03 0.73
C SER A 87 0.32 13.42 -0.60
N LEU A 88 0.14 12.42 -1.46
CA LEU A 88 -0.49 12.66 -2.76
C LEU A 88 -1.91 13.13 -2.59
N LEU A 89 -2.62 12.52 -1.66
CA LEU A 89 -4.01 12.89 -1.39
C LEU A 89 -4.05 14.10 -0.45
N TYR A 90 -3.06 14.18 0.44
CA TYR A 90 -2.99 15.30 1.38
C TYR A 90 -3.00 16.62 0.62
N ASN A 91 -2.59 16.57 -0.65
CA ASN A 91 -2.56 17.77 -1.49
C ASN A 91 -3.89 18.52 -1.36
N VAL A 92 -4.96 17.76 -1.08
CA VAL A 92 -6.28 18.33 -0.90
C VAL A 92 -6.64 18.34 0.58
N PRO A 93 -6.10 19.29 1.35
CA PRO A 93 -6.36 19.39 2.79
C PRO A 93 -7.85 19.25 3.13
N ALA A 94 -8.70 19.64 2.18
CA ALA A 94 -10.14 19.56 2.38
C ALA A 94 -10.61 18.11 2.38
N VAL A 95 -10.27 17.40 1.31
CA VAL A 95 -10.66 15.99 1.18
C VAL A 95 -9.81 15.11 2.07
N ALA A 96 -8.51 15.37 2.10
CA ALA A 96 -7.58 14.61 2.91
C ALA A 96 -8.04 14.49 4.36
N GLU A 97 -8.64 15.57 4.86
CA GLU A 97 -9.11 15.59 6.24
C GLU A 97 -10.37 14.76 6.41
N GLU A 98 -11.36 14.99 5.54
CA GLU A 98 -12.62 14.24 5.62
C GLU A 98 -12.37 12.76 5.44
N ILE A 99 -11.52 12.42 4.47
CA ILE A 99 -11.21 11.02 4.18
C ILE A 99 -10.35 10.40 5.28
N GLN A 100 -9.39 11.16 5.80
CA GLN A 100 -8.50 10.67 6.85
C GLN A 100 -9.29 10.27 8.09
N ASP A 101 -10.27 11.09 8.46
CA ASP A 101 -11.08 10.82 9.64
C ASP A 101 -11.82 9.49 9.51
N GLU A 102 -12.51 9.31 8.38
CA GLU A 102 -13.27 8.09 8.14
C GLU A 102 -12.35 6.92 7.79
N VAL A 103 -11.25 7.21 7.10
CA VAL A 103 -10.31 6.18 6.71
C VAL A 103 -9.68 5.51 7.93
N ASP A 104 -9.10 6.31 8.81
CA ASP A 104 -8.48 5.78 10.01
C ASP A 104 -9.49 5.00 10.86
N GLU A 105 -10.74 5.48 10.84
CA GLU A 105 -11.80 4.84 11.60
C GLU A 105 -12.24 3.53 10.95
N LEU A 106 -12.01 3.40 9.64
CA LEU A 106 -12.40 2.21 8.91
C LEU A 106 -11.38 1.08 9.10
N LEU A 107 -10.12 1.45 9.29
CA LEU A 107 -9.05 0.47 9.45
C LEU A 107 -8.87 0.02 10.90
N GLN A 108 -9.42 0.79 11.85
CA GLN A 108 -9.30 0.43 13.26
C GLN A 108 -9.69 -1.02 13.48
N LYS A 109 -10.76 -1.44 12.79
CA LYS A 109 -11.26 -2.80 12.90
C LYS A 109 -10.16 -3.82 12.63
N GLU A 110 -9.22 -3.44 11.75
CA GLU A 110 -8.11 -4.32 11.40
C GLU A 110 -7.07 -4.35 12.51
N ARG A 1 6.70 -13.33 -9.82
CA ARG A 1 5.38 -13.50 -10.46
C ARG A 1 4.27 -12.88 -9.60
N VAL A 2 3.94 -13.55 -8.51
CA VAL A 2 2.90 -13.08 -7.61
C VAL A 2 3.23 -11.68 -7.08
N GLU A 3 4.49 -11.47 -6.73
CA GLU A 3 4.93 -10.18 -6.21
C GLU A 3 4.50 -9.05 -7.14
N ALA A 4 4.68 -9.27 -8.43
CA ALA A 4 4.31 -8.28 -9.43
C ALA A 4 2.80 -8.04 -9.42
N MET A 5 2.05 -9.09 -9.09
CA MET A 5 0.59 -9.00 -9.02
C MET A 5 0.16 -8.04 -7.92
N LEU A 6 0.82 -8.13 -6.78
CA LEU A 6 0.51 -7.26 -5.64
C LEU A 6 0.75 -5.80 -5.99
N ASN A 7 1.74 -5.55 -6.84
CA ASN A 7 2.07 -4.19 -7.26
C ASN A 7 0.98 -3.61 -8.16
N ASP A 8 0.47 -4.44 -9.06
CA ASP A 8 -0.59 -4.00 -9.97
C ASP A 8 -1.85 -3.66 -9.21
N ARG A 9 -2.31 -4.59 -8.38
CA ARG A 9 -3.52 -4.38 -7.59
C ARG A 9 -3.34 -3.17 -6.66
N ARG A 10 -2.10 -2.87 -6.31
CA ARG A 10 -1.81 -1.74 -5.42
C ARG A 10 -1.64 -0.46 -6.23
N ARG A 11 -1.03 -0.57 -7.40
CA ARG A 11 -0.82 0.59 -8.26
C ARG A 11 -2.16 1.05 -8.84
N LEU A 12 -2.93 0.12 -9.37
CA LEU A 12 -4.22 0.45 -9.94
C LEU A 12 -5.18 0.94 -8.85
N ALA A 13 -5.08 0.34 -7.67
CA ALA A 13 -5.93 0.73 -6.54
C ALA A 13 -5.62 2.16 -6.12
N LEU A 14 -4.34 2.50 -6.17
CA LEU A 14 -3.91 3.85 -5.80
C LEU A 14 -4.26 4.82 -6.91
N GLU A 15 -3.98 4.43 -8.14
CA GLU A 15 -4.27 5.26 -9.30
C GLU A 15 -5.78 5.42 -9.48
N ASN A 16 -6.53 4.42 -9.02
CA ASN A 16 -7.98 4.46 -9.14
C ASN A 16 -8.59 5.49 -8.18
N TYR A 17 -8.11 5.51 -6.94
CA TYR A 17 -8.61 6.46 -5.97
C TYR A 17 -8.21 7.88 -6.37
N ILE A 18 -6.99 8.01 -6.89
CA ILE A 18 -6.49 9.31 -7.33
C ILE A 18 -7.43 9.92 -8.36
N THR A 19 -8.03 9.06 -9.19
CA THR A 19 -8.95 9.52 -10.21
C THR A 19 -10.11 10.28 -9.57
N ALA A 20 -10.67 9.71 -8.51
CA ALA A 20 -11.76 10.35 -7.79
C ALA A 20 -11.29 11.66 -7.16
N LEU A 21 -10.01 11.70 -6.79
CA LEU A 21 -9.43 12.90 -6.20
C LEU A 21 -9.54 14.08 -7.16
N GLN A 22 -9.26 13.81 -8.44
CA GLN A 22 -9.33 14.84 -9.47
C GLN A 22 -10.75 14.99 -10.01
N ALA A 23 -11.62 14.02 -9.70
CA ALA A 23 -13.00 14.03 -10.15
C ALA A 23 -13.57 15.44 -10.22
N VAL A 24 -13.51 16.16 -9.10
CA VAL A 24 -14.02 17.53 -9.03
C VAL A 24 -15.41 17.65 -9.65
N PRO A 25 -16.48 17.60 -8.83
CA PRO A 25 -16.37 17.43 -7.37
C PRO A 25 -15.94 16.01 -6.98
N PRO A 26 -14.99 15.88 -6.04
CA PRO A 26 -14.50 14.58 -5.59
C PRO A 26 -15.41 13.95 -4.54
N ARG A 27 -15.40 12.62 -4.48
CA ARG A 27 -16.22 11.90 -3.52
C ARG A 27 -15.37 11.41 -2.34
N PRO A 28 -15.10 12.29 -1.36
CA PRO A 28 -14.31 11.94 -0.19
C PRO A 28 -14.76 10.63 0.46
N ARG A 29 -16.03 10.30 0.26
CA ARG A 29 -16.59 9.07 0.82
C ARG A 29 -16.36 7.89 -0.10
N HIS A 30 -16.19 8.17 -1.38
CA HIS A 30 -15.95 7.11 -2.35
C HIS A 30 -14.45 6.85 -2.42
N VAL A 31 -13.68 7.91 -2.29
CA VAL A 31 -12.23 7.82 -2.33
C VAL A 31 -11.70 7.05 -1.13
N PHE A 32 -12.34 7.21 0.02
CA PHE A 32 -11.93 6.51 1.22
C PHE A 32 -12.08 5.00 1.03
N ASN A 33 -12.94 4.61 0.10
CA ASN A 33 -13.16 3.20 -0.20
C ASN A 33 -11.98 2.62 -0.95
N MET A 34 -11.61 3.26 -2.07
CA MET A 34 -10.48 2.80 -2.87
C MET A 34 -9.22 2.70 -2.01
N LEU A 35 -9.13 3.58 -1.01
CA LEU A 35 -7.97 3.59 -0.13
C LEU A 35 -7.84 2.28 0.65
N LYS A 36 -8.94 1.86 1.29
CA LYS A 36 -8.94 0.64 2.07
C LYS A 36 -8.55 -0.57 1.22
N LYS A 37 -8.90 -0.51 -0.08
CA LYS A 37 -8.58 -1.61 -0.99
C LYS A 37 -7.09 -1.60 -1.32
N TYR A 38 -6.56 -0.41 -1.59
CA TYR A 38 -5.14 -0.29 -1.90
C TYR A 38 -4.31 -0.62 -0.67
N VAL A 39 -4.86 -0.30 0.51
CA VAL A 39 -4.19 -0.58 1.77
C VAL A 39 -4.09 -2.09 1.99
N ARG A 40 -5.22 -2.77 1.85
CA ARG A 40 -5.26 -4.22 2.04
C ARG A 40 -4.22 -4.90 1.16
N ALA A 41 -3.91 -4.27 0.04
CA ALA A 41 -2.93 -4.80 -0.90
C ALA A 41 -1.52 -4.75 -0.29
N GLU A 42 -1.21 -3.65 0.37
CA GLU A 42 0.09 -3.47 1.01
C GLU A 42 0.32 -4.54 2.07
N GLN A 43 -0.71 -4.76 2.90
CA GLN A 43 -0.62 -5.76 3.97
C GLN A 43 -0.23 -7.12 3.40
N LYS A 44 -0.87 -7.50 2.29
CA LYS A 44 -0.60 -8.78 1.66
C LYS A 44 0.85 -8.84 1.19
N ASP A 45 1.40 -7.69 0.82
CA ASP A 45 2.78 -7.60 0.36
C ASP A 45 3.75 -7.89 1.50
N ARG A 46 3.49 -7.30 2.66
CA ARG A 46 4.34 -7.49 3.83
C ARG A 46 4.46 -8.97 4.17
N GLN A 47 3.32 -9.65 4.23
CA GLN A 47 3.30 -11.08 4.54
C GLN A 47 3.94 -11.87 3.40
N HIS A 48 3.85 -11.35 2.20
CA HIS A 48 4.43 -12.02 1.04
C HIS A 48 5.94 -11.96 1.10
N THR A 49 6.47 -10.82 1.51
CA THR A 49 7.91 -10.63 1.64
C THR A 49 8.50 -11.66 2.58
N LEU A 50 7.77 -11.96 3.65
CA LEU A 50 8.20 -12.93 4.65
C LEU A 50 8.46 -14.29 3.99
N LYS A 51 7.47 -14.77 3.26
CA LYS A 51 7.57 -16.05 2.58
C LYS A 51 8.57 -15.98 1.42
N HIS A 52 8.61 -14.82 0.76
CA HIS A 52 9.50 -14.62 -0.37
C HIS A 52 10.97 -14.59 0.07
N PHE A 53 11.20 -14.17 1.32
CA PHE A 53 12.54 -14.10 1.85
C PHE A 53 12.96 -15.46 2.41
N GLU A 54 12.02 -16.12 3.10
CA GLU A 54 12.28 -17.43 3.67
C GLU A 54 12.35 -18.48 2.57
N HIS A 55 11.42 -18.39 1.62
CA HIS A 55 11.38 -19.33 0.51
C HIS A 55 12.69 -19.31 -0.26
N VAL A 56 13.15 -18.11 -0.62
CA VAL A 56 14.40 -17.96 -1.35
C VAL A 56 15.57 -18.44 -0.50
N ARG A 57 15.38 -18.45 0.82
CA ARG A 57 16.42 -18.89 1.73
C ARG A 57 16.59 -20.41 1.67
N MET A 58 15.54 -21.10 1.25
CA MET A 58 15.57 -22.56 1.14
C MET A 58 16.10 -23.00 -0.22
N VAL A 59 15.98 -22.15 -1.22
CA VAL A 59 16.44 -22.46 -2.57
C VAL A 59 17.74 -21.73 -2.90
N ASP A 60 17.82 -20.46 -2.50
CA ASP A 60 19.01 -19.65 -2.76
C ASP A 60 19.52 -19.00 -1.49
N PRO A 61 20.11 -19.78 -0.57
CA PRO A 61 20.65 -19.26 0.69
C PRO A 61 21.79 -18.27 0.47
N LYS A 62 22.44 -18.35 -0.68
CA LYS A 62 23.54 -17.47 -1.01
C LYS A 62 23.08 -16.03 -1.11
N LYS A 63 22.11 -15.78 -1.98
CA LYS A 63 21.58 -14.44 -2.19
C LYS A 63 20.55 -14.08 -1.12
N ALA A 64 19.86 -15.10 -0.61
CA ALA A 64 18.84 -14.92 0.41
C ALA A 64 19.41 -14.16 1.62
N ALA A 65 20.65 -14.45 1.96
CA ALA A 65 21.31 -13.80 3.09
C ALA A 65 21.69 -12.37 2.76
N GLN A 66 22.00 -12.12 1.49
CA GLN A 66 22.39 -10.79 1.04
C GLN A 66 21.16 -9.89 0.91
N ILE A 67 20.01 -10.51 0.63
CA ILE A 67 18.77 -9.76 0.47
C ILE A 67 18.09 -9.50 1.82
N ARG A 68 18.60 -10.15 2.88
CA ARG A 68 18.04 -10.00 4.22
C ARG A 68 17.74 -8.53 4.52
N SER A 69 18.69 -7.66 4.20
CA SER A 69 18.53 -6.23 4.42
C SER A 69 17.53 -5.63 3.46
N GLN A 70 17.46 -6.21 2.25
CA GLN A 70 16.54 -5.72 1.23
C GLN A 70 15.10 -6.12 1.58
N VAL A 71 14.92 -7.36 1.98
CA VAL A 71 13.60 -7.85 2.36
C VAL A 71 13.09 -7.09 3.59
N MET A 72 14.01 -6.72 4.46
CA MET A 72 13.67 -5.98 5.67
C MET A 72 13.03 -4.64 5.31
N THR A 73 13.67 -3.92 4.39
CA THR A 73 13.15 -2.63 3.96
C THR A 73 11.80 -2.81 3.26
N HIS A 74 11.57 -4.00 2.72
CA HIS A 74 10.33 -4.29 2.04
C HIS A 74 9.16 -4.20 3.02
N LEU A 75 9.40 -4.66 4.26
CA LEU A 75 8.38 -4.60 5.29
C LEU A 75 8.06 -3.14 5.62
N ARG A 76 9.09 -2.41 6.02
CA ARG A 76 8.94 -1.00 6.37
C ARG A 76 8.46 -0.22 5.14
N VAL A 77 8.82 -0.71 3.95
CA VAL A 77 8.41 -0.07 2.72
C VAL A 77 6.89 -0.18 2.55
N ILE A 78 6.34 -1.33 2.93
CA ILE A 78 4.90 -1.55 2.85
C ILE A 78 4.15 -0.46 3.60
N TYR A 79 4.53 -0.26 4.86
CA TYR A 79 3.90 0.77 5.69
C TYR A 79 4.37 2.15 5.28
N GLU A 80 5.68 2.30 5.09
CA GLU A 80 6.26 3.58 4.70
C GLU A 80 5.60 4.09 3.42
N ARG A 81 5.46 3.20 2.44
CA ARG A 81 4.84 3.56 1.17
C ARG A 81 3.43 4.10 1.40
N MET A 82 2.71 3.46 2.33
CA MET A 82 1.36 3.87 2.65
C MET A 82 1.32 5.36 3.00
N ASN A 83 2.38 5.82 3.65
CA ASN A 83 2.48 7.23 4.03
C ASN A 83 2.67 8.10 2.80
N GLN A 84 3.37 7.57 1.80
CA GLN A 84 3.61 8.29 0.57
C GLN A 84 2.30 8.58 -0.16
N SER A 85 1.38 7.63 -0.10
CA SER A 85 0.08 7.77 -0.75
C SER A 85 -0.72 8.90 -0.10
N LEU A 86 -0.66 8.97 1.23
CA LEU A 86 -1.38 10.00 1.97
C LEU A 86 -0.89 11.39 1.58
N SER A 87 0.37 11.49 1.18
CA SER A 87 0.96 12.76 0.78
C SER A 87 0.38 13.21 -0.56
N LEU A 88 0.21 12.26 -1.48
CA LEU A 88 -0.34 12.55 -2.79
C LEU A 88 -1.76 13.08 -2.67
N LEU A 89 -2.49 12.54 -1.71
CA LEU A 89 -3.86 12.97 -1.48
C LEU A 89 -3.89 14.17 -0.55
N TYR A 90 -2.91 14.23 0.36
CA TYR A 90 -2.83 15.35 1.29
C TYR A 90 -2.76 16.66 0.52
N ASN A 91 -2.32 16.58 -0.74
CA ASN A 91 -2.22 17.77 -1.58
C ASN A 91 -3.51 18.57 -1.48
N VAL A 92 -4.62 17.87 -1.24
CA VAL A 92 -5.92 18.50 -1.08
C VAL A 92 -6.31 18.53 0.39
N PRO A 93 -5.74 19.48 1.16
CA PRO A 93 -6.02 19.60 2.59
C PRO A 93 -7.51 19.52 2.91
N ALA A 94 -8.34 19.92 1.95
CA ALA A 94 -9.78 19.90 2.13
C ALA A 94 -10.32 18.47 2.12
N VAL A 95 -9.99 17.73 1.07
CA VAL A 95 -10.42 16.34 0.93
C VAL A 95 -9.62 15.43 1.85
N ALA A 96 -8.31 15.65 1.88
CA ALA A 96 -7.42 14.86 2.72
C ALA A 96 -7.90 14.79 4.16
N GLU A 97 -8.44 15.90 4.65
CA GLU A 97 -8.92 15.96 6.03
C GLU A 97 -10.20 15.16 6.21
N GLU A 98 -11.17 15.39 5.34
CA GLU A 98 -12.45 14.69 5.41
C GLU A 98 -12.24 13.18 5.21
N ILE A 99 -11.43 12.84 4.21
CA ILE A 99 -11.16 11.45 3.91
C ILE A 99 -10.30 10.79 4.99
N GLN A 100 -9.36 11.55 5.56
CA GLN A 100 -8.47 11.02 6.58
C GLN A 100 -9.27 10.57 7.81
N ASP A 101 -10.23 11.40 8.21
CA ASP A 101 -11.06 11.09 9.38
C ASP A 101 -11.80 9.77 9.19
N GLU A 102 -12.43 9.62 8.03
CA GLU A 102 -13.19 8.40 7.73
C GLU A 102 -12.27 7.25 7.36
N VAL A 103 -11.19 7.55 6.63
CA VAL A 103 -10.25 6.52 6.22
C VAL A 103 -9.59 5.88 7.44
N ASP A 104 -8.97 6.70 8.27
CA ASP A 104 -8.30 6.22 9.47
C ASP A 104 -9.29 5.44 10.34
N GLU A 105 -10.54 5.87 10.35
CA GLU A 105 -11.57 5.21 11.14
C GLU A 105 -11.93 3.84 10.56
N LEU A 106 -11.67 3.67 9.26
CA LEU A 106 -11.98 2.42 8.58
C LEU A 106 -10.92 1.34 8.86
N LEU A 107 -9.68 1.78 9.04
CA LEU A 107 -8.58 0.86 9.28
C LEU A 107 -8.42 0.52 10.76
N GLN A 108 -9.02 1.31 11.64
CA GLN A 108 -8.93 1.04 13.08
C GLN A 108 -9.35 -0.39 13.39
N LYS A 109 -10.47 -0.80 12.82
CA LYS A 109 -10.98 -2.14 13.04
C LYS A 109 -9.98 -3.20 12.58
N GLU A 110 -9.50 -3.06 11.34
CA GLU A 110 -8.54 -4.00 10.78
C GLU A 110 -7.12 -3.59 11.13
N ARG A 1 5.67 -14.48 -11.56
CA ARG A 1 5.93 -13.05 -11.25
C ARG A 1 4.86 -12.48 -10.33
N VAL A 2 4.55 -13.23 -9.27
CA VAL A 2 3.54 -12.80 -8.31
C VAL A 2 3.87 -11.42 -7.74
N GLU A 3 5.15 -11.20 -7.42
CA GLU A 3 5.58 -9.92 -6.88
C GLU A 3 5.12 -8.77 -7.75
N ALA A 4 5.28 -8.94 -9.06
CA ALA A 4 4.87 -7.91 -10.03
C ALA A 4 3.37 -7.69 -9.97
N MET A 5 2.63 -8.75 -9.64
CA MET A 5 1.18 -8.66 -9.54
C MET A 5 0.76 -7.79 -8.36
N LEU A 6 1.49 -7.92 -7.25
CA LEU A 6 1.18 -7.14 -6.06
C LEU A 6 1.35 -5.65 -6.32
N ASN A 7 2.30 -5.31 -7.19
CA ASN A 7 2.56 -3.91 -7.52
C ASN A 7 1.48 -3.38 -8.45
N ASP A 8 0.98 -4.23 -9.33
CA ASP A 8 -0.06 -3.84 -10.27
C ASP A 8 -1.36 -3.51 -9.53
N ARG A 9 -1.84 -4.46 -8.74
CA ARG A 9 -3.06 -4.27 -7.97
C ARG A 9 -2.94 -3.07 -7.04
N ARG A 10 -1.70 -2.76 -6.65
CA ARG A 10 -1.44 -1.63 -5.76
C ARG A 10 -1.31 -0.34 -6.55
N ARG A 11 -0.64 -0.42 -7.70
CA ARG A 11 -0.44 0.74 -8.56
C ARG A 11 -1.79 1.22 -9.10
N LEU A 12 -2.51 0.30 -9.75
CA LEU A 12 -3.82 0.63 -10.30
C LEU A 12 -4.78 1.06 -9.19
N ALA A 13 -4.64 0.43 -8.02
CA ALA A 13 -5.48 0.77 -6.88
C ALA A 13 -5.22 2.20 -6.45
N LEU A 14 -3.95 2.58 -6.44
CA LEU A 14 -3.56 3.94 -6.06
C LEU A 14 -4.01 4.92 -7.13
N GLU A 15 -3.74 4.57 -8.39
CA GLU A 15 -4.13 5.41 -9.51
C GLU A 15 -5.65 5.54 -9.58
N ASN A 16 -6.34 4.52 -9.08
CA ASN A 16 -7.81 4.51 -9.09
C ASN A 16 -8.37 5.53 -8.10
N TYR A 17 -7.86 5.50 -6.87
CA TYR A 17 -8.34 6.42 -5.84
C TYR A 17 -7.98 7.86 -6.22
N ILE A 18 -6.87 8.02 -6.92
CA ILE A 18 -6.43 9.35 -7.36
C ILE A 18 -7.43 9.95 -8.33
N THR A 19 -8.04 9.10 -9.14
CA THR A 19 -9.03 9.56 -10.12
C THR A 19 -10.22 10.16 -9.38
N ALA A 20 -10.70 9.46 -8.36
CA ALA A 20 -11.83 9.94 -7.57
C ALA A 20 -11.48 11.26 -6.90
N LEU A 21 -10.19 11.44 -6.60
CA LEU A 21 -9.72 12.66 -5.97
C LEU A 21 -10.04 13.88 -6.84
N GLN A 22 -9.76 13.76 -8.14
CA GLN A 22 -10.01 14.83 -9.09
C GLN A 22 -11.44 14.78 -9.62
N ALA A 23 -12.14 13.68 -9.33
CA ALA A 23 -13.53 13.49 -9.76
C ALA A 23 -14.27 14.81 -9.93
N VAL A 24 -14.23 15.65 -8.90
CA VAL A 24 -14.88 16.96 -8.93
C VAL A 24 -16.29 16.89 -9.54
N PRO A 25 -17.33 16.80 -8.71
CA PRO A 25 -17.22 16.77 -7.24
C PRO A 25 -16.66 15.43 -6.74
N PRO A 26 -15.69 15.47 -5.81
CA PRO A 26 -15.09 14.26 -5.25
C PRO A 26 -15.95 13.64 -4.17
N ARG A 27 -15.80 12.33 -3.98
CA ARG A 27 -16.57 11.61 -2.98
C ARG A 27 -15.66 11.10 -1.86
N PRO A 28 -15.27 11.98 -0.92
CA PRO A 28 -14.40 11.62 0.20
C PRO A 28 -14.80 10.32 0.88
N ARG A 29 -16.07 9.95 0.78
CA ARG A 29 -16.57 8.72 1.39
C ARG A 29 -16.40 7.54 0.45
N HIS A 30 -16.41 7.80 -0.85
CA HIS A 30 -16.23 6.74 -1.83
C HIS A 30 -14.75 6.52 -2.06
N VAL A 31 -14.02 7.63 -2.05
CA VAL A 31 -12.58 7.60 -2.24
C VAL A 31 -11.91 6.82 -1.11
N PHE A 32 -12.40 7.00 0.12
CA PHE A 32 -11.84 6.30 1.27
C PHE A 32 -11.89 4.79 1.04
N ASN A 33 -12.88 4.35 0.27
CA ASN A 33 -13.03 2.93 -0.04
C ASN A 33 -11.91 2.46 -0.95
N MET A 34 -11.61 3.24 -1.98
CA MET A 34 -10.54 2.89 -2.91
C MET A 34 -9.22 2.74 -2.17
N LEU A 35 -9.00 3.57 -1.15
CA LEU A 35 -7.78 3.51 -0.36
C LEU A 35 -7.64 2.12 0.26
N LYS A 36 -8.73 1.63 0.84
CA LYS A 36 -8.75 0.32 1.47
C LYS A 36 -8.17 -0.74 0.54
N LYS A 37 -8.59 -0.71 -0.71
CA LYS A 37 -8.12 -1.67 -1.70
C LYS A 37 -6.62 -1.55 -1.89
N TYR A 38 -6.14 -0.32 -2.08
CA TYR A 38 -4.71 -0.10 -2.27
C TYR A 38 -3.96 -0.40 -0.96
N VAL A 39 -4.63 -0.16 0.16
CA VAL A 39 -4.04 -0.42 1.46
C VAL A 39 -3.97 -1.92 1.74
N ARG A 40 -5.07 -2.61 1.47
CA ARG A 40 -5.12 -4.05 1.68
C ARG A 40 -4.05 -4.76 0.85
N ALA A 41 -3.62 -4.10 -0.22
CA ALA A 41 -2.59 -4.66 -1.09
C ALA A 41 -1.22 -4.55 -0.44
N GLU A 42 -0.97 -3.41 0.19
CA GLU A 42 0.31 -3.18 0.87
C GLU A 42 0.53 -4.22 1.96
N GLN A 43 -0.49 -4.38 2.80
CA GLN A 43 -0.42 -5.35 3.90
C GLN A 43 -0.05 -6.73 3.37
N LYS A 44 -0.62 -7.09 2.23
CA LYS A 44 -0.35 -8.37 1.60
C LYS A 44 1.11 -8.46 1.18
N ASP A 45 1.70 -7.31 0.86
CA ASP A 45 3.10 -7.27 0.45
C ASP A 45 4.01 -7.74 1.57
N ARG A 46 3.71 -7.30 2.80
CA ARG A 46 4.51 -7.70 3.96
C ARG A 46 4.51 -9.21 4.10
N GLN A 47 3.31 -9.78 4.07
CA GLN A 47 3.17 -11.23 4.18
C GLN A 47 3.96 -11.95 3.10
N HIS A 48 4.18 -11.26 1.98
CA HIS A 48 4.95 -11.82 0.87
C HIS A 48 6.44 -11.73 1.16
N THR A 49 6.83 -10.67 1.86
CA THR A 49 8.23 -10.47 2.21
C THR A 49 8.73 -11.59 3.12
N LEU A 50 8.00 -11.82 4.21
CA LEU A 50 8.36 -12.87 5.15
C LEU A 50 8.41 -14.22 4.45
N LYS A 51 7.47 -14.44 3.53
CA LYS A 51 7.41 -15.69 2.79
C LYS A 51 8.66 -15.87 1.94
N HIS A 52 9.07 -14.81 1.26
CA HIS A 52 10.25 -14.85 0.42
C HIS A 52 11.48 -15.22 1.23
N PHE A 53 11.62 -14.59 2.40
CA PHE A 53 12.73 -14.85 3.29
C PHE A 53 12.90 -16.35 3.54
N GLU A 54 11.80 -17.01 3.83
CA GLU A 54 11.80 -18.45 4.10
C GLU A 54 11.89 -19.25 2.81
N HIS A 55 11.10 -18.85 1.81
CA HIS A 55 11.09 -19.55 0.52
C HIS A 55 12.46 -19.49 -0.13
N VAL A 56 12.99 -18.28 -0.27
CA VAL A 56 14.31 -18.11 -0.88
C VAL A 56 15.38 -18.82 -0.05
N ARG A 57 15.14 -18.93 1.25
CA ARG A 57 16.08 -19.58 2.14
C ARG A 57 16.15 -21.09 1.86
N MET A 58 15.09 -21.62 1.27
CA MET A 58 15.04 -23.05 0.95
C MET A 58 15.66 -23.31 -0.42
N VAL A 59 15.25 -22.51 -1.40
CA VAL A 59 15.76 -22.64 -2.77
C VAL A 59 17.15 -22.03 -2.90
N ASP A 60 17.32 -20.84 -2.34
CA ASP A 60 18.61 -20.14 -2.40
C ASP A 60 19.04 -19.67 -1.01
N PRO A 61 19.59 -20.59 -0.19
CA PRO A 61 20.05 -20.26 1.16
C PRO A 61 21.05 -19.11 1.17
N LYS A 62 22.03 -19.18 0.29
CA LYS A 62 23.05 -18.14 0.19
C LYS A 62 22.42 -16.79 -0.12
N LYS A 63 21.63 -16.74 -1.18
CA LYS A 63 20.96 -15.50 -1.59
C LYS A 63 20.07 -14.98 -0.47
N ALA A 64 19.39 -15.89 0.22
CA ALA A 64 18.50 -15.52 1.31
C ALA A 64 19.23 -14.67 2.35
N ALA A 65 20.51 -14.95 2.54
CA ALA A 65 21.32 -14.22 3.50
C ALA A 65 21.72 -12.85 2.95
N GLN A 66 21.87 -12.77 1.63
CA GLN A 66 22.24 -11.53 0.98
C GLN A 66 21.05 -10.57 0.91
N ILE A 67 19.84 -11.14 0.96
CA ILE A 67 18.63 -10.34 0.88
C ILE A 67 18.18 -9.88 2.27
N ARG A 68 18.85 -10.37 3.32
CA ARG A 68 18.51 -10.00 4.70
C ARG A 68 18.18 -8.51 4.82
N SER A 69 19.01 -7.68 4.20
CA SER A 69 18.79 -6.24 4.23
C SER A 69 17.73 -5.81 3.22
N GLN A 70 17.66 -6.54 2.11
CA GLN A 70 16.69 -6.23 1.07
C GLN A 70 15.27 -6.57 1.53
N VAL A 71 15.12 -7.75 2.13
CA VAL A 71 13.82 -8.19 2.63
C VAL A 71 13.34 -7.26 3.74
N MET A 72 14.28 -6.76 4.53
CA MET A 72 13.95 -5.84 5.61
C MET A 72 13.36 -4.55 5.06
N THR A 73 14.03 -3.96 4.08
CA THR A 73 13.53 -2.73 3.46
C THR A 73 12.16 -2.98 2.84
N HIS A 74 11.90 -4.23 2.48
CA HIS A 74 10.62 -4.60 1.89
C HIS A 74 9.47 -4.27 2.83
N LEU A 75 9.60 -4.69 4.09
CA LEU A 75 8.58 -4.42 5.09
C LEU A 75 8.39 -2.91 5.25
N ARG A 76 9.51 -2.19 5.33
CA ARG A 76 9.47 -0.75 5.47
C ARG A 76 8.78 -0.11 4.28
N VAL A 77 9.07 -0.63 3.09
CA VAL A 77 8.45 -0.12 1.87
C VAL A 77 6.93 -0.14 1.97
N ILE A 78 6.41 -1.21 2.57
CA ILE A 78 4.96 -1.35 2.74
C ILE A 78 4.39 -0.15 3.49
N TYR A 79 4.91 0.10 4.69
CA TYR A 79 4.45 1.21 5.51
C TYR A 79 4.98 2.55 4.98
N GLU A 80 6.21 2.54 4.50
CA GLU A 80 6.82 3.76 3.97
C GLU A 80 6.04 4.27 2.75
N ARG A 81 5.83 3.39 1.78
CA ARG A 81 5.10 3.76 0.57
C ARG A 81 3.70 4.25 0.93
N MET A 82 3.14 3.67 2.00
CA MET A 82 1.81 4.05 2.46
C MET A 82 1.79 5.54 2.80
N ASN A 83 2.89 6.05 3.33
CA ASN A 83 3.01 7.45 3.69
C ASN A 83 3.09 8.31 2.44
N GLN A 84 3.66 7.75 1.38
CA GLN A 84 3.79 8.46 0.12
C GLN A 84 2.42 8.75 -0.50
N SER A 85 1.50 7.81 -0.32
CA SER A 85 0.15 7.96 -0.86
C SER A 85 -0.60 9.08 -0.14
N LEU A 86 -0.44 9.13 1.19
CA LEU A 86 -1.10 10.15 1.99
C LEU A 86 -0.68 11.54 1.54
N SER A 87 0.55 11.67 1.07
CA SER A 87 1.06 12.95 0.60
C SER A 87 0.45 13.30 -0.76
N LEU A 88 0.28 12.28 -1.59
CA LEU A 88 -0.31 12.46 -2.92
C LEU A 88 -1.74 12.95 -2.80
N LEU A 89 -2.44 12.46 -1.78
CA LEU A 89 -3.81 12.86 -1.55
C LEU A 89 -3.86 14.12 -0.69
N TYR A 90 -2.88 14.27 0.20
CA TYR A 90 -2.81 15.44 1.06
C TYR A 90 -2.79 16.71 0.21
N ASN A 91 -2.37 16.57 -1.05
CA ASN A 91 -2.33 17.70 -1.97
C ASN A 91 -3.64 18.47 -1.91
N VAL A 92 -4.71 17.76 -1.60
CA VAL A 92 -6.04 18.35 -1.48
C VAL A 92 -6.42 18.46 -0.01
N PRO A 93 -5.86 19.44 0.72
CA PRO A 93 -6.14 19.64 2.13
C PRO A 93 -7.64 19.60 2.44
N ALA A 94 -8.44 19.98 1.45
CA ALA A 94 -9.89 19.99 1.61
C ALA A 94 -10.44 18.57 1.69
N VAL A 95 -10.01 17.72 0.77
CA VAL A 95 -10.44 16.33 0.73
C VAL A 95 -9.63 15.47 1.70
N ALA A 96 -8.32 15.70 1.71
CA ALA A 96 -7.42 14.94 2.57
C ALA A 96 -7.89 14.92 4.02
N GLU A 97 -8.46 16.03 4.47
CA GLU A 97 -8.94 16.13 5.84
C GLU A 97 -10.22 15.34 6.05
N GLU A 98 -11.18 15.53 5.15
CA GLU A 98 -12.46 14.82 5.24
C GLU A 98 -12.25 13.32 5.13
N ILE A 99 -11.45 12.92 4.14
CA ILE A 99 -11.17 11.51 3.91
C ILE A 99 -10.34 10.91 5.04
N GLN A 100 -9.41 11.70 5.59
CA GLN A 100 -8.56 11.24 6.67
C GLN A 100 -9.39 10.81 7.88
N ASP A 101 -10.46 11.55 8.15
CA ASP A 101 -11.32 11.24 9.27
C ASP A 101 -11.99 9.89 9.09
N GLU A 102 -12.67 9.71 7.96
CA GLU A 102 -13.36 8.46 7.66
C GLU A 102 -12.37 7.35 7.35
N VAL A 103 -11.23 7.69 6.75
CA VAL A 103 -10.23 6.70 6.40
C VAL A 103 -9.65 6.07 7.67
N ASP A 104 -9.10 6.90 8.54
CA ASP A 104 -8.52 6.42 9.79
C ASP A 104 -9.52 5.54 10.53
N GLU A 105 -10.81 5.87 10.38
CA GLU A 105 -11.88 5.12 11.01
C GLU A 105 -12.00 3.72 10.41
N LEU A 106 -11.59 3.59 9.15
CA LEU A 106 -11.67 2.30 8.47
C LEU A 106 -10.59 1.34 8.97
N LEU A 107 -9.41 1.87 9.27
CA LEU A 107 -8.29 1.06 9.71
C LEU A 107 -8.35 0.74 11.21
N GLN A 108 -9.19 1.45 11.95
CA GLN A 108 -9.33 1.19 13.39
C GLN A 108 -9.61 -0.28 13.64
N LYS A 109 -10.55 -0.82 12.88
CA LYS A 109 -10.93 -2.23 13.01
C LYS A 109 -9.71 -3.14 12.89
N GLU A 110 -8.84 -2.84 11.93
CA GLU A 110 -7.64 -3.63 11.71
C GLU A 110 -6.42 -2.99 12.38
N ARG A 1 8.23 -12.41 -10.46
CA ARG A 1 6.98 -12.41 -11.26
C ARG A 1 5.80 -11.87 -10.47
N VAL A 2 5.41 -12.59 -9.42
CA VAL A 2 4.29 -12.18 -8.57
C VAL A 2 4.50 -10.76 -8.04
N GLU A 3 5.73 -10.45 -7.65
CA GLU A 3 6.05 -9.12 -7.13
C GLU A 3 5.56 -8.05 -8.09
N ALA A 4 5.81 -8.25 -9.37
CA ALA A 4 5.40 -7.30 -10.39
C ALA A 4 3.87 -7.21 -10.44
N MET A 5 3.21 -8.32 -10.12
CA MET A 5 1.75 -8.36 -10.11
C MET A 5 1.21 -7.57 -8.93
N LEU A 6 1.72 -7.87 -7.73
CA LEU A 6 1.29 -7.19 -6.52
C LEU A 6 1.44 -5.67 -6.68
N ASN A 7 2.47 -5.27 -7.40
CA ASN A 7 2.73 -3.86 -7.64
C ASN A 7 1.53 -3.22 -8.35
N ASP A 8 1.13 -3.82 -9.45
CA ASP A 8 -0.01 -3.31 -10.23
C ASP A 8 -1.24 -3.17 -9.34
N ARG A 9 -1.36 -4.04 -8.34
CA ARG A 9 -2.49 -4.00 -7.42
C ARG A 9 -2.49 -2.70 -6.63
N ARG A 10 -1.30 -2.21 -6.30
CA ARG A 10 -1.16 -0.97 -5.54
C ARG A 10 -1.32 0.26 -6.44
N ARG A 11 -0.69 0.21 -7.61
CA ARG A 11 -0.78 1.32 -8.56
C ARG A 11 -2.21 1.54 -8.99
N LEU A 12 -2.82 0.46 -9.48
CA LEU A 12 -4.20 0.53 -9.93
C LEU A 12 -5.14 0.95 -8.80
N ALA A 13 -4.88 0.45 -7.59
CA ALA A 13 -5.70 0.78 -6.44
C ALA A 13 -5.47 2.24 -6.04
N LEU A 14 -4.24 2.70 -6.19
CA LEU A 14 -3.88 4.07 -5.86
C LEU A 14 -4.41 5.01 -6.93
N GLU A 15 -4.15 4.66 -8.18
CA GLU A 15 -4.60 5.45 -9.32
C GLU A 15 -6.12 5.48 -9.38
N ASN A 16 -6.75 4.43 -8.85
CA ASN A 16 -8.20 4.34 -8.85
C ASN A 16 -8.82 5.35 -7.89
N TYR A 17 -8.28 5.42 -6.68
CA TYR A 17 -8.78 6.37 -5.69
C TYR A 17 -8.44 7.80 -6.12
N ILE A 18 -7.26 7.96 -6.70
CA ILE A 18 -6.81 9.27 -7.18
C ILE A 18 -7.79 9.81 -8.21
N THR A 19 -8.37 8.91 -9.00
CA THR A 19 -9.33 9.31 -10.01
C THR A 19 -10.53 10.00 -9.36
N ALA A 20 -11.04 9.39 -8.30
CA ALA A 20 -12.16 9.95 -7.57
C ALA A 20 -11.79 11.30 -6.98
N LEU A 21 -10.51 11.47 -6.67
CA LEU A 21 -10.00 12.70 -6.11
C LEU A 21 -10.22 13.86 -7.08
N GLN A 22 -9.80 13.66 -8.33
CA GLN A 22 -9.95 14.68 -9.36
C GLN A 22 -11.31 14.58 -10.06
N ALA A 23 -12.03 13.48 -9.81
CA ALA A 23 -13.34 13.23 -10.40
C ALA A 23 -14.09 14.53 -10.70
N VAL A 24 -14.19 15.40 -9.70
CA VAL A 24 -14.88 16.68 -9.87
C VAL A 24 -16.23 16.51 -10.55
N PRO A 25 -17.33 16.40 -9.77
CA PRO A 25 -17.29 16.44 -8.30
C PRO A 25 -16.68 15.17 -7.72
N PRO A 26 -15.77 15.30 -6.74
CA PRO A 26 -15.12 14.16 -6.10
C PRO A 26 -15.97 13.57 -4.99
N ARG A 27 -15.73 12.30 -4.67
CA ARG A 27 -16.47 11.61 -3.63
C ARG A 27 -15.55 11.24 -2.46
N PRO A 28 -15.25 12.22 -1.58
CA PRO A 28 -14.38 11.99 -0.42
C PRO A 28 -14.77 10.75 0.38
N ARG A 29 -16.05 10.38 0.30
CA ARG A 29 -16.53 9.21 1.02
C ARG A 29 -16.39 7.95 0.18
N HIS A 30 -16.32 8.12 -1.14
CA HIS A 30 -16.16 6.98 -2.03
C HIS A 30 -14.68 6.69 -2.20
N VAL A 31 -13.90 7.77 -2.22
CA VAL A 31 -12.45 7.66 -2.35
C VAL A 31 -11.86 6.95 -1.15
N PHE A 32 -12.34 7.29 0.04
CA PHE A 32 -11.87 6.66 1.27
C PHE A 32 -11.98 5.14 1.15
N ASN A 33 -12.95 4.68 0.37
CA ASN A 33 -13.15 3.25 0.16
C ASN A 33 -11.99 2.66 -0.63
N MET A 34 -11.68 3.26 -1.78
CA MET A 34 -10.59 2.79 -2.61
C MET A 34 -9.29 2.71 -1.80
N LEU A 35 -9.17 3.58 -0.82
CA LEU A 35 -7.98 3.60 0.03
C LEU A 35 -7.81 2.29 0.78
N LYS A 36 -8.86 1.86 1.47
CA LYS A 36 -8.81 0.62 2.23
C LYS A 36 -8.46 -0.57 1.33
N LYS A 37 -8.80 -0.45 0.05
CA LYS A 37 -8.51 -1.51 -0.91
C LYS A 37 -7.02 -1.49 -1.27
N TYR A 38 -6.50 -0.29 -1.50
CA TYR A 38 -5.10 -0.13 -1.83
C TYR A 38 -4.24 -0.47 -0.61
N VAL A 39 -4.80 -0.21 0.57
CA VAL A 39 -4.11 -0.49 1.83
C VAL A 39 -4.05 -1.99 2.08
N ARG A 40 -5.20 -2.66 2.04
CA ARG A 40 -5.25 -4.11 2.27
C ARG A 40 -4.29 -4.83 1.33
N ALA A 41 -4.02 -4.21 0.18
CA ALA A 41 -3.12 -4.78 -0.81
C ALA A 41 -1.69 -4.72 -0.31
N GLU A 42 -1.34 -3.60 0.32
CA GLU A 42 0.01 -3.43 0.86
C GLU A 42 0.33 -4.52 1.87
N GLN A 43 -0.59 -4.74 2.81
CA GLN A 43 -0.41 -5.75 3.84
C GLN A 43 -0.14 -7.11 3.21
N LYS A 44 -0.80 -7.39 2.09
CA LYS A 44 -0.63 -8.64 1.37
C LYS A 44 0.80 -8.78 0.88
N ASP A 45 1.40 -7.66 0.48
CA ASP A 45 2.77 -7.65 -0.02
C ASP A 45 3.75 -7.96 1.11
N ARG A 46 3.48 -7.39 2.29
CA ARG A 46 4.34 -7.60 3.45
C ARG A 46 4.45 -9.09 3.77
N GLN A 47 3.31 -9.77 3.75
CA GLN A 47 3.27 -11.20 4.02
C GLN A 47 3.97 -11.99 2.93
N HIS A 48 3.97 -11.43 1.72
CA HIS A 48 4.60 -12.06 0.57
C HIS A 48 6.12 -11.97 0.69
N THR A 49 6.59 -10.89 1.29
CA THR A 49 8.01 -10.67 1.47
C THR A 49 8.59 -11.64 2.49
N LEU A 50 7.80 -11.95 3.52
CA LEU A 50 8.22 -12.87 4.55
C LEU A 50 8.42 -14.27 3.96
N LYS A 51 7.52 -14.65 3.06
CA LYS A 51 7.60 -15.96 2.42
C LYS A 51 8.94 -16.13 1.71
N HIS A 52 9.34 -15.11 0.96
CA HIS A 52 10.61 -15.14 0.23
C HIS A 52 11.77 -15.45 1.18
N PHE A 53 11.74 -14.84 2.36
CA PHE A 53 12.76 -15.06 3.37
C PHE A 53 12.99 -16.55 3.60
N GLU A 54 11.90 -17.26 3.84
CA GLU A 54 11.95 -18.70 4.08
C GLU A 54 12.10 -19.47 2.78
N HIS A 55 11.49 -18.96 1.72
CA HIS A 55 11.56 -19.61 0.41
C HIS A 55 12.99 -19.60 -0.12
N VAL A 56 13.55 -18.41 -0.25
CA VAL A 56 14.91 -18.26 -0.75
C VAL A 56 15.91 -18.96 0.17
N ARG A 57 15.56 -19.07 1.44
CA ARG A 57 16.43 -19.72 2.42
C ARG A 57 16.42 -21.24 2.24
N MET A 58 15.35 -21.76 1.63
CA MET A 58 15.23 -23.20 1.40
C MET A 58 15.88 -23.62 0.09
N VAL A 59 16.07 -22.66 -0.82
CA VAL A 59 16.67 -22.94 -2.11
C VAL A 59 18.01 -22.24 -2.26
N ASP A 60 18.05 -20.95 -1.88
CA ASP A 60 19.27 -20.17 -1.97
C ASP A 60 19.67 -19.63 -0.59
N PRO A 61 20.26 -20.49 0.26
CA PRO A 61 20.69 -20.09 1.61
C PRO A 61 21.66 -18.92 1.58
N LYS A 62 22.73 -19.06 0.81
CA LYS A 62 23.73 -18.00 0.69
C LYS A 62 23.12 -16.72 0.15
N LYS A 63 22.43 -16.83 -0.99
CA LYS A 63 21.79 -15.68 -1.61
C LYS A 63 20.74 -15.09 -0.68
N ALA A 64 20.01 -15.94 0.02
CA ALA A 64 18.98 -15.50 0.95
C ALA A 64 19.53 -14.50 1.95
N ALA A 65 20.81 -14.67 2.30
CA ALA A 65 21.47 -13.78 3.25
C ALA A 65 21.83 -12.46 2.60
N GLN A 66 22.14 -12.51 1.31
CA GLN A 66 22.50 -11.32 0.56
C GLN A 66 21.27 -10.46 0.27
N ILE A 67 20.10 -11.08 0.26
CA ILE A 67 18.86 -10.37 -0.02
C ILE A 67 18.21 -9.87 1.27
N ARG A 68 18.61 -10.44 2.40
CA ARG A 68 18.05 -10.06 3.71
C ARG A 68 17.88 -8.55 3.82
N SER A 69 18.95 -7.81 3.56
CA SER A 69 18.91 -6.35 3.64
C SER A 69 17.84 -5.79 2.71
N GLN A 70 17.68 -6.43 1.56
CA GLN A 70 16.69 -5.99 0.58
C GLN A 70 15.30 -6.41 1.02
N VAL A 71 15.18 -7.65 1.49
CA VAL A 71 13.90 -8.17 1.96
C VAL A 71 13.37 -7.33 3.11
N MET A 72 14.29 -6.79 3.91
CA MET A 72 13.92 -5.95 5.04
C MET A 72 13.29 -4.66 4.56
N THR A 73 14.00 -3.92 3.73
CA THR A 73 13.47 -2.67 3.19
C THR A 73 12.13 -2.91 2.51
N HIS A 74 11.95 -4.13 2.01
CA HIS A 74 10.71 -4.50 1.34
C HIS A 74 9.52 -4.31 2.27
N LEU A 75 9.62 -4.85 3.48
CA LEU A 75 8.55 -4.72 4.46
C LEU A 75 8.32 -3.24 4.79
N ARG A 76 9.41 -2.50 4.93
CA ARG A 76 9.33 -1.08 5.23
C ARG A 76 8.60 -0.35 4.12
N VAL A 77 8.92 -0.70 2.87
CA VAL A 77 8.28 -0.07 1.72
C VAL A 77 6.75 -0.20 1.81
N ILE A 78 6.29 -1.35 2.29
CA ILE A 78 4.86 -1.58 2.44
C ILE A 78 4.23 -0.49 3.30
N TYR A 79 4.76 -0.30 4.49
CA TYR A 79 4.25 0.70 5.42
C TYR A 79 4.67 2.11 4.99
N GLU A 80 5.93 2.24 4.57
CA GLU A 80 6.46 3.52 4.14
C GLU A 80 5.67 4.06 2.95
N ARG A 81 5.49 3.21 1.93
CA ARG A 81 4.75 3.60 0.75
C ARG A 81 3.33 4.02 1.12
N MET A 82 2.76 3.37 2.14
CA MET A 82 1.42 3.69 2.59
C MET A 82 1.34 5.16 2.99
N ASN A 83 2.43 5.66 3.56
CA ASN A 83 2.50 7.06 3.98
C ASN A 83 2.55 7.97 2.77
N GLN A 84 3.15 7.49 1.69
CA GLN A 84 3.26 8.27 0.46
C GLN A 84 1.88 8.50 -0.15
N SER A 85 1.04 7.47 -0.10
CA SER A 85 -0.30 7.55 -0.65
C SER A 85 -1.10 8.64 0.06
N LEU A 86 -0.96 8.69 1.39
CA LEU A 86 -1.67 9.69 2.19
C LEU A 86 -1.21 11.10 1.83
N SER A 87 0.03 11.22 1.36
CA SER A 87 0.57 12.52 0.98
C SER A 87 0.02 12.93 -0.38
N LEU A 88 -0.15 11.94 -1.25
CA LEU A 88 -0.67 12.18 -2.59
C LEU A 88 -2.08 12.76 -2.52
N LEU A 89 -2.85 12.31 -1.52
CA LEU A 89 -4.20 12.80 -1.33
C LEU A 89 -4.19 14.05 -0.46
N TYR A 90 -3.22 14.13 0.45
CA TYR A 90 -3.10 15.30 1.31
C TYR A 90 -3.03 16.57 0.46
N ASN A 91 -2.59 16.42 -0.78
CA ASN A 91 -2.49 17.55 -1.70
C ASN A 91 -3.78 18.37 -1.67
N VAL A 92 -4.89 17.67 -1.37
CA VAL A 92 -6.19 18.31 -1.26
C VAL A 92 -6.59 18.45 0.21
N PRO A 93 -6.00 19.44 0.91
CA PRO A 93 -6.28 19.67 2.33
C PRO A 93 -7.78 19.66 2.64
N ALA A 94 -8.59 20.05 1.65
CA ALA A 94 -10.03 20.08 1.82
C ALA A 94 -10.62 18.68 1.92
N VAL A 95 -10.24 17.83 0.97
CA VAL A 95 -10.72 16.45 0.94
C VAL A 95 -9.93 15.59 1.92
N ALA A 96 -8.61 15.76 1.91
CA ALA A 96 -7.73 15.01 2.79
C ALA A 96 -8.21 15.05 4.24
N GLU A 97 -8.81 16.18 4.63
CA GLU A 97 -9.31 16.35 5.98
C GLU A 97 -10.55 15.51 6.23
N GLU A 98 -11.53 15.63 5.35
CA GLU A 98 -12.77 14.87 5.49
C GLU A 98 -12.50 13.38 5.43
N ILE A 99 -11.70 12.97 4.45
CA ILE A 99 -11.36 11.58 4.28
C ILE A 99 -10.47 11.06 5.42
N GLN A 100 -9.58 11.91 5.92
CA GLN A 100 -8.69 11.51 7.00
C GLN A 100 -9.48 11.10 8.24
N ASP A 101 -10.56 11.82 8.52
CA ASP A 101 -11.39 11.52 9.67
C ASP A 101 -12.02 10.13 9.55
N GLU A 102 -12.71 9.90 8.44
CA GLU A 102 -13.37 8.62 8.21
C GLU A 102 -12.34 7.53 7.90
N VAL A 103 -11.21 7.91 7.30
CA VAL A 103 -10.17 6.96 6.97
C VAL A 103 -9.46 6.45 8.22
N ASP A 104 -9.09 7.38 9.10
CA ASP A 104 -8.42 7.02 10.33
C ASP A 104 -9.30 6.11 11.18
N GLU A 105 -10.61 6.28 11.04
CA GLU A 105 -11.56 5.47 11.80
C GLU A 105 -11.75 4.09 11.16
N LEU A 106 -11.47 4.02 9.87
CA LEU A 106 -11.60 2.76 9.13
C LEU A 106 -10.38 1.88 9.33
N LEU A 107 -9.21 2.49 9.40
CA LEU A 107 -7.96 1.75 9.56
C LEU A 107 -7.63 1.46 11.02
N GLN A 108 -8.16 2.25 11.94
CA GLN A 108 -7.89 2.02 13.36
C GLN A 108 -8.50 0.70 13.83
N LYS A 109 -9.81 0.58 13.70
CA LYS A 109 -10.51 -0.63 14.10
C LYS A 109 -10.01 -1.84 13.32
N GLU A 110 -9.47 -1.59 12.14
CA GLU A 110 -8.96 -2.66 11.29
C GLU A 110 -7.93 -3.51 12.04
#